data_2XP5
# 
_entry.id   2XP5 
# 
_audit_conform.dict_name       mmcif_pdbx.dic 
_audit_conform.dict_version    5.383 
_audit_conform.dict_location   http://mmcif.pdb.org/dictionaries/ascii/mmcif_pdbx.dic 
# 
loop_
_database_2.database_id 
_database_2.database_code 
_database_2.pdbx_database_accession 
_database_2.pdbx_DOI 
PDB   2XP5         pdb_00002xp5 10.2210/pdb2xp5/pdb 
PDBE  EBI-45158    ?            ?                   
WWPDB D_1290045158 ?            ?                   
# 
loop_
_pdbx_database_related.db_name 
_pdbx_database_related.db_id 
_pdbx_database_related.content_type 
_pdbx_database_related.details 
PDB 1F8A unspecified 'STRUCTURAL BASIS FOR THE PHOSPHOSERINE-PROLINE RECOGNITIONBY GROUP IV WW DOMAINS'                 
PDB 1I8G unspecified 'SOLUTION STRUCTURE OF PIN1 WW DOMAIN COMPLEXED WITH CDC25PHOSPHOTHREONINE PEPTIDE'                
PDB 1PIN unspecified 'PIN1 PEPTIDYL-PROLYL CIS-TRANS ISOMERASE FROM HOMO SAPIENS'                                       
PDB 2XPB unspecified 'DISCOVERY OF CELL-ACTIVE PHENYL-IMIDAZOLE PIN1 INHIBITORS BY STRUCTURE-GUIDED FRAGMENT EVOLUTION' 
PDB 2XP3 unspecified 'DISCOVERY OF CELL-ACTIVE PHENYL-IMIDAZOLE PIN1 INHIBITORS BY STRUCTURE-GUIDED FRAGMENT EVOLUTION' 
PDB 1NMW unspecified 'SOLUTION STRUCTURE OF THE PPIASE DOMAIN OF HUMAN PIN1'                                            
PDB 1ZCN unspecified 'HUMAN PIN1 NG MUTANT'                                                                             
PDB 2XP4 unspecified 'DISCOVERY OF CELL-ACTIVE PHENYL-IMIDAZOLE PIN1 INHIBITORS BY STRUCTURE-GUIDED FRAGMENT EVOLUTION' 
PDB 2F21 unspecified 'HUMAN PIN1 FIP MUTANT'                                                                            
PDB 2XP6 unspecified 'DISCOVERY OF CELL-ACTIVE PHENYL-IMIDAZOLE PIN1 INHIBITORS BY STRUCTURE-GUIDED FRAGMENT EVOLUTION' 
PDB 2XP8 unspecified 'DISCOVERY OF CELL-ACTIVE PHENYL-IMIDAZOLE PIN1 INHIBITORS BY STRUCTURE-GUIDED FRAGMENT EVOLUTION' 
PDB 1NMV unspecified 'SOLUTION STRUCTURE OF HUMAN PIN1'                                                                 
PDB 2XP9 unspecified 'DISCOVERY OF CELL-ACTIVE PHENYL-IMIDAZOLE PIN1 INHIBITORS BY STRUCTURE-GUIDED FRAGMENT EVOLUTION' 
PDB 2XP7 unspecified 'DISCOVERY OF CELL-ACTIVE PHENYL-IMIDAZOLE PIN1 INHIBITORS BY STRUCTURE-GUIDED FRAGMENT EVOLUTION' 
PDB 1I8H unspecified 'SOLUTION STRUCTURE OF PIN1 WW DOMAIN COMPLEXED WITH HUMANTAU PHOSPHOTHREONINE PEPTIDE'            
PDB 2XPA unspecified 'DISCOVERY OF CELL-ACTIVE PHENYL-IMIDAZOLE PIN1 INHIBITORS BY STRUCTURE-GUIDED FRAGMENT EVOLUTION' 
PDB 1I6C unspecified 'SOLUTION STRUCTURE OF PIN1 WW DOMAIN'                                                             
# 
_pdbx_database_status.status_code                     REL 
_pdbx_database_status.entry_id                        2XP5 
_pdbx_database_status.deposit_site                    PDBE 
_pdbx_database_status.process_site                    PDBE 
_pdbx_database_status.SG_entry                        . 
_pdbx_database_status.recvd_initial_deposition_date   2010-08-25 
_pdbx_database_status.pdb_format_compatible           Y 
_pdbx_database_status.status_code_sf                  REL 
_pdbx_database_status.status_code_mr                  ? 
_pdbx_database_status.status_code_cs                  ? 
_pdbx_database_status.methods_development_category    ? 
_pdbx_database_status.status_code_nmr_data            ? 
# 
loop_
_audit_author.name 
_audit_author.pdbx_ordinal 
'Potter, A.'       1  
'Oldfield, V.'     2  
'Nunns, C.'        3  
'Fromont, C.'      4  
'Ray, S.'          5  
'Northfield, C.J.' 6  
'Bryant, C.J.'     7  
'Scrace, S.F.'     8  
'Robinson, D.'     9  
'Matossova, N.'    10 
'Baker, L.'        11 
'Dokurno, P.'      12 
'Surgenor, A.E.'   13 
'Davis, B.E.'      14 
'Richardson, C.M.' 15 
'Murray, J.B.'     16 
'Moore, J.D.'      17 
# 
_citation.id                        primary 
_citation.title                     
'Discovery of Cell-Active Phenyl-Imidazole Pin1 Inhibitors by Structure-Guided Fragment Evolution.' 
_citation.journal_abbrev            Bioorg.Med.Chem.Lett. 
_citation.journal_volume            20 
_citation.page_first                6483 
_citation.page_last                 ? 
_citation.year                      2010 
_citation.journal_id_ASTM           BMCLE8 
_citation.country                   UK 
_citation.journal_id_ISSN           0960-894X 
_citation.journal_id_CSD            1127 
_citation.book_publisher            ? 
_citation.pdbx_database_id_PubMed   20932746 
_citation.pdbx_database_id_DOI      10.1016/J.BMCL.2010.09.063 
# 
loop_
_citation_author.citation_id 
_citation_author.name 
_citation_author.ordinal 
_citation_author.identifier_ORCID 
primary 'Potter, A.'       1  ? 
primary 'Oldfield, V.'     2  ? 
primary 'Nunns, C.'        3  ? 
primary 'Fromont, C.'      4  ? 
primary 'Ray, S.'          5  ? 
primary 'Northfield, C.J.' 6  ? 
primary 'Bryant, C.J.'     7  ? 
primary 'Scrace, S.F.'     8  ? 
primary 'Robinson, D.'     9  ? 
primary 'Matossova, N.'    10 ? 
primary 'Baker, L.'        11 ? 
primary 'Dokurno, P.'      12 ? 
primary 'Surgenor, A.E.'   13 ? 
primary 'Davis, B.'        14 ? 
primary 'Richardson, C.M.' 15 ? 
primary 'Murray, J.B.'     16 ? 
primary 'Moore, J.D.'      17 ? 
# 
_cell.entry_id           2XP5 
_cell.length_a           68.398 
_cell.length_b           68.398 
_cell.length_c           79.488 
_cell.angle_alpha        90.00 
_cell.angle_beta         90.00 
_cell.angle_gamma        120.00 
_cell.Z_PDB              6 
_cell.pdbx_unique_axis   ? 
# 
_symmetry.entry_id                         2XP5 
_symmetry.space_group_name_H-M             'P 31 2 1' 
_symmetry.pdbx_full_space_group_name_H-M   ? 
_symmetry.cell_setting                     ? 
_symmetry.Int_Tables_number                152 
# 
loop_
_entity.id 
_entity.type 
_entity.src_method 
_entity.pdbx_description 
_entity.formula_weight 
_entity.pdbx_number_of_molecules 
_entity.pdbx_ec 
_entity.pdbx_mutation 
_entity.pdbx_fragment 
_entity.details 
1 polymer     man 'PEPTIDYL-PROLYL CIS-TRANS ISOMERASE NIMA-INTERACTING 1' 18524.525 1   5.2.1.8 YES ? ? 
2 non-polymer syn 'DODECAETHYLENE GLYCOL'                                  546.646   1   ?       ?   ? ? 
3 non-polymer syn '5-METHYL-2-PHENYL-1H-IMIDAZOLE-4-CARBOXYLIC ACID'       202.209   1   ?       ?   ? ? 
4 water       nat water                                                    18.015    120 ?       ?   ? ? 
# 
_entity_name_com.entity_id   1 
_entity_name_com.name        'PIN1, PEPTIDYL-PROLYL CIS-TRANS ISOMERASE PIN1, PPIASE PIN1, ROTAMASE PIN1' 
# 
_entity_poly.entity_id                      1 
_entity_poly.type                           'polypeptide(L)' 
_entity_poly.nstd_linkage                   no 
_entity_poly.nstd_monomer                   no 
_entity_poly.pdbx_seq_one_letter_code       
;GSHGMADEEKLPPGWEKAMSRSSGRVYYFNHITNASQWERPSGNSSSGGKNGQGEPARVRCSHLLVKHSQSRRPSSWRQE
KITRTKEEALELINGYIQKIKSGEEDFESLASQFSDCSSAKARGDLGAFSRGQMQKPFEDASFALRTGEMSGPVFTDSGI
HIILRTE
;
_entity_poly.pdbx_seq_one_letter_code_can   
;GSHGMADEEKLPPGWEKAMSRSSGRVYYFNHITNASQWERPSGNSSSGGKNGQGEPARVRCSHLLVKHSQSRRPSSWRQE
KITRTKEEALELINGYIQKIKSGEEDFESLASQFSDCSSAKARGDLGAFSRGQMQKPFEDASFALRTGEMSGPVFTDSGI
HIILRTE
;
_entity_poly.pdbx_strand_id                 A 
_entity_poly.pdbx_target_identifier         ? 
# 
loop_
_entity_poly_seq.entity_id 
_entity_poly_seq.num 
_entity_poly_seq.mon_id 
_entity_poly_seq.hetero 
1 1   GLY n 
1 2   SER n 
1 3   HIS n 
1 4   GLY n 
1 5   MET n 
1 6   ALA n 
1 7   ASP n 
1 8   GLU n 
1 9   GLU n 
1 10  LYS n 
1 11  LEU n 
1 12  PRO n 
1 13  PRO n 
1 14  GLY n 
1 15  TRP n 
1 16  GLU n 
1 17  LYS n 
1 18  ALA n 
1 19  MET n 
1 20  SER n 
1 21  ARG n 
1 22  SER n 
1 23  SER n 
1 24  GLY n 
1 25  ARG n 
1 26  VAL n 
1 27  TYR n 
1 28  TYR n 
1 29  PHE n 
1 30  ASN n 
1 31  HIS n 
1 32  ILE n 
1 33  THR n 
1 34  ASN n 
1 35  ALA n 
1 36  SER n 
1 37  GLN n 
1 38  TRP n 
1 39  GLU n 
1 40  ARG n 
1 41  PRO n 
1 42  SER n 
1 43  GLY n 
1 44  ASN n 
1 45  SER n 
1 46  SER n 
1 47  SER n 
1 48  GLY n 
1 49  GLY n 
1 50  LYS n 
1 51  ASN n 
1 52  GLY n 
1 53  GLN n 
1 54  GLY n 
1 55  GLU n 
1 56  PRO n 
1 57  ALA n 
1 58  ARG n 
1 59  VAL n 
1 60  ARG n 
1 61  CYS n 
1 62  SER n 
1 63  HIS n 
1 64  LEU n 
1 65  LEU n 
1 66  VAL n 
1 67  LYS n 
1 68  HIS n 
1 69  SER n 
1 70  GLN n 
1 71  SER n 
1 72  ARG n 
1 73  ARG n 
1 74  PRO n 
1 75  SER n 
1 76  SER n 
1 77  TRP n 
1 78  ARG n 
1 79  GLN n 
1 80  GLU n 
1 81  LYS n 
1 82  ILE n 
1 83  THR n 
1 84  ARG n 
1 85  THR n 
1 86  LYS n 
1 87  GLU n 
1 88  GLU n 
1 89  ALA n 
1 90  LEU n 
1 91  GLU n 
1 92  LEU n 
1 93  ILE n 
1 94  ASN n 
1 95  GLY n 
1 96  TYR n 
1 97  ILE n 
1 98  GLN n 
1 99  LYS n 
1 100 ILE n 
1 101 LYS n 
1 102 SER n 
1 103 GLY n 
1 104 GLU n 
1 105 GLU n 
1 106 ASP n 
1 107 PHE n 
1 108 GLU n 
1 109 SER n 
1 110 LEU n 
1 111 ALA n 
1 112 SER n 
1 113 GLN n 
1 114 PHE n 
1 115 SER n 
1 116 ASP n 
1 117 CYS n 
1 118 SER n 
1 119 SER n 
1 120 ALA n 
1 121 LYS n 
1 122 ALA n 
1 123 ARG n 
1 124 GLY n 
1 125 ASP n 
1 126 LEU n 
1 127 GLY n 
1 128 ALA n 
1 129 PHE n 
1 130 SER n 
1 131 ARG n 
1 132 GLY n 
1 133 GLN n 
1 134 MET n 
1 135 GLN n 
1 136 LYS n 
1 137 PRO n 
1 138 PHE n 
1 139 GLU n 
1 140 ASP n 
1 141 ALA n 
1 142 SER n 
1 143 PHE n 
1 144 ALA n 
1 145 LEU n 
1 146 ARG n 
1 147 THR n 
1 148 GLY n 
1 149 GLU n 
1 150 MET n 
1 151 SER n 
1 152 GLY n 
1 153 PRO n 
1 154 VAL n 
1 155 PHE n 
1 156 THR n 
1 157 ASP n 
1 158 SER n 
1 159 GLY n 
1 160 ILE n 
1 161 HIS n 
1 162 ILE n 
1 163 ILE n 
1 164 LEU n 
1 165 ARG n 
1 166 THR n 
1 167 GLU n 
# 
_entity_src_gen.entity_id                          1 
_entity_src_gen.pdbx_src_id                        1 
_entity_src_gen.pdbx_alt_source_flag               sample 
_entity_src_gen.pdbx_seq_type                      ? 
_entity_src_gen.pdbx_beg_seq_num                   ? 
_entity_src_gen.pdbx_end_seq_num                   ? 
_entity_src_gen.gene_src_common_name               HUMAN 
_entity_src_gen.gene_src_genus                     ? 
_entity_src_gen.pdbx_gene_src_gene                 ? 
_entity_src_gen.gene_src_species                   ? 
_entity_src_gen.gene_src_strain                    ? 
_entity_src_gen.gene_src_tissue                    ? 
_entity_src_gen.gene_src_tissue_fraction           ? 
_entity_src_gen.gene_src_details                   ? 
_entity_src_gen.pdbx_gene_src_fragment             ? 
_entity_src_gen.pdbx_gene_src_scientific_name      'HOMO SAPIENS' 
_entity_src_gen.pdbx_gene_src_ncbi_taxonomy_id     9606 
_entity_src_gen.pdbx_gene_src_variant              ? 
_entity_src_gen.pdbx_gene_src_cell_line            ? 
_entity_src_gen.pdbx_gene_src_atcc                 ? 
_entity_src_gen.pdbx_gene_src_organ                ? 
_entity_src_gen.pdbx_gene_src_organelle            ? 
_entity_src_gen.pdbx_gene_src_cell                 ? 
_entity_src_gen.pdbx_gene_src_cellular_location    ? 
_entity_src_gen.host_org_common_name               ? 
_entity_src_gen.pdbx_host_org_scientific_name      'ESCHERICHIA COLI' 
_entity_src_gen.pdbx_host_org_ncbi_taxonomy_id     469008 
_entity_src_gen.host_org_genus                     ? 
_entity_src_gen.pdbx_host_org_gene                 ? 
_entity_src_gen.pdbx_host_org_organ                ? 
_entity_src_gen.host_org_species                   ? 
_entity_src_gen.pdbx_host_org_tissue               ? 
_entity_src_gen.pdbx_host_org_tissue_fraction      ? 
_entity_src_gen.pdbx_host_org_strain               'BL21(DE3)' 
_entity_src_gen.pdbx_host_org_variant              ? 
_entity_src_gen.pdbx_host_org_cell_line            ? 
_entity_src_gen.pdbx_host_org_atcc                 ? 
_entity_src_gen.pdbx_host_org_culture_collection   ? 
_entity_src_gen.pdbx_host_org_cell                 ? 
_entity_src_gen.pdbx_host_org_organelle            ? 
_entity_src_gen.pdbx_host_org_cellular_location    ? 
_entity_src_gen.pdbx_host_org_vector_type          PLASMID 
_entity_src_gen.pdbx_host_org_vector               ? 
_entity_src_gen.host_org_details                   ? 
_entity_src_gen.expression_system_id               ? 
_entity_src_gen.plasmid_name                       PET28A 
_entity_src_gen.plasmid_details                    ? 
_entity_src_gen.pdbx_description                   ? 
# 
_struct_ref.id                         1 
_struct_ref.db_name                    UNP 
_struct_ref.db_code                    PIN1_HUMAN 
_struct_ref.entity_id                  1 
_struct_ref.pdbx_seq_one_letter_code   ? 
_struct_ref.pdbx_align_begin           ? 
_struct_ref.pdbx_db_accession          Q13526 
_struct_ref.pdbx_db_isoform            ? 
# 
_struct_ref_seq.align_id                      1 
_struct_ref_seq.ref_id                        1 
_struct_ref_seq.pdbx_PDB_id_code              2XP5 
_struct_ref_seq.pdbx_strand_id                A 
_struct_ref_seq.seq_align_beg                 5 
_struct_ref_seq.pdbx_seq_align_beg_ins_code   ? 
_struct_ref_seq.seq_align_end                 167 
_struct_ref_seq.pdbx_seq_align_end_ins_code   ? 
_struct_ref_seq.pdbx_db_accession             Q13526 
_struct_ref_seq.db_align_beg                  1 
_struct_ref_seq.pdbx_db_align_beg_ins_code    ? 
_struct_ref_seq.db_align_end                  163 
_struct_ref_seq.pdbx_db_align_end_ins_code    ? 
_struct_ref_seq.pdbx_auth_seq_align_beg       1 
_struct_ref_seq.pdbx_auth_seq_align_end       163 
# 
loop_
_struct_ref_seq_dif.align_id 
_struct_ref_seq_dif.pdbx_pdb_id_code 
_struct_ref_seq_dif.mon_id 
_struct_ref_seq_dif.pdbx_pdb_strand_id 
_struct_ref_seq_dif.seq_num 
_struct_ref_seq_dif.pdbx_pdb_ins_code 
_struct_ref_seq_dif.pdbx_seq_db_name 
_struct_ref_seq_dif.pdbx_seq_db_accession_code 
_struct_ref_seq_dif.db_mon_id 
_struct_ref_seq_dif.pdbx_seq_db_seq_num 
_struct_ref_seq_dif.details 
_struct_ref_seq_dif.pdbx_auth_seq_num 
_struct_ref_seq_dif.pdbx_ordinal 
1 2XP5 GLY A 1  ? UNP Q13526 ?   ?  'expression tag'      -3 1 
1 2XP5 SER A 2  ? UNP Q13526 ?   ?  'expression tag'      -2 2 
1 2XP5 HIS A 3  ? UNP Q13526 ?   ?  'expression tag'      -1 3 
1 2XP5 GLY A 4  ? UNP Q13526 ?   ?  'expression tag'      0  4 
1 2XP5 ALA A 18 ? UNP Q13526 ARG 14 'engineered mutation' 14 5 
# 
loop_
_chem_comp.id 
_chem_comp.type 
_chem_comp.mon_nstd_flag 
_chem_comp.name 
_chem_comp.pdbx_synonyms 
_chem_comp.formula 
_chem_comp.formula_weight 
12P non-polymer         . 'DODECAETHYLENE GLYCOL'                            'POLYETHYLENE GLYCOL PEG400' 'C24 H50 O13'    546.646 
4FF non-polymer         . '5-METHYL-2-PHENYL-1H-IMIDAZOLE-4-CARBOXYLIC ACID' ?                            'C11 H10 N2 O2'  202.209 
ALA 'L-peptide linking' y ALANINE                                            ?                            'C3 H7 N O2'     89.093  
ARG 'L-peptide linking' y ARGININE                                           ?                            'C6 H15 N4 O2 1' 175.209 
ASN 'L-peptide linking' y ASPARAGINE                                         ?                            'C4 H8 N2 O3'    132.118 
ASP 'L-peptide linking' y 'ASPARTIC ACID'                                    ?                            'C4 H7 N O4'     133.103 
CYS 'L-peptide linking' y CYSTEINE                                           ?                            'C3 H7 N O2 S'   121.158 
GLN 'L-peptide linking' y GLUTAMINE                                          ?                            'C5 H10 N2 O3'   146.144 
GLU 'L-peptide linking' y 'GLUTAMIC ACID'                                    ?                            'C5 H9 N O4'     147.129 
GLY 'peptide linking'   y GLYCINE                                            ?                            'C2 H5 N O2'     75.067  
HIS 'L-peptide linking' y HISTIDINE                                          ?                            'C6 H10 N3 O2 1' 156.162 
HOH non-polymer         . WATER                                              ?                            'H2 O'           18.015  
ILE 'L-peptide linking' y ISOLEUCINE                                         ?                            'C6 H13 N O2'    131.173 
LEU 'L-peptide linking' y LEUCINE                                            ?                            'C6 H13 N O2'    131.173 
LYS 'L-peptide linking' y LYSINE                                             ?                            'C6 H15 N2 O2 1' 147.195 
MET 'L-peptide linking' y METHIONINE                                         ?                            'C5 H11 N O2 S'  149.211 
PHE 'L-peptide linking' y PHENYLALANINE                                      ?                            'C9 H11 N O2'    165.189 
PRO 'L-peptide linking' y PROLINE                                            ?                            'C5 H9 N O2'     115.130 
SER 'L-peptide linking' y SERINE                                             ?                            'C3 H7 N O3'     105.093 
THR 'L-peptide linking' y THREONINE                                          ?                            'C4 H9 N O3'     119.119 
TRP 'L-peptide linking' y TRYPTOPHAN                                         ?                            'C11 H12 N2 O2'  204.225 
TYR 'L-peptide linking' y TYROSINE                                           ?                            'C9 H11 N O3'    181.189 
VAL 'L-peptide linking' y VALINE                                             ?                            'C5 H11 N O2'    117.146 
# 
_exptl.entry_id          2XP5 
_exptl.method            'X-RAY DIFFRACTION' 
_exptl.crystals_number   1 
# 
_exptl_crystal.id                    1 
_exptl_crystal.density_meas          ? 
_exptl_crystal.density_Matthews      2.87 
_exptl_crystal.density_percent_sol   57 
_exptl_crystal.description           NONE 
_exptl_crystal.preparation           ? 
# 
_exptl_crystal_grow.crystal_id      1 
_exptl_crystal_grow.method          'VAPOR DIFFUSION, HANGING DROP' 
_exptl_crystal_grow.temp            277 
_exptl_crystal_grow.temp_details    ? 
_exptl_crystal_grow.pH              7.5 
_exptl_crystal_grow.pdbx_pH_range   ? 
_exptl_crystal_grow.pdbx_details    
'2.2M AMMONIUM SULPHATE, 0.1M HEPES BUFFER, 1% PEG 400, 5MM DTT, PH 7.5, VAPOR DIFFUSION, HANGING DROP, TEMPERATURE 277.0K' 
# 
_diffrn.id                               1 
_diffrn.ambient_temp                     277.0 
_diffrn.ambient_temp_details             ? 
_diffrn.crystal_id                       1 
_diffrn.pdbx_serial_crystal_experiment   ? 
# 
_diffrn_detector.diffrn_id              1 
_diffrn_detector.detector               'IMAGE PLATE' 
_diffrn_detector.type                   'RIGAKU IMAGE PLATE' 
_diffrn_detector.pdbx_collection_date   ? 
_diffrn_detector.details                MIRRORS 
# 
_diffrn_radiation.diffrn_id                        1 
_diffrn_radiation.wavelength_id                    1 
_diffrn_radiation.pdbx_monochromatic_or_laue_m_l   M 
_diffrn_radiation.monochromator                    'CU FILTER' 
_diffrn_radiation.pdbx_diffrn_protocol             'SINGLE WAVELENGTH' 
_diffrn_radiation.pdbx_scattering_type             x-ray 
# 
_diffrn_radiation_wavelength.id           1 
_diffrn_radiation_wavelength.wavelength   1.5418 
_diffrn_radiation_wavelength.wt           1.0 
# 
_diffrn_source.diffrn_id                   1 
_diffrn_source.source                      'ROTATING ANODE' 
_diffrn_source.type                        'RIGAKU RUH3R' 
_diffrn_source.pdbx_synchrotron_site       ? 
_diffrn_source.pdbx_synchrotron_beamline   ? 
_diffrn_source.pdbx_wavelength             1.5418 
_diffrn_source.pdbx_wavelength_list        ? 
# 
_reflns.pdbx_diffrn_id               1 
_reflns.pdbx_ordinal                 1 
_reflns.entry_id                     2XP5 
_reflns.observed_criterion_sigma_I   2.0 
_reflns.observed_criterion_sigma_F   ? 
_reflns.d_resolution_low             30.00 
_reflns.d_resolution_high            1.90 
_reflns.number_obs                   16826 
_reflns.number_all                   ? 
_reflns.percent_possible_obs         96.5 
_reflns.pdbx_Rmerge_I_obs            0.06 
_reflns.pdbx_Rsym_value              ? 
_reflns.pdbx_netI_over_sigmaI        9.70 
_reflns.B_iso_Wilson_estimate        ? 
_reflns.pdbx_redundancy              2.76 
# 
_reflns_shell.pdbx_diffrn_id         1 
_reflns_shell.pdbx_ordinal           1 
_reflns_shell.d_res_high             1.90 
_reflns_shell.d_res_low              ? 
_reflns_shell.percent_possible_all   91.8 
_reflns_shell.Rmerge_I_obs           0.37 
_reflns_shell.pdbx_Rsym_value        ? 
_reflns_shell.meanI_over_sigI_obs    2.30 
_reflns_shell.pdbx_redundancy        2.35 
# 
_refine.pdbx_refine_id                           'X-RAY DIFFRACTION' 
_refine.entry_id                                 2XP5 
_refine.pdbx_diffrn_id                           1 
_refine.pdbx_TLS_residual_ADP_flag               ? 
_refine.ls_number_reflns_obs                     15964 
_refine.ls_number_reflns_all                     ? 
_refine.pdbx_ls_sigma_I                          ? 
_refine.pdbx_ls_sigma_F                          . 
_refine.pdbx_data_cutoff_high_absF               ? 
_refine.pdbx_data_cutoff_low_absF                ? 
_refine.pdbx_data_cutoff_high_rms_absF           ? 
_refine.ls_d_res_low                             59.23 
_refine.ls_d_res_high                            1.90 
_refine.ls_percent_reflns_obs                    96.37 
_refine.ls_R_factor_obs                          0.20041 
_refine.ls_R_factor_all                          ? 
_refine.ls_R_factor_R_work                       0.19867 
_refine.ls_R_factor_R_free                       0.23238 
_refine.ls_R_factor_R_free_error                 ? 
_refine.ls_R_factor_R_free_error_details         ? 
_refine.ls_percent_reflns_R_free                 5.1 
_refine.ls_number_reflns_R_free                  860 
_refine.ls_number_parameters                     ? 
_refine.ls_number_restraints                     ? 
_refine.occupancy_min                            ? 
_refine.occupancy_max                            ? 
_refine.correlation_coeff_Fo_to_Fc               0.963 
_refine.correlation_coeff_Fo_to_Fc_free          0.942 
_refine.B_iso_mean                               33.052 
_refine.aniso_B[1][1]                            0.87 
_refine.aniso_B[2][2]                            0.87 
_refine.aniso_B[3][3]                            -1.31 
_refine.aniso_B[1][2]                            0.44 
_refine.aniso_B[1][3]                            0.00 
_refine.aniso_B[2][3]                            0.00 
_refine.solvent_model_details                    MASK 
_refine.solvent_model_param_ksol                 ? 
_refine.solvent_model_param_bsol                 ? 
_refine.pdbx_solvent_vdw_probe_radii             1.40 
_refine.pdbx_solvent_ion_probe_radii             0.80 
_refine.pdbx_solvent_shrinkage_radii             0.80 
_refine.pdbx_ls_cross_valid_method               THROUGHOUT 
_refine.details                                  'HYDROGENS HAVE BEEN ADDED IN THE RIDING POSITIONS.' 
_refine.pdbx_starting_model                      'PDB ENTRY 3KCE' 
_refine.pdbx_method_to_determine_struct          'MOLECULAR REPLACEMENT' 
_refine.pdbx_isotropic_thermal_model             ? 
_refine.pdbx_stereochemistry_target_values       'MAXIMUM LIKELIHOOD' 
_refine.pdbx_stereochem_target_val_spec_case     ? 
_refine.pdbx_R_Free_selection_details            RANDOM 
_refine.pdbx_overall_ESU_R                       0.137 
_refine.pdbx_overall_ESU_R_Free                  0.131 
_refine.overall_SU_ML                            0.102 
_refine.pdbx_overall_phase_error                 ? 
_refine.overall_SU_B                             3.704 
_refine.overall_SU_R_Cruickshank_DPI             ? 
_refine.pdbx_overall_SU_R_free_Cruickshank_DPI   ? 
_refine.pdbx_overall_SU_R_Blow_DPI               ? 
_refine.pdbx_overall_SU_R_free_Blow_DPI          ? 
# 
_refine_hist.pdbx_refine_id                   'X-RAY DIFFRACTION' 
_refine_hist.cycle_id                         LAST 
_refine_hist.pdbx_number_atoms_protein        1156 
_refine_hist.pdbx_number_atoms_nucleic_acid   0 
_refine_hist.pdbx_number_atoms_ligand         38 
_refine_hist.number_atoms_solvent             120 
_refine_hist.number_atoms_total               1314 
_refine_hist.d_res_high                       1.90 
_refine_hist.d_res_low                        59.23 
# 
loop_
_refine_ls_restr.type 
_refine_ls_restr.dev_ideal 
_refine_ls_restr.dev_ideal_target 
_refine_ls_restr.weight 
_refine_ls_restr.number 
_refine_ls_restr.pdbx_refine_id 
_refine_ls_restr.pdbx_restraint_function 
r_bond_refined_d             0.028  0.021  ? 1237 'X-RAY DIFFRACTION' ? 
r_bond_other_d               ?      ?      ? ?    'X-RAY DIFFRACTION' ? 
r_angle_refined_deg          2.177  1.972  ? 1655 'X-RAY DIFFRACTION' ? 
r_angle_other_deg            ?      ?      ? ?    'X-RAY DIFFRACTION' ? 
r_dihedral_angle_1_deg       7.623  5.000  ? 147  'X-RAY DIFFRACTION' ? 
r_dihedral_angle_2_deg       35.558 22.167 ? 60   'X-RAY DIFFRACTION' ? 
r_dihedral_angle_3_deg       17.925 15.000 ? 217  'X-RAY DIFFRACTION' ? 
r_dihedral_angle_4_deg       23.966 15.000 ? 15   'X-RAY DIFFRACTION' ? 
r_chiral_restr               0.163  0.200  ? 164  'X-RAY DIFFRACTION' ? 
r_gen_planes_refined         0.011  0.021  ? 945  'X-RAY DIFFRACTION' ? 
r_gen_planes_other           ?      ?      ? ?    'X-RAY DIFFRACTION' ? 
r_nbd_refined                ?      ?      ? ?    'X-RAY DIFFRACTION' ? 
r_nbd_other                  ?      ?      ? ?    'X-RAY DIFFRACTION' ? 
r_nbtor_refined              ?      ?      ? ?    'X-RAY DIFFRACTION' ? 
r_nbtor_other                ?      ?      ? ?    'X-RAY DIFFRACTION' ? 
r_xyhbond_nbd_refined        ?      ?      ? ?    'X-RAY DIFFRACTION' ? 
r_xyhbond_nbd_other          ?      ?      ? ?    'X-RAY DIFFRACTION' ? 
r_metal_ion_refined          ?      ?      ? ?    'X-RAY DIFFRACTION' ? 
r_metal_ion_other            ?      ?      ? ?    'X-RAY DIFFRACTION' ? 
r_symmetry_vdw_refined       ?      ?      ? ?    'X-RAY DIFFRACTION' ? 
r_symmetry_vdw_other         ?      ?      ? ?    'X-RAY DIFFRACTION' ? 
r_symmetry_hbond_refined     ?      ?      ? ?    'X-RAY DIFFRACTION' ? 
r_symmetry_hbond_other       ?      ?      ? ?    'X-RAY DIFFRACTION' ? 
r_symmetry_metal_ion_refined ?      ?      ? ?    'X-RAY DIFFRACTION' ? 
r_symmetry_metal_ion_other   ?      ?      ? ?    'X-RAY DIFFRACTION' ? 
r_mcbond_it                  1.347  1.500  ? 727  'X-RAY DIFFRACTION' ? 
r_mcbond_other               ?      ?      ? ?    'X-RAY DIFFRACTION' ? 
r_mcangle_it                 2.437  2.000  ? 1167 'X-RAY DIFFRACTION' ? 
r_mcangle_other              ?      ?      ? ?    'X-RAY DIFFRACTION' ? 
r_scbond_it                  4.016  3.000  ? 510  'X-RAY DIFFRACTION' ? 
r_scbond_other               ?      ?      ? ?    'X-RAY DIFFRACTION' ? 
r_scangle_it                 6.308  4.500  ? 486  'X-RAY DIFFRACTION' ? 
r_scangle_other              ?      ?      ? ?    'X-RAY DIFFRACTION' ? 
r_long_range_B_refined       ?      ?      ? ?    'X-RAY DIFFRACTION' ? 
r_long_range_B_other         ?      ?      ? ?    'X-RAY DIFFRACTION' ? 
r_rigid_bond_restr           ?      ?      ? ?    'X-RAY DIFFRACTION' ? 
r_sphericity_free            ?      ?      ? ?    'X-RAY DIFFRACTION' ? 
r_sphericity_bonded          ?      ?      ? ?    'X-RAY DIFFRACTION' ? 
# 
_refine_ls_shell.pdbx_refine_id                   'X-RAY DIFFRACTION' 
_refine_ls_shell.pdbx_total_number_of_bins_used   20 
_refine_ls_shell.d_res_high                       1.898 
_refine_ls_shell.d_res_low                        1.947 
_refine_ls_shell.number_reflns_R_work             1066 
_refine_ls_shell.R_factor_R_work                  0.336 
_refine_ls_shell.percent_reflns_obs               89.37 
_refine_ls_shell.R_factor_R_free                  0.361 
_refine_ls_shell.R_factor_R_free_error            ? 
_refine_ls_shell.percent_reflns_R_free            ? 
_refine_ls_shell.number_reflns_R_free             69 
_refine_ls_shell.number_reflns_all                ? 
_refine_ls_shell.R_factor_all                     ? 
# 
_struct.entry_id                  2XP5 
_struct.title                     
'DISCOVERY OF CELL-ACTIVE PHENYL-IMIDAZOLE PIN1 INHIBITORS BY STRUCTURE-GUIDED FRAGMENT EVOLUTION' 
_struct.pdbx_model_details        ? 
_struct.pdbx_CASP_flag            ? 
_struct.pdbx_model_type_details   ? 
# 
_struct_keywords.entry_id        2XP5 
_struct_keywords.pdbx_keywords   ISOMERASE 
_struct_keywords.text            'ISOMERASE, PROLINE DIRECTED KINASE, CELL CYCLE, ONCOGENIC TRANSFORMATION' 
# 
loop_
_struct_asym.id 
_struct_asym.pdbx_blank_PDB_chainid_flag 
_struct_asym.pdbx_modified 
_struct_asym.entity_id 
_struct_asym.details 
A N N 1 ? 
B N N 2 ? 
C N N 3 ? 
D N N 4 ? 
# 
loop_
_struct_conf.conf_type_id 
_struct_conf.id 
_struct_conf.pdbx_PDB_helix_id 
_struct_conf.beg_label_comp_id 
_struct_conf.beg_label_asym_id 
_struct_conf.beg_label_seq_id 
_struct_conf.pdbx_beg_PDB_ins_code 
_struct_conf.end_label_comp_id 
_struct_conf.end_label_asym_id 
_struct_conf.end_label_seq_id 
_struct_conf.pdbx_end_PDB_ins_code 
_struct_conf.beg_auth_comp_id 
_struct_conf.beg_auth_asym_id 
_struct_conf.beg_auth_seq_id 
_struct_conf.end_auth_comp_id 
_struct_conf.end_auth_asym_id 
_struct_conf.end_auth_seq_id 
_struct_conf.pdbx_PDB_helix_class 
_struct_conf.details 
_struct_conf.pdbx_PDB_helix_length 
HELX_P HELX_P1 1 THR A 85  ? SER A 102 ? THR A 81  SER A 98  1 ? 18 
HELX_P HELX_P2 2 ASP A 106 ? SER A 115 ? ASP A 102 SER A 111 1 ? 10 
HELX_P HELX_P3 3 CYS A 117 ? ARG A 123 ? CYS A 113 ARG A 119 5 ? 7  
HELX_P HELX_P4 4 GLN A 135 ? LEU A 145 ? GLN A 131 LEU A 141 1 ? 11 
# 
_struct_conf_type.id          HELX_P 
_struct_conf_type.criteria    ? 
_struct_conf_type.reference   ? 
# 
loop_
_struct_sheet.id 
_struct_sheet.type 
_struct_sheet.number_strands 
_struct_sheet.details 
AA ? 3 ? 
AB ? 4 ? 
# 
loop_
_struct_sheet_order.sheet_id 
_struct_sheet_order.range_id_1 
_struct_sheet_order.range_id_2 
_struct_sheet_order.offset 
_struct_sheet_order.sense 
AA 1 2 ? anti-parallel 
AA 2 3 ? anti-parallel 
AB 1 2 ? anti-parallel 
AB 2 3 ? anti-parallel 
AB 3 4 ? anti-parallel 
# 
loop_
_struct_sheet_range.sheet_id 
_struct_sheet_range.id 
_struct_sheet_range.beg_label_comp_id 
_struct_sheet_range.beg_label_asym_id 
_struct_sheet_range.beg_label_seq_id 
_struct_sheet_range.pdbx_beg_PDB_ins_code 
_struct_sheet_range.end_label_comp_id 
_struct_sheet_range.end_label_asym_id 
_struct_sheet_range.end_label_seq_id 
_struct_sheet_range.pdbx_end_PDB_ins_code 
_struct_sheet_range.beg_auth_comp_id 
_struct_sheet_range.beg_auth_asym_id 
_struct_sheet_range.beg_auth_seq_id 
_struct_sheet_range.end_auth_comp_id 
_struct_sheet_range.end_auth_asym_id 
_struct_sheet_range.end_auth_seq_id 
AA 1 TRP A 15  ? MET A 19  ? TRP A 11  MET A 15  
AA 2 VAL A 26  ? ASN A 30  ? VAL A 22  ASN A 26  
AA 3 SER A 36  ? GLN A 37  ? SER A 32  GLN A 33  
AB 1 ASP A 125 ? SER A 130 ? ASP A 121 SER A 126 
AB 2 ARG A 58  ? VAL A 66  ? ARG A 54  VAL A 62  
AB 3 GLY A 159 ? GLU A 167 ? GLY A 155 GLU A 163 
AB 4 VAL A 154 ? THR A 156 ? VAL A 150 THR A 152 
# 
loop_
_pdbx_struct_sheet_hbond.sheet_id 
_pdbx_struct_sheet_hbond.range_id_1 
_pdbx_struct_sheet_hbond.range_id_2 
_pdbx_struct_sheet_hbond.range_1_label_atom_id 
_pdbx_struct_sheet_hbond.range_1_label_comp_id 
_pdbx_struct_sheet_hbond.range_1_label_asym_id 
_pdbx_struct_sheet_hbond.range_1_label_seq_id 
_pdbx_struct_sheet_hbond.range_1_PDB_ins_code 
_pdbx_struct_sheet_hbond.range_1_auth_atom_id 
_pdbx_struct_sheet_hbond.range_1_auth_comp_id 
_pdbx_struct_sheet_hbond.range_1_auth_asym_id 
_pdbx_struct_sheet_hbond.range_1_auth_seq_id 
_pdbx_struct_sheet_hbond.range_2_label_atom_id 
_pdbx_struct_sheet_hbond.range_2_label_comp_id 
_pdbx_struct_sheet_hbond.range_2_label_asym_id 
_pdbx_struct_sheet_hbond.range_2_label_seq_id 
_pdbx_struct_sheet_hbond.range_2_PDB_ins_code 
_pdbx_struct_sheet_hbond.range_2_auth_atom_id 
_pdbx_struct_sheet_hbond.range_2_auth_comp_id 
_pdbx_struct_sheet_hbond.range_2_auth_asym_id 
_pdbx_struct_sheet_hbond.range_2_auth_seq_id 
AA 1 2 N ALA A 18  ? N ALA A 14  O TYR A 27  ? O TYR A 23  
AA 2 3 N TYR A 28  ? N TYR A 24  O GLN A 37  ? O GLN A 33  
AB 1 2 N PHE A 129 ? N PHE A 125 O VAL A 59  ? O VAL A 55  
AB 2 3 N VAL A 66  ? N VAL A 62  O ILE A 160 ? O ILE A 156 
AB 3 4 N HIS A 161 ? N HIS A 157 O VAL A 154 ? O VAL A 150 
# 
loop_
_struct_site.id 
_struct_site.pdbx_evidence_code 
_struct_site.pdbx_auth_asym_id 
_struct_site.pdbx_auth_comp_id 
_struct_site.pdbx_auth_seq_id 
_struct_site.pdbx_auth_ins_code 
_struct_site.pdbx_num_residues 
_struct_site.details 
AC1 Software A 12P 1164 ? 18 'BINDING SITE FOR RESIDUE 12P A 1164' 
AC2 Software A 4FF 1165 ? 9  'BINDING SITE FOR RESIDUE 4FF A 1165' 
# 
loop_
_struct_site_gen.id 
_struct_site_gen.site_id 
_struct_site_gen.pdbx_num_res 
_struct_site_gen.label_comp_id 
_struct_site_gen.label_asym_id 
_struct_site_gen.label_seq_id 
_struct_site_gen.pdbx_auth_ins_code 
_struct_site_gen.auth_comp_id 
_struct_site_gen.auth_asym_id 
_struct_site_gen.auth_seq_id 
_struct_site_gen.label_atom_id 
_struct_site_gen.label_alt_id 
_struct_site_gen.symmetry 
_struct_site_gen.details 
1  AC1 18 TYR A 27  ? TYR A 23   . ? 1_555 ? 
2  AC1 18 ALA A 35  ? ALA A 31   . ? 1_555 ? 
3  AC1 18 SER A 36  ? SER A 32   . ? 1_555 ? 
4  AC1 18 GLN A 37  ? GLN A 33   . ? 1_555 ? 
5  AC1 18 TRP A 38  ? TRP A 34   . ? 1_555 ? 
6  AC1 18 GLU A 39  ? GLU A 35   . ? 5_555 ? 
7  AC1 18 ILE A 97  ? ILE A 93   . ? 1_555 ? 
8  AC1 18 LYS A 101 ? LYS A 97   . ? 1_555 ? 
9  AC1 18 LYS A 101 ? LYS A 97   . ? 5_555 ? 
10 AC1 18 SER A 102 ? SER A 98   . ? 5_555 ? 
11 AC1 18 GLY A 103 ? GLY A 99   . ? 5_555 ? 
12 AC1 18 MET A 150 ? MET A 146  . ? 1_555 ? 
13 AC1 18 SER A 151 ? SER A 147  . ? 1_555 ? 
14 AC1 18 HOH D .   ? HOH A 2010 . ? 1_555 ? 
15 AC1 18 HOH D .   ? HOH A 2022 . ? 1_555 ? 
16 AC1 18 HOH D .   ? HOH A 2028 . ? 1_555 ? 
17 AC1 18 HOH D .   ? HOH A 2078 . ? 1_555 ? 
18 AC1 18 HOH D .   ? HOH A 2080 . ? 5_555 ? 
19 AC2 9  HIS A 63  ? HIS A 59   . ? 1_555 ? 
20 AC2 9  LYS A 67  ? LYS A 63   . ? 1_555 ? 
21 AC2 9  ARG A 72  ? ARG A 68   . ? 1_555 ? 
22 AC2 9  CYS A 117 ? CYS A 113  . ? 1_555 ? 
23 AC2 9  LEU A 126 ? LEU A 122  . ? 1_555 ? 
24 AC2 9  SER A 158 ? SER A 154  . ? 1_555 ? 
25 AC2 9  HIS A 161 ? HIS A 157  . ? 1_555 ? 
26 AC2 9  HOH D .   ? HOH A 2093 . ? 1_555 ? 
27 AC2 9  HOH D .   ? HOH A 2119 . ? 1_555 ? 
# 
_atom_sites.entry_id                    2XP5 
_atom_sites.fract_transf_matrix[1][1]   0.01311145 
_atom_sites.fract_transf_matrix[1][2]   -0.00032345 
_atom_sites.fract_transf_matrix[1][3]   -0.01062922 
_atom_sites.fract_transf_matrix[2][1]   0.00548706 
_atom_sites.fract_transf_matrix[2][2]   0.01431285 
_atom_sites.fract_transf_matrix[2][3]   -0.00707364 
_atom_sites.fract_transf_matrix[3][1]   0.00787144 
_atom_sites.fract_transf_matrix[3][2]   0.00175463 
_atom_sites.fract_transf_matrix[3][3]   0.00965626 
_atom_sites.fract_transf_vector[1]      -0.366323 
_atom_sites.fract_transf_vector[2]      0.243824 
_atom_sites.fract_transf_vector[3]      0.349890 
# 
loop_
_atom_type.symbol 
C 
N 
O 
S 
# 
loop_
_atom_site.group_PDB 
_atom_site.id 
_atom_site.type_symbol 
_atom_site.label_atom_id 
_atom_site.label_alt_id 
_atom_site.label_comp_id 
_atom_site.label_asym_id 
_atom_site.label_entity_id 
_atom_site.label_seq_id 
_atom_site.pdbx_PDB_ins_code 
_atom_site.Cartn_x 
_atom_site.Cartn_y 
_atom_site.Cartn_z 
_atom_site.occupancy 
_atom_site.B_iso_or_equiv 
_atom_site.pdbx_formal_charge 
_atom_site.auth_seq_id 
_atom_site.auth_comp_id 
_atom_site.auth_asym_id 
_atom_site.auth_atom_id 
_atom_site.pdbx_PDB_model_num 
ATOM   1    N N   . LEU A 1 11  ? 14.321  -16.915 2.222   1.00 46.91 ? 7    LEU A N   1 
ATOM   2    C CA  . LEU A 1 11  ? 13.023  -16.242 1.953   1.00 47.21 ? 7    LEU A CA  1 
ATOM   3    C C   . LEU A 1 11  ? 13.299  -15.162 0.908   1.00 47.71 ? 7    LEU A C   1 
ATOM   4    O O   . LEU A 1 11  ? 14.403  -14.619 0.867   1.00 47.72 ? 7    LEU A O   1 
ATOM   5    C CB  . LEU A 1 11  ? 12.493  -15.610 3.261   1.00 47.45 ? 7    LEU A CB  1 
ATOM   6    C CG  . LEU A 1 11  ? 12.364  -16.477 4.530   1.00 48.90 ? 7    LEU A CG  1 
ATOM   7    C CD1 . LEU A 1 11  ? 12.514  -15.697 5.863   1.00 48.98 ? 7    LEU A CD1 1 
ATOM   8    C CD2 . LEU A 1 11  ? 11.046  -17.230 4.513   1.00 48.98 ? 7    LEU A CD2 1 
ATOM   9    N N   . PRO A 1 12  ? 12.296  -14.808 0.076   1.00 47.98 ? 8    PRO A N   1 
ATOM   10   C CA  . PRO A 1 12  ? 12.433  -13.761 -0.997  1.00 47.42 ? 8    PRO A CA  1 
ATOM   11   C C   . PRO A 1 12  ? 12.798  -12.308 -0.502  1.00 46.08 ? 8    PRO A C   1 
ATOM   12   O O   . PRO A 1 12  ? 12.727  -12.030 0.746   1.00 45.79 ? 8    PRO A O   1 
ATOM   13   C CB  . PRO A 1 12  ? 11.051  -13.763 -1.661  1.00 48.34 ? 8    PRO A CB  1 
ATOM   14   C CG  . PRO A 1 12  ? 10.368  -15.076 -1.176  1.00 48.61 ? 8    PRO A CG  1 
ATOM   15   C CD  . PRO A 1 12  ? 10.893  -15.252 0.216   1.00 48.37 ? 8    PRO A CD  1 
ATOM   16   N N   . PRO A 1 13  ? 13.219  -11.402 -1.452  1.00 45.14 ? 9    PRO A N   1 
ATOM   17   C CA  . PRO A 1 13  ? 13.670  -10.050 -1.016  1.00 43.81 ? 9    PRO A CA  1 
ATOM   18   C C   . PRO A 1 13  ? 12.752  -9.343  0.022   1.00 42.08 ? 9    PRO A C   1 
ATOM   19   O O   . PRO A 1 13  ? 11.514  -9.144  -0.253  1.00 39.83 ? 9    PRO A O   1 
ATOM   20   C CB  . PRO A 1 13  ? 13.734  -9.231  -2.345  1.00 43.65 ? 9    PRO A CB  1 
ATOM   21   C CG  . PRO A 1 13  ? 14.084  -10.316 -3.409  1.00 45.86 ? 9    PRO A CG  1 
ATOM   22   C CD  . PRO A 1 13  ? 13.399  -11.598 -2.924  1.00 45.33 ? 9    PRO A CD  1 
ATOM   23   N N   . GLY A 1 14  ? 13.377  -8.957  1.167   1.00 40.41 ? 10   GLY A N   1 
ATOM   24   C CA  . GLY A 1 14  ? 12.721  -8.129  2.209   1.00 37.52 ? 10   GLY A CA  1 
ATOM   25   C C   . GLY A 1 14  ? 12.084  -8.866  3.393   1.00 34.93 ? 10   GLY A C   1 
ATOM   26   O O   . GLY A 1 14  ? 11.651  -8.259  4.343   1.00 30.55 ? 10   GLY A O   1 
ATOM   27   N N   . TRP A 1 15  ? 12.038  -10.184 3.307   1.00 36.70 ? 11   TRP A N   1 
ATOM   28   C CA  . TRP A 1 15  ? 11.162  -11.030 4.175   1.00 37.43 ? 11   TRP A CA  1 
ATOM   29   C C   . TRP A 1 15  ? 11.979  -11.515 5.334   1.00 39.34 ? 11   TRP A C   1 
ATOM   30   O O   . TRP A 1 15  ? 13.093  -12.011 5.144   1.00 40.09 ? 11   TRP A O   1 
ATOM   31   C CB  . TRP A 1 15  ? 10.571  -12.254 3.417   1.00 35.66 ? 11   TRP A CB  1 
ATOM   32   C CG  . TRP A 1 15  ? 9.348   -11.958 2.635   1.00 33.24 ? 11   TRP A CG  1 
ATOM   33   C CD1 . TRP A 1 15  ? 9.269   -11.832 1.274   1.00 30.39 ? 11   TRP A CD1 1 
ATOM   34   C CD2 . TRP A 1 15  ? 8.007   -11.710 3.134   1.00 32.96 ? 11   TRP A CD2 1 
ATOM   35   N NE1 . TRP A 1 15  ? 7.989   -11.526 0.888   1.00 33.62 ? 11   TRP A NE1 1 
ATOM   36   C CE2 . TRP A 1 15  ? 7.176   -11.452 1.990   1.00 32.57 ? 11   TRP A CE2 1 
ATOM   37   C CE3 . TRP A 1 15  ? 7.427   -11.676 4.419   1.00 28.64 ? 11   TRP A CE3 1 
ATOM   38   C CZ2 . TRP A 1 15  ? 5.798   -11.163 2.095   1.00 31.05 ? 11   TRP A CZ2 1 
ATOM   39   C CZ3 . TRP A 1 15  ? 6.059   -11.392 4.533   1.00 24.46 ? 11   TRP A CZ3 1 
ATOM   40   C CH2 . TRP A 1 15  ? 5.247   -11.176 3.378   1.00 26.27 ? 11   TRP A CH2 1 
ATOM   41   N N   . GLU A 1 16  ? 11.438  -11.401 6.536   1.00 40.73 ? 12   GLU A N   1 
ATOM   42   C CA  . GLU A 1 16  ? 12.094  -11.915 7.708   1.00 42.23 ? 12   GLU A CA  1 
ATOM   43   C C   . GLU A 1 16  ? 11.037  -12.632 8.618   1.00 42.62 ? 12   GLU A C   1 
ATOM   44   O O   . GLU A 1 16  ? 9.856   -12.288 8.632   1.00 40.25 ? 12   GLU A O   1 
ATOM   45   C CB  . GLU A 1 16  ? 12.808  -10.815 8.501   1.00 43.41 ? 12   GLU A CB  1 
ATOM   46   C CG  . GLU A 1 16  ? 13.645  -9.757  7.665   1.00 52.86 ? 12   GLU A CG  1 
ATOM   47   C CD  . GLU A 1 16  ? 15.013  -10.273 7.016   1.00 63.43 ? 12   GLU A CD  1 
ATOM   48   O OE1 . GLU A 1 16  ? 15.569  -9.541  6.125   1.00 68.51 ? 12   GLU A OE1 1 
ATOM   49   O OE2 . GLU A 1 16  ? 15.533  -11.379 7.376   1.00 67.30 ? 12   GLU A OE2 1 
ATOM   50   N N   . LYS A 1 17  ? 11.501  -13.649 9.340   1.00 42.76 ? 13   LYS A N   1 
ATOM   51   C CA  . LYS A 1 17  ? 10.698  -14.409 10.279  1.00 44.76 ? 13   LYS A CA  1 
ATOM   52   C C   . LYS A 1 17  ? 10.676  -13.657 11.598  1.00 44.12 ? 13   LYS A C   1 
ATOM   53   O O   . LYS A 1 17  ? 11.703  -13.170 12.023  1.00 45.54 ? 13   LYS A O   1 
ATOM   54   C CB  . LYS A 1 17  ? 11.310  -15.820 10.465  1.00 45.90 ? 13   LYS A CB  1 
ATOM   55   C CG  . LYS A 1 17  ? 10.408  -16.802 11.195  1.00 50.05 ? 13   LYS A CG  1 
ATOM   56   C CD  . LYS A 1 17  ? 11.122  -18.145 11.496  1.00 59.21 ? 13   LYS A CD  1 
ATOM   57   C CE  . LYS A 1 17  ? 11.192  -19.096 10.288  1.00 61.91 ? 13   LYS A CE  1 
ATOM   58   N NZ  . LYS A 1 17  ? 10.978  -20.521 10.743  1.00 66.24 ? 13   LYS A NZ  1 
ATOM   59   N N   . ALA A 1 18  ? 9.515   -13.549 12.230  1.00 43.43 ? 14   ALA A N   1 
ATOM   60   C CA  . ALA A 1 18  ? 9.346   -12.802 13.455  1.00 44.01 ? 14   ALA A CA  1 
ATOM   61   C C   . ALA A 1 18  ? 8.493   -13.652 14.408  1.00 45.69 ? 14   ALA A C   1 
ATOM   62   O O   . ALA A 1 18  ? 7.976   -14.721 14.029  1.00 43.87 ? 14   ALA A O   1 
ATOM   63   C CB  . ALA A 1 18  ? 8.656   -11.456 13.182  1.00 42.71 ? 14   ALA A CB  1 
ATOM   64   N N   . MET A 1 19  ? 8.327   -13.153 15.626  1.00 47.45 ? 15   MET A N   1 
ATOM   65   C CA  . MET A 1 19  ? 7.483   -13.810 16.606  1.00 48.73 ? 15   MET A CA  1 
ATOM   66   C C   . MET A 1 19  ? 6.276   -12.971 16.920  1.00 48.54 ? 15   MET A C   1 
ATOM   67   O O   . MET A 1 19  ? 6.383   -11.793 17.244  1.00 48.47 ? 15   MET A O   1 
ATOM   68   C CB  . MET A 1 19  ? 8.259   -14.106 17.902  1.00 49.78 ? 15   MET A CB  1 
ATOM   69   C CG  . MET A 1 19  ? 7.522   -15.131 18.811  1.00 54.67 ? 15   MET A CG  1 
ATOM   70   S SD  . MET A 1 19  ? 8.040   -16.870 18.578  1.00 70.37 ? 15   MET A SD  1 
ATOM   71   C CE  . MET A 1 19  ? 9.309   -16.864 17.229  1.00 66.78 ? 15   MET A CE  1 
ATOM   72   N N   . SER A 1 20  ? 5.112   -13.595 16.839  1.00 48.52 ? 16   SER A N   1 
ATOM   73   C CA  . SER A 1 20  ? 3.877   -12.943 17.233  1.00 49.02 ? 16   SER A CA  1 
ATOM   74   C C   . SER A 1 20  ? 3.848   -12.577 18.758  1.00 49.86 ? 16   SER A C   1 
ATOM   75   O O   . SER A 1 20  ? 4.124   -13.423 19.639  1.00 48.41 ? 16   SER A O   1 
ATOM   76   C CB  . SER A 1 20  ? 2.732   -13.875 16.918  1.00 48.20 ? 16   SER A CB  1 
ATOM   77   O OG  . SER A 1 20  ? 1.594   -13.408 17.574  1.00 50.69 ? 16   SER A OG  1 
ATOM   78   N N   . ARG A 1 21  ? 3.511   -11.318 19.027  1.00 50.67 ? 17   ARG A N   1 
ATOM   79   C CA  . ARG A 1 21  ? 3.484   -10.757 20.369  1.00 52.16 ? 17   ARG A CA  1 
ATOM   80   C C   . ARG A 1 21  ? 2.177   -11.174 21.101  1.00 53.21 ? 17   ARG A C   1 
ATOM   81   O O   . ARG A 1 21  ? 2.138   -11.214 22.337  1.00 52.60 ? 17   ARG A O   1 
ATOM   82   C CB  . ARG A 1 21  ? 3.671   -9.238  20.238  1.00 51.94 ? 17   ARG A CB  1 
ATOM   83   C CG  . ARG A 1 21  ? 3.227   -8.316  21.349  1.00 54.68 ? 17   ARG A CG  1 
ATOM   84   C CD  . ARG A 1 21  ? 4.447   -7.690  22.042  1.00 54.59 ? 17   ARG A CD  1 
ATOM   85   N NE  . ARG A 1 21  ? 5.643   -7.913  21.227  1.00 53.16 ? 17   ARG A NE  1 
ATOM   86   C CZ  . ARG A 1 21  ? 6.473   -6.942  20.822  1.00 51.75 ? 17   ARG A CZ  1 
ATOM   87   N NH1 . ARG A 1 21  ? 6.261   -5.670  21.195  1.00 48.67 ? 17   ARG A NH1 1 
ATOM   88   N NH2 . ARG A 1 21  ? 7.528   -7.256  20.064  1.00 49.02 ? 17   ARG A NH2 1 
ATOM   89   N N   . SER A 1 22  ? 1.118   -11.541 20.359  1.00 53.75 ? 18   SER A N   1 
ATOM   90   C CA  . SER A 1 22  ? -0.073  -12.161 21.014  1.00 53.99 ? 18   SER A CA  1 
ATOM   91   C C   . SER A 1 22  ? -0.088  -13.686 21.161  1.00 53.61 ? 18   SER A C   1 
ATOM   92   O O   . SER A 1 22  ? -0.544  -14.194 22.211  1.00 54.91 ? 18   SER A O   1 
ATOM   93   C CB  . SER A 1 22  ? -1.385  -11.674 20.390  1.00 55.07 ? 18   SER A CB  1 
ATOM   94   O OG  . SER A 1 22  ? -1.620  -10.308 20.744  1.00 56.87 ? 18   SER A OG  1 
ATOM   95   N N   . SER A 1 23  ? 0.459   -14.410 20.171  1.00 52.05 ? 19   SER A N   1 
ATOM   96   C CA  . SER A 1 23  ? 0.224   -15.853 20.041  1.00 49.90 ? 19   SER A CA  1 
ATOM   97   C C   . SER A 1 23  ? 1.422   -16.591 20.417  1.00 49.23 ? 19   SER A C   1 
ATOM   98   O O   . SER A 1 23  ? 1.303   -17.731 20.830  1.00 49.07 ? 19   SER A O   1 
ATOM   99   C CB  . SER A 1 23  ? -0.026  -16.284 18.589  1.00 50.14 ? 19   SER A CB  1 
ATOM   100  O OG  . SER A 1 23  ? -0.496  -15.192 17.828  1.00 50.77 ? 19   SER A OG  1 
ATOM   101  N N   . GLY A 1 24  ? 2.604   -15.986 20.200  1.00 47.73 ? 20   GLY A N   1 
ATOM   102  C CA  . GLY A 1 24  ? 3.862   -16.746 20.274  1.00 45.55 ? 20   GLY A CA  1 
ATOM   103  C C   . GLY A 1 24  ? 4.039   -17.580 18.984  1.00 44.86 ? 20   GLY A C   1 
ATOM   104  O O   . GLY A 1 24  ? 4.999   -18.340 18.819  1.00 45.46 ? 20   GLY A O   1 
ATOM   105  N N   . ARG A 1 25  ? 3.105   -17.451 18.048  1.00 42.49 ? 21   ARG A N   1 
ATOM   106  C CA  . ARG A 1 25  ? 3.300   -18.031 16.726  1.00 40.79 ? 21   ARG A CA  1 
ATOM   107  C C   . ARG A 1 25  ? 4.280   -17.190 15.843  1.00 38.12 ? 21   ARG A C   1 
ATOM   108  O O   . ARG A 1 25  ? 4.294   -15.960 15.888  1.00 37.85 ? 21   ARG A O   1 
ATOM   109  C CB  . ARG A 1 25  ? 1.927   -18.314 16.044  1.00 41.30 ? 21   ARG A CB  1 
ATOM   110  C CG  . ARG A 1 25  ? 1.646   -19.854 15.987  1.00 43.80 ? 21   ARG A CG  1 
ATOM   111  C CD  . ARG A 1 25  ? 0.439   -20.199 15.101  1.00 42.51 ? 21   ARG A CD  1 
ATOM   112  N NE  . ARG A 1 25  ? -0.615  -19.256 15.435  1.00 41.58 ? 21   ARG A NE  1 
ATOM   113  C CZ  . ARG A 1 25  ? -1.248  -18.431 14.606  1.00 43.01 ? 21   ARG A CZ  1 
ATOM   114  N NH1 . ARG A 1 25  ? -1.052  -18.413 13.257  1.00 35.75 ? 21   ARG A NH1 1 
ATOM   115  N NH2 . ARG A 1 25  ? -2.141  -17.621 15.166  1.00 41.58 ? 21   ARG A NH2 1 
ATOM   116  N N   . VAL A 1 26  ? 5.127   -17.885 15.119  1.00 33.94 ? 22   VAL A N   1 
ATOM   117  C CA  . VAL A 1 26  ? 5.987   -17.318 14.093  1.00 34.56 ? 22   VAL A CA  1 
ATOM   118  C C   . VAL A 1 26  ? 5.104   -16.679 12.991  1.00 32.32 ? 22   VAL A C   1 
ATOM   119  O O   . VAL A 1 26  ? 4.034   -17.221 12.665  1.00 31.70 ? 22   VAL A O   1 
ATOM   120  C CB  . VAL A 1 26  ? 6.831   -18.491 13.502  1.00 34.52 ? 22   VAL A CB  1 
ATOM   121  C CG1 . VAL A 1 26  ? 7.265   -18.277 12.067  1.00 38.20 ? 22   VAL A CG1 1 
ATOM   122  C CG2 . VAL A 1 26  ? 8.059   -18.726 14.422  1.00 40.14 ? 22   VAL A CG2 1 
ATOM   123  N N   . TYR A 1 27  ? 5.549   -15.551 12.419  1.00 29.83 ? 23   TYR A N   1 
ATOM   124  C CA  . TYR A 1 27  ? 4.939   -15.050 11.200  1.00 28.91 ? 23   TYR A CA  1 
ATOM   125  C C   . TYR A 1 27  ? 6.055   -14.460 10.378  1.00 28.34 ? 23   TYR A C   1 
ATOM   126  O O   . TYR A 1 27  ? 7.228   -14.629 10.733  1.00 29.03 ? 23   TYR A O   1 
ATOM   127  C CB  . TYR A 1 27  ? 3.864   -14.025 11.478  1.00 28.01 ? 23   TYR A CB  1 
ATOM   128  C CG  . TYR A 1 27  ? 4.354   -12.755 12.076  1.00 30.03 ? 23   TYR A CG  1 
ATOM   129  C CD1 . TYR A 1 27  ? 4.459   -11.558 11.269  1.00 31.71 ? 23   TYR A CD1 1 
ATOM   130  C CD2 . TYR A 1 27  ? 4.710   -12.702 13.425  1.00 33.87 ? 23   TYR A CD2 1 
ATOM   131  C CE1 . TYR A 1 27  ? 4.905   -10.332 11.806  1.00 30.54 ? 23   TYR A CE1 1 
ATOM   132  C CE2 . TYR A 1 27  ? 5.176   -11.492 13.997  1.00 35.46 ? 23   TYR A CE2 1 
ATOM   133  C CZ  . TYR A 1 27  ? 5.262   -10.313 13.175  1.00 39.23 ? 23   TYR A CZ  1 
ATOM   134  O OH  . TYR A 1 27  ? 5.672   -9.134  13.744  1.00 38.79 ? 23   TYR A OH  1 
ATOM   135  N N   . TYR A 1 28  ? 5.697   -13.813 9.278   1.00 26.51 ? 24   TYR A N   1 
ATOM   136  C CA  . TYR A 1 28  ? 6.706   -13.328 8.339   1.00 24.83 ? 24   TYR A CA  1 
ATOM   137  C C   . TYR A 1 28  ? 6.349   -11.867 8.051   1.00 24.96 ? 24   TYR A C   1 
ATOM   138  O O   . TYR A 1 28  ? 5.168   -11.519 7.960   1.00 24.85 ? 24   TYR A O   1 
ATOM   139  C CB  . TYR A 1 28  ? 6.751   -14.206 7.095   1.00 24.70 ? 24   TYR A CB  1 
ATOM   140  C CG  . TYR A 1 28  ? 7.154   -15.637 7.416   1.00 28.25 ? 24   TYR A CG  1 
ATOM   141  C CD1 . TYR A 1 28  ? 6.186   -16.601 7.825   1.00 35.63 ? 24   TYR A CD1 1 
ATOM   142  C CD2 . TYR A 1 28  ? 8.508   -16.015 7.413   1.00 37.20 ? 24   TYR A CD2 1 
ATOM   143  C CE1 . TYR A 1 28  ? 6.561   -17.916 8.137   1.00 36.75 ? 24   TYR A CE1 1 
ATOM   144  C CE2 . TYR A 1 28  ? 8.899   -17.306 7.735   1.00 37.83 ? 24   TYR A CE2 1 
ATOM   145  C CZ  . TYR A 1 28  ? 7.924   -18.250 8.065   1.00 41.35 ? 24   TYR A CZ  1 
ATOM   146  O OH  . TYR A 1 28  ? 8.349   -19.508 8.371   1.00 46.31 ? 24   TYR A OH  1 
ATOM   147  N N   . PHE A 1 29  ? 7.387   -11.024 7.982   1.00 24.24 ? 25   PHE A N   1 
ATOM   148  C CA  . PHE A 1 29  ? 7.248   -9.564  7.887   1.00 27.40 ? 25   PHE A CA  1 
ATOM   149  C C   . PHE A 1 29  ? 8.175   -9.158  6.753   1.00 26.37 ? 25   PHE A C   1 
ATOM   150  O O   . PHE A 1 29  ? 9.306   -9.718  6.609   1.00 27.98 ? 25   PHE A O   1 
ATOM   151  C CB  . PHE A 1 29  ? 7.766   -8.861  9.187   1.00 28.18 ? 25   PHE A CB  1 
ATOM   152  C CG  . PHE A 1 29  ? 7.789   -7.395  9.031   1.00 34.31 ? 25   PHE A CG  1 
ATOM   153  C CD1 . PHE A 1 29  ? 6.560   -6.683  8.809   1.00 37.31 ? 25   PHE A CD1 1 
ATOM   154  C CD2 . PHE A 1 29  ? 9.021   -6.678  8.975   1.00 34.30 ? 25   PHE A CD2 1 
ATOM   155  C CE1 . PHE A 1 29  ? 6.522   -5.197  8.589   1.00 36.03 ? 25   PHE A CE1 1 
ATOM   156  C CE2 . PHE A 1 29  ? 8.973   -5.208  8.779   1.00 39.19 ? 25   PHE A CE2 1 
ATOM   157  C CZ  . PHE A 1 29  ? 7.686   -4.491  8.572   1.00 36.91 ? 25   PHE A CZ  1 
ATOM   158  N N   . ASN A 1 30  ? 7.732   -8.217  5.958   1.00 25.93 ? 26   ASN A N   1 
ATOM   159  C CA  . ASN A 1 30  ? 8.584   -7.778  4.821   1.00 25.04 ? 26   ASN A CA  1 
ATOM   160  C C   . ASN A 1 30  ? 8.893   -6.313  5.030   1.00 24.23 ? 26   ASN A C   1 
ATOM   161  O O   . ASN A 1 30  ? 7.975   -5.494  5.091   1.00 24.82 ? 26   ASN A O   1 
ATOM   162  C CB  . ASN A 1 30  ? 7.900   -7.978  3.449   1.00 24.91 ? 26   ASN A CB  1 
ATOM   163  C CG  . ASN A 1 30  ? 8.918   -7.764  2.291   1.00 26.30 ? 26   ASN A CG  1 
ATOM   164  O OD1 . ASN A 1 30  ? 9.436   -6.704  2.174   1.00 23.49 ? 26   ASN A OD1 1 
ATOM   165  N ND2 . ASN A 1 30  ? 9.183   -8.761  1.492   1.00 25.61 ? 26   ASN A ND2 1 
ATOM   166  N N   . HIS A 1 31  ? 10.167  -5.981  5.244   1.00 23.76 ? 27   HIS A N   1 
ATOM   167  C CA  . HIS A 1 31  ? 10.524  -4.636  5.596   1.00 23.18 ? 27   HIS A CA  1 
ATOM   168  C C   . HIS A 1 31  ? 10.574  -3.686  4.412   1.00 23.29 ? 27   HIS A C   1 
ATOM   169  O O   . HIS A 1 31  ? 10.712  -2.488  4.624   1.00 24.56 ? 27   HIS A O   1 
ATOM   170  C CB  . HIS A 1 31  ? 11.878  -4.564  6.396   1.00 23.69 ? 27   HIS A CB  1 
ATOM   171  C CG  . HIS A 1 31  ? 13.058  -5.181  5.672   1.00 26.21 ? 27   HIS A CG  1 
ATOM   172  N ND1 . HIS A 1 31  ? 13.822  -4.496  4.727   1.00 29.72 ? 27   HIS A ND1 1 
ATOM   173  C CD2 . HIS A 1 31  ? 13.618  -6.413  5.794   1.00 26.16 ? 27   HIS A CD2 1 
ATOM   174  C CE1 . HIS A 1 31  ? 14.770  -5.307  4.278   1.00 27.88 ? 27   HIS A CE1 1 
ATOM   175  N NE2 . HIS A 1 31  ? 14.659  -6.472  4.902   1.00 30.00 ? 27   HIS A NE2 1 
ATOM   176  N N   . ILE A 1 32  ? 10.410  -4.180  3.206   1.00 22.82 ? 28   ILE A N   1 
ATOM   177  C CA  . ILE A 1 32  ? 10.398  -3.314  2.015   1.00 24.76 ? 28   ILE A CA  1 
ATOM   178  C C   . ILE A 1 32  ? 8.890   -3.024  1.684   1.00 25.68 ? 28   ILE A C   1 
ATOM   179  O O   . ILE A 1 32  ? 8.572   -1.905  1.379   1.00 27.56 ? 28   ILE A O   1 
ATOM   180  C CB  . ILE A 1 32  ? 11.115  -3.945  0.778   1.00 25.93 ? 28   ILE A CB  1 
ATOM   181  C CG1 . ILE A 1 32  ? 12.541  -4.407  1.133   1.00 27.85 ? 28   ILE A CG1 1 
ATOM   182  C CG2 . ILE A 1 32  ? 11.029  -2.974  -0.466  1.00 24.76 ? 28   ILE A CG2 1 
ATOM   183  C CD1 . ILE A 1 32  ? 13.163  -5.412  0.094   1.00 28.06 ? 28   ILE A CD1 1 
ATOM   184  N N   . THR A 1 33  ? 7.968   -3.965  1.874   1.00 25.41 ? 29   THR A N   1 
ATOM   185  C CA  . THR A 1 33  ? 6.576   -3.722  1.522   1.00 23.27 ? 29   THR A CA  1 
ATOM   186  C C   . THR A 1 33  ? 5.690   -3.535  2.745   1.00 24.38 ? 29   THR A C   1 
ATOM   187  O O   . THR A 1 33  ? 4.537   -3.140  2.570   1.00 22.95 ? 29   THR A O   1 
ATOM   188  C CB  . THR A 1 33  ? 5.978   -4.869  0.803   1.00 22.89 ? 29   THR A CB  1 
ATOM   189  O OG1 . THR A 1 33  ? 5.875   -5.912  1.756   1.00 20.12 ? 29   THR A OG1 1 
ATOM   190  C CG2 . THR A 1 33  ? 6.861   -5.351  -0.368  1.00 23.46 ? 29   THR A CG2 1 
ATOM   191  N N   . ASN A 1 34  ? 6.250   -3.732  3.961   1.00 24.47 ? 30   ASN A N   1 
ATOM   192  C CA  . ASN A 1 34  ? 5.485   -3.689  5.220   1.00 22.79 ? 30   ASN A CA  1 
ATOM   193  C C   . ASN A 1 34  ? 4.367   -4.705  5.263   1.00 23.57 ? 30   ASN A C   1 
ATOM   194  O O   . ASN A 1 34  ? 3.448   -4.610  6.096   1.00 23.52 ? 30   ASN A O   1 
ATOM   195  C CB  . ASN A 1 34  ? 4.995   -2.250  5.551   1.00 22.16 ? 30   ASN A CB  1 
ATOM   196  C CG  . ASN A 1 34  ? 6.158   -1.365  5.987   1.00 23.14 ? 30   ASN A CG  1 
ATOM   197  O OD1 . ASN A 1 34  ? 6.222   -0.163  5.668   1.00 24.27 ? 30   ASN A OD1 1 
ATOM   198  N ND2 . ASN A 1 34  ? 7.118   -1.974  6.670   1.00 20.29 ? 30   ASN A ND2 1 
ATOM   199  N N   . ALA A 1 35  ? 4.414   -5.688  4.390   1.00 22.87 ? 31   ALA A N   1 
ATOM   200  C CA  . ALA A 1 35  ? 3.443   -6.784  4.547   1.00 23.35 ? 31   ALA A CA  1 
ATOM   201  C C   . ALA A 1 35  ? 3.783   -7.729  5.685   1.00 24.78 ? 31   ALA A C   1 
ATOM   202  O O   . ALA A 1 35  ? 4.984   -7.926  6.052   1.00 24.26 ? 31   ALA A O   1 
ATOM   203  C CB  . ALA A 1 35  ? 3.294   -7.575  3.231   1.00 24.57 ? 31   ALA A CB  1 
ATOM   204  N N   . SER A 1 36  ? 2.733   -8.351  6.227   1.00 25.06 ? 32   SER A N   1 
ATOM   205  C CA  . SER A 1 36  ? 2.881   -9.417  7.218   1.00 26.74 ? 32   SER A CA  1 
ATOM   206  C C   . SER A 1 36  ? 1.832   -10.461 7.048   1.00 28.29 ? 32   SER A C   1 
ATOM   207  O O   . SER A 1 36  ? 0.687   -10.150 6.759   1.00 27.01 ? 32   SER A O   1 
ATOM   208  C CB  . SER A 1 36  ? 2.866   -8.895  8.675   1.00 27.04 ? 32   SER A CB  1 
ATOM   209  O OG  . SER A 1 36  ? 1.773   -8.026  8.820   1.00 27.05 ? 32   SER A OG  1 
ATOM   210  N N   . GLN A 1 37  ? 2.262   -11.712 7.201   1.00 30.00 ? 33   GLN A N   1 
ATOM   211  C CA  . GLN A 1 37  ? 1.404   -12.826 7.044   1.00 32.06 ? 33   GLN A CA  1 
ATOM   212  C C   . GLN A 1 37  ? 1.918   -14.028 7.904   1.00 33.37 ? 33   GLN A C   1 
ATOM   213  O O   . GLN A 1 37  ? 3.119   -14.122 8.247   1.00 33.30 ? 33   GLN A O   1 
ATOM   214  C CB  . GLN A 1 37  ? 1.340   -13.164 5.563   1.00 31.54 ? 33   GLN A CB  1 
ATOM   215  C CG  . GLN A 1 37  ? 2.655   -13.516 5.017   1.00 30.82 ? 33   GLN A CG  1 
ATOM   216  C CD  . GLN A 1 37  ? 2.603   -13.708 3.539   1.00 40.56 ? 33   GLN A CD  1 
ATOM   217  O OE1 . GLN A 1 37  ? 2.054   -12.866 2.839   1.00 44.63 ? 33   GLN A OE1 1 
ATOM   218  N NE2 . GLN A 1 37  ? 3.237   -14.780 3.039   1.00 38.01 ? 33   GLN A NE2 1 
ATOM   219  N N   . TRP A 1 38  ? 0.986   -14.917 8.271   1.00 33.97 ? 34   TRP A N   1 
ATOM   220  C CA  . TRP A 1 38  ? 1.315   -16.174 8.949   1.00 33.22 ? 34   TRP A CA  1 
ATOM   221  C C   . TRP A 1 38  ? 2.108   -17.147 8.106   1.00 35.50 ? 34   TRP A C   1 
ATOM   222  O O   . TRP A 1 38  ? 3.112   -17.730 8.558   1.00 35.35 ? 34   TRP A O   1 
ATOM   223  C CB  . TRP A 1 38  ? 0.009   -16.831 9.442   1.00 32.93 ? 34   TRP A CB  1 
ATOM   224  C CG  . TRP A 1 38  ? -0.682  -15.982 10.503  1.00 30.25 ? 34   TRP A CG  1 
ATOM   225  C CD1 . TRP A 1 38  ? -1.912  -15.377 10.410  1.00 30.91 ? 34   TRP A CD1 1 
ATOM   226  C CD2 . TRP A 1 38  ? -0.142  -15.615 11.796  1.00 32.53 ? 34   TRP A CD2 1 
ATOM   227  N NE1 . TRP A 1 38  ? -2.196  -14.677 11.574  1.00 31.76 ? 34   TRP A NE1 1 
ATOM   228  C CE2 . TRP A 1 38  ? -1.134  -14.786 12.441  1.00 32.21 ? 34   TRP A CE2 1 
ATOM   229  C CE3 . TRP A 1 38  ? 1.048   -15.962 12.507  1.00 34.14 ? 34   TRP A CE3 1 
ATOM   230  C CZ2 . TRP A 1 38  ? -0.962  -14.259 13.750  1.00 32.15 ? 34   TRP A CZ2 1 
ATOM   231  C CZ3 . TRP A 1 38  ? 1.237   -15.441 13.826  1.00 34.65 ? 34   TRP A CZ3 1 
ATOM   232  C CH2 . TRP A 1 38  ? 0.220   -14.582 14.428  1.00 35.07 ? 34   TRP A CH2 1 
ATOM   233  N N   . GLU A 1 39  ? 1.662   -17.335 6.879   1.00 38.11 ? 35   GLU A N   1 
ATOM   234  C CA  . GLU A 1 39  ? 2.208   -18.319 5.951   1.00 41.16 ? 35   GLU A CA  1 
ATOM   235  C C   . GLU A 1 39  ? 3.660   -17.948 5.553   1.00 43.62 ? 35   GLU A C   1 
ATOM   236  O O   . GLU A 1 39  ? 3.974   -16.752 5.366   1.00 42.52 ? 35   GLU A O   1 
ATOM   237  C CB  . GLU A 1 39  ? 1.265   -18.404 4.704   1.00 41.55 ? 35   GLU A CB  1 
ATOM   238  C CG  . GLU A 1 39  ? -0.309  -18.727 4.890   1.00 43.69 ? 35   GLU A CG  1 
ATOM   239  C CD  . GLU A 1 39  ? -1.157  -17.610 5.609   1.00 47.20 ? 35   GLU A CD  1 
ATOM   240  O OE1 . GLU A 1 39  ? -0.737  -16.394 5.620   1.00 45.54 ? 35   GLU A OE1 1 
ATOM   241  O OE2 . GLU A 1 39  ? -2.244  -17.951 6.229   1.00 46.81 ? 35   GLU A OE2 1 
ATOM   242  N N   . ARG A 1 40  ? 4.554   -18.935 5.411   1.00 46.64 ? 36   ARG A N   1 
ATOM   243  C CA  . ARG A 1 40  ? 5.886   -18.638 4.913   1.00 50.59 ? 36   ARG A CA  1 
ATOM   244  C C   . ARG A 1 40  ? 5.769   -18.167 3.446   1.00 52.92 ? 36   ARG A C   1 
ATOM   245  O O   . ARG A 1 40  ? 5.029   -18.766 2.656   1.00 52.86 ? 36   ARG A O   1 
ATOM   246  C CB  . ARG A 1 40  ? 6.853   -19.811 5.050   1.00 51.01 ? 36   ARG A CB  1 
ATOM   247  C CG  . ARG A 1 40  ? 8.173   -19.632 4.236   1.00 53.99 ? 36   ARG A CG  1 
ATOM   248  C CD  . ARG A 1 40  ? 9.195   -20.771 4.468   1.00 60.89 ? 36   ARG A CD  1 
ATOM   249  N NE  . ARG A 1 40  ? 9.963   -20.532 5.695   1.00 64.48 ? 36   ARG A NE  1 
ATOM   250  C CZ  . ARG A 1 40  ? 11.290  -20.578 5.793   1.00 66.52 ? 36   ARG A CZ  1 
ATOM   251  N NH1 . ARG A 1 40  ? 12.029  -20.892 4.729   1.00 66.49 ? 36   ARG A NH1 1 
ATOM   252  N NH2 . ARG A 1 40  ? 11.876  -20.299 6.962   1.00 66.43 ? 36   ARG A NH2 1 
ATOM   253  N N   . PRO A 1 41  ? 6.462   -17.060 3.082   1.00 54.71 ? 37   PRO A N   1 
ATOM   254  C CA  . PRO A 1 41  ? 6.329   -16.527 1.708   1.00 56.41 ? 37   PRO A CA  1 
ATOM   255  C C   . PRO A 1 41  ? 6.844   -17.426 0.520   1.00 58.48 ? 37   PRO A C   1 
ATOM   256  O O   . PRO A 1 41  ? 7.914   -18.096 0.639   1.00 59.00 ? 37   PRO A O   1 
ATOM   257  C CB  . PRO A 1 41  ? 7.156   -15.232 1.785   1.00 56.34 ? 37   PRO A CB  1 
ATOM   258  C CG  . PRO A 1 41  ? 8.152   -15.489 2.874   1.00 54.23 ? 37   PRO A CG  1 
ATOM   259  C CD  . PRO A 1 41  ? 7.355   -16.219 3.905   1.00 54.10 ? 37   PRO A CD  1 
ATOM   260  N N   . SER A 1 42  ? 6.061   -17.432 -0.584  1.00 60.26 ? 38   SER A N   1 
ATOM   261  C CA  . SER A 1 42  ? 6.497   -17.698 -2.023  1.00 61.39 ? 38   SER A CA  1 
ATOM   262  C C   . SER A 1 42  ? 5.435   -18.338 -2.909  1.00 62.14 ? 38   SER A C   1 
ATOM   263  O O   . SER A 1 42  ? 4.237   -18.060 -2.763  1.00 62.22 ? 38   SER A O   1 
ATOM   264  C CB  . SER A 1 42  ? 7.845   -18.421 -2.222  1.00 61.74 ? 38   SER A CB  1 
ATOM   265  O OG  . SER A 1 42  ? 8.767   -17.504 -2.787  1.00 62.73 ? 38   SER A OG  1 
ATOM   266  N N   . GLU A 1 55  ? 14.187  -10.546 -11.224 1.00 58.14 ? 51   GLU A N   1 
ATOM   267  C CA  . GLU A 1 55  ? 13.403  -9.333  -11.000 1.00 58.06 ? 51   GLU A CA  1 
ATOM   268  C C   . GLU A 1 55  ? 12.827  -8.743  -12.336 1.00 58.22 ? 51   GLU A C   1 
ATOM   269  O O   . GLU A 1 55  ? 13.620  -8.297  -13.220 1.00 57.82 ? 51   GLU A O   1 
ATOM   270  C CB  . GLU A 1 55  ? 14.201  -8.259  -10.233 1.00 57.57 ? 51   GLU A CB  1 
ATOM   271  C CG  . GLU A 1 55  ? 13.268  -7.254  -9.560  1.00 55.40 ? 51   GLU A CG  1 
ATOM   272  C CD  . GLU A 1 55  ? 13.877  -5.861  -9.281  1.00 52.48 ? 51   GLU A CD  1 
ATOM   273  O OE1 . GLU A 1 55  ? 13.922  -4.983  -10.200 1.00 46.28 ? 51   GLU A OE1 1 
ATOM   274  O OE2 . GLU A 1 55  ? 14.241  -5.637  -8.100  1.00 47.85 ? 51   GLU A OE2 1 
ATOM   275  N N   . PRO A 1 56  ? 11.444  -8.720  -12.484 1.00 57.25 ? 52   PRO A N   1 
ATOM   276  C CA  . PRO A 1 56  ? 10.857  -8.294  -13.806 1.00 54.96 ? 52   PRO A CA  1 
ATOM   277  C C   . PRO A 1 56  ? 11.330  -6.853  -14.140 1.00 52.46 ? 52   PRO A C   1 
ATOM   278  O O   . PRO A 1 56  ? 11.604  -6.102  -13.184 1.00 52.52 ? 52   PRO A O   1 
ATOM   279  C CB  . PRO A 1 56  ? 9.342   -8.364  -13.563 1.00 55.30 ? 52   PRO A CB  1 
ATOM   280  C CG  . PRO A 1 56  ? 9.189   -8.218  -12.009 1.00 56.74 ? 52   PRO A CG  1 
ATOM   281  C CD  . PRO A 1 56  ? 10.417  -8.881  -11.417 1.00 57.34 ? 52   PRO A CD  1 
ATOM   282  N N   . ALA A 1 57  ? 11.471  -6.496  -15.427 1.00 48.82 ? 53   ALA A N   1 
ATOM   283  C CA  . ALA A 1 57  ? 11.773  -5.099  -15.869 1.00 46.05 ? 53   ALA A CA  1 
ATOM   284  C C   . ALA A 1 57  ? 10.647  -4.158  -15.491 1.00 43.52 ? 53   ALA A C   1 
ATOM   285  O O   . ALA A 1 57  ? 10.841  -2.938  -15.239 1.00 41.77 ? 53   ALA A O   1 
ATOM   286  C CB  . ALA A 1 57  ? 11.966  -5.022  -17.401 1.00 45.99 ? 53   ALA A CB  1 
ATOM   287  N N   . ARG A 1 58  ? 9.442   -4.738  -15.501 1.00 40.80 ? 54   ARG A N   1 
ATOM   288  C CA  . ARG A 1 58  ? 8.203   -3.968  -15.321 1.00 37.54 ? 54   ARG A CA  1 
ATOM   289  C C   . ARG A 1 58  ? 7.219   -4.677  -14.377 1.00 34.28 ? 54   ARG A C   1 
ATOM   290  O O   . ARG A 1 58  ? 7.206   -5.926  -14.302 1.00 33.96 ? 54   ARG A O   1 
ATOM   291  C CB  . ARG A 1 58  ? 7.580   -3.747  -16.686 1.00 38.40 ? 54   ARG A CB  1 
ATOM   292  C CG  . ARG A 1 58  ? 8.189   -2.610  -17.492 1.00 40.95 ? 54   ARG A CG  1 
ATOM   293  C CD  . ARG A 1 58  ? 7.612   -2.662  -18.880 1.00 44.97 ? 54   ARG A CD  1 
ATOM   294  N NE  . ARG A 1 58  ? 6.583   -1.654  -19.047 1.00 46.04 ? 54   ARG A NE  1 
ATOM   295  C CZ  . ARG A 1 58  ? 6.764   -0.336  -18.871 1.00 51.91 ? 54   ARG A CZ  1 
ATOM   296  N NH1 . ARG A 1 58  ? 7.936   0.193   -18.435 1.00 48.27 ? 54   ARG A NH1 1 
ATOM   297  N NH2 . ARG A 1 58  ? 5.732   0.480   -19.114 1.00 52.74 ? 54   ARG A NH2 1 
ATOM   298  N N   . VAL A 1 59  ? 6.446   -3.874  -13.624 1.00 31.16 ? 55   VAL A N   1 
ATOM   299  C CA  . VAL A 1 59  ? 5.315   -4.372  -12.825 1.00 28.72 ? 55   VAL A CA  1 
ATOM   300  C C   . VAL A 1 59  ? 4.125   -3.431  -13.067 1.00 27.07 ? 55   VAL A C   1 
ATOM   301  O O   . VAL A 1 59  ? 4.290   -2.283  -13.516 1.00 28.76 ? 55   VAL A O   1 
ATOM   302  C CB  . VAL A 1 59  ? 5.675   -4.439  -11.289 1.00 27.00 ? 55   VAL A CB  1 
ATOM   303  C CG1 . VAL A 1 59  ? 6.817   -5.472  -11.039 1.00 27.22 ? 55   VAL A CG1 1 
ATOM   304  C CG2 . VAL A 1 59  ? 5.950   -3.022  -10.704 1.00 27.51 ? 55   VAL A CG2 1 
ATOM   305  N N   . ARG A 1 60  ? 2.936   -3.942  -12.804 1.00 26.08 ? 56   ARG A N   1 
ATOM   306  C CA  . ARG A 1 60  ? 1.738   -3.145  -12.839 1.00 25.68 ? 56   ARG A CA  1 
ATOM   307  C C   . ARG A 1 60  ? 1.156   -3.214  -11.419 1.00 24.96 ? 56   ARG A C   1 
ATOM   308  O O   . ARG A 1 60  ? 1.041   -4.316  -10.862 1.00 26.24 ? 56   ARG A O   1 
ATOM   309  C CB  . ARG A 1 60  ? 0.731   -3.804  -13.826 1.00 25.91 ? 56   ARG A CB  1 
ATOM   310  C CG  . ARG A 1 60  ? -0.481  -2.912  -14.088 1.00 26.10 ? 56   ARG A CG  1 
ATOM   311  C CD  . ARG A 1 60  ? -1.490  -3.576  -14.996 1.00 28.59 ? 56   ARG A CD  1 
ATOM   312  N NE  . ARG A 1 60  ? -2.629  -2.656  -15.196 1.00 31.82 ? 56   ARG A NE  1 
ATOM   313  C CZ  . ARG A 1 60  ? -3.591  -2.843  -16.109 1.00 35.45 ? 56   ARG A CZ  1 
ATOM   314  N NH1 . ARG A 1 60  ? -3.498  -3.886  -16.902 1.00 36.30 ? 56   ARG A NH1 1 
ATOM   315  N NH2 . ARG A 1 60  ? -4.626  -1.994  -16.258 1.00 30.04 ? 56   ARG A NH2 1 
ATOM   316  N N   . CYS A 1 61  ? 0.799   -2.062  -10.865 1.00 22.70 ? 57   CYS A N   1 
ATOM   317  C CA  . CYS A 1 61  ? 0.249   -1.931  -9.509  1.00 23.06 ? 57   CYS A CA  1 
ATOM   318  C C   . CYS A 1 61  ? -0.900  -0.998  -9.507  1.00 21.69 ? 57   CYS A C   1 
ATOM   319  O O   . CYS A 1 61  ? -0.945  -0.060  -10.349 1.00 23.32 ? 57   CYS A O   1 
ATOM   320  C CB  . CYS A 1 61  ? 1.350   -1.379  -8.517  1.00 23.74 ? 57   CYS A CB  1 
ATOM   321  S SG  . CYS A 1 61  ? 2.700   -2.556  -8.299  1.00 26.07 ? 57   CYS A SG  1 
ATOM   322  N N   . SER A 1 62  ? -1.842  -1.259  -8.586  1.00 20.36 ? 58   SER A N   1 
ATOM   323  C CA  . SER A 1 62  ? -2.821  -0.300  -8.154  1.00 20.27 ? 58   SER A CA  1 
ATOM   324  C C   . SER A 1 62  ? -2.434  0.185   -6.777  1.00 21.22 ? 58   SER A C   1 
ATOM   325  O O   . SER A 1 62  ? -1.611  -0.469  -6.066  1.00 21.25 ? 58   SER A O   1 
ATOM   326  C CB  . SER A 1 62  ? -4.194  -0.957  -8.114  1.00 21.74 ? 58   SER A CB  1 
ATOM   327  O OG  . SER A 1 62  ? -4.463  -1.416  -9.416  1.00 22.93 ? 58   SER A OG  1 
ATOM   328  N N   . HIS A 1 63  ? -2.951  1.325   -6.368  1.00 20.65 ? 59   HIS A N   1 
ATOM   329  C CA  . HIS A 1 63  ? -2.758  1.681   -4.962  1.00 21.45 ? 59   HIS A CA  1 
ATOM   330  C C   . HIS A 1 63  ? -3.978  2.428   -4.434  1.00 21.56 ? 59   HIS A C   1 
ATOM   331  O O   . HIS A 1 63  ? -4.850  2.905   -5.210  1.00 21.63 ? 59   HIS A O   1 
ATOM   332  C CB  . HIS A 1 63  ? -1.451  2.473   -4.757  1.00 19.86 ? 59   HIS A CB  1 
ATOM   333  C CG  . HIS A 1 63  ? -1.512  3.885   -5.270  1.00 20.11 ? 59   HIS A CG  1 
ATOM   334  N ND1 . HIS A 1 63  ? -0.946  4.947   -4.607  1.00 21.95 ? 59   HIS A ND1 1 
ATOM   335  C CD2 . HIS A 1 63  ? -2.160  4.423   -6.339  1.00 25.60 ? 59   HIS A CD2 1 
ATOM   336  C CE1 . HIS A 1 63  ? -1.151  6.061   -5.291  1.00 23.95 ? 59   HIS A CE1 1 
ATOM   337  N NE2 . HIS A 1 63  ? -1.918  5.773   -6.336  1.00 23.57 ? 59   HIS A NE2 1 
ATOM   338  N N   . LEU A 1 64  ? -3.982  2.589   -3.116  1.00 21.10 ? 60   LEU A N   1 
ATOM   339  C CA  . LEU A 1 64  ? -4.967  3.423   -2.435  1.00 21.73 ? 60   LEU A CA  1 
ATOM   340  C C   . LEU A 1 64  ? -4.092  4.387   -1.636  1.00 23.15 ? 60   LEU A C   1 
ATOM   341  O O   . LEU A 1 64  ? -3.279  3.936   -0.814  1.00 20.98 ? 60   LEU A O   1 
ATOM   342  C CB  . LEU A 1 64  ? -5.878  2.532   -1.518  1.00 19.07 ? 60   LEU A CB  1 
ATOM   343  C CG  . LEU A 1 64  ? -7.080  3.176   -0.779  1.00 23.35 ? 60   LEU A CG  1 
ATOM   344  C CD1 . LEU A 1 64  ? -8.097  2.108   -0.195  1.00 18.97 ? 60   LEU A CD1 1 
ATOM   345  C CD2 . LEU A 1 64  ? -6.616  4.139   0.279   1.00 22.42 ? 60   LEU A CD2 1 
ATOM   346  N N   . LEU A 1 65  ? -4.261  5.699   -1.851  1.00 23.36 ? 61   LEU A N   1 
ATOM   347  C CA  . LEU A 1 65  ? -3.485  6.731   -1.203  1.00 23.31 ? 61   LEU A CA  1 
ATOM   348  C C   . LEU A 1 65  ? -4.303  7.436   -0.151  1.00 22.33 ? 61   LEU A C   1 
ATOM   349  O O   . LEU A 1 65  ? -5.404  7.919   -0.447  1.00 23.71 ? 61   LEU A O   1 
ATOM   350  C CB  . LEU A 1 65  ? -2.922  7.760   -2.254  1.00 23.34 ? 61   LEU A CB  1 
ATOM   351  C CG  . LEU A 1 65  ? -2.143  8.998   -1.757  1.00 24.44 ? 61   LEU A CG  1 
ATOM   352  C CD1 . LEU A 1 65  ? -0.793  8.802   -0.989  1.00 19.33 ? 61   LEU A CD1 1 
ATOM   353  C CD2 . LEU A 1 65  ? -1.973  10.006  -2.902  1.00 21.69 ? 61   LEU A CD2 1 
ATOM   354  N N   . VAL A 1 66  ? -3.752  7.540   1.071   1.00 21.36 ? 62   VAL A N   1 
ATOM   355  C CA  . VAL A 1 66  ? -4.360  8.399   2.080   1.00 22.91 ? 62   VAL A CA  1 
ATOM   356  C C   . VAL A 1 66  ? -3.317  9.494   2.403   1.00 25.22 ? 62   VAL A C   1 
ATOM   357  O O   . VAL A 1 66  ? -2.180  9.221   2.873   1.00 23.65 ? 62   VAL A O   1 
ATOM   358  C CB  . VAL A 1 66  ? -4.832  7.610   3.306   1.00 21.84 ? 62   VAL A CB  1 
ATOM   359  C CG1 . VAL A 1 66  ? -5.475  8.591   4.432   1.00 22.85 ? 62   VAL A CG1 1 
ATOM   360  C CG2 . VAL A 1 66  ? -5.855  6.585   2.842   1.00 21.87 ? 62   VAL A CG2 1 
ATOM   361  N N   . LYS A 1 67  ? -3.710  10.708  2.030   1.00 24.12 ? 63   LYS A N   1 
ATOM   362  C CA  . LYS A 1 67  ? -2.920  11.901  2.256   1.00 28.11 ? 63   LYS A CA  1 
ATOM   363  C C   . LYS A 1 67  ? -3.094  12.425  3.667   1.00 27.86 ? 63   LYS A C   1 
ATOM   364  O O   . LYS A 1 67  ? -4.081  12.128  4.357   1.00 28.69 ? 63   LYS A O   1 
ATOM   365  C CB  . LYS A 1 67  ? -3.354  12.987  1.261   1.00 27.91 ? 63   LYS A CB  1 
ATOM   366  C CG  . LYS A 1 67  ? -2.766  12.741  -0.118  1.00 28.45 ? 63   LYS A CG  1 
ATOM   367  C CD  . LYS A 1 67  ? -3.023  13.993  -1.046  1.00 25.37 ? 63   LYS A CD  1 
ATOM   368  C CE  . LYS A 1 67  ? -2.339  13.682  -2.380  1.00 29.83 ? 63   LYS A CE  1 
ATOM   369  N NZ  . LYS A 1 67  ? -2.217  14.887  -3.298  1.00 28.50 ? 63   LYS A NZ  1 
ATOM   370  N N   . HIS A 1 68  ? -2.140  13.214  4.127   1.00 28.88 ? 64   HIS A N   1 
ATOM   371  C CA  . HIS A 1 68  ? -2.317  13.800  5.467   1.00 29.63 ? 64   HIS A CA  1 
ATOM   372  C C   . HIS A 1 68  ? -1.796  15.255  5.379   1.00 31.64 ? 64   HIS A C   1 
ATOM   373  O O   . HIS A 1 68  ? -1.266  15.685  4.299   1.00 30.23 ? 64   HIS A O   1 
ATOM   374  C CB  . HIS A 1 68  ? -1.600  12.958  6.534   1.00 27.22 ? 64   HIS A CB  1 
ATOM   375  C CG  . HIS A 1 68  ? -0.183  12.616  6.155   1.00 28.93 ? 64   HIS A CG  1 
ATOM   376  N ND1 . HIS A 1 68  ? 0.798   13.569  6.054   1.00 26.66 ? 64   HIS A ND1 1 
ATOM   377  C CD2 . HIS A 1 68  ? 0.387   11.450  5.731   1.00 24.89 ? 64   HIS A CD2 1 
ATOM   378  C CE1 . HIS A 1 68  ? 1.923   13.022  5.604   1.00 28.97 ? 64   HIS A CE1 1 
ATOM   379  N NE2 . HIS A 1 68  ? 1.707   11.723  5.427   1.00 28.40 ? 64   HIS A NE2 1 
ATOM   380  N N   . SER A 1 69  ? -1.881  15.968  6.517   1.00 33.41 ? 65   SER A N   1 
ATOM   381  C CA  . SER A 1 69  ? -1.430  17.380  6.595   1.00 34.76 ? 65   SER A CA  1 
ATOM   382  C C   . SER A 1 69  ? 0.046   17.662  6.230   1.00 35.42 ? 65   SER A C   1 
ATOM   383  O O   . SER A 1 69  ? 0.362   18.792  5.779   1.00 37.10 ? 65   SER A O   1 
ATOM   384  C CB  . SER A 1 69  ? -1.812  18.036  7.954   1.00 35.44 ? 65   SER A CB  1 
ATOM   385  O OG  . SER A 1 69  ? -0.988  17.552  8.988   1.00 35.36 ? 65   SER A OG  1 
ATOM   386  N N   . GLN A 1 70  ? 0.933   16.670  6.359   1.00 35.10 ? 66   GLN A N   1 
ATOM   387  C CA  . GLN A 1 70  ? 2.305   16.806  5.882   1.00 34.57 ? 66   GLN A CA  1 
ATOM   388  C C   . GLN A 1 70  ? 2.577   16.223  4.464   1.00 35.16 ? 66   GLN A C   1 
ATOM   389  O O   . GLN A 1 70  ? 3.767   16.142  4.035   1.00 35.66 ? 66   GLN A O   1 
ATOM   390  C CB  . GLN A 1 70  ? 3.287   16.156  6.875   1.00 35.55 ? 66   GLN A CB  1 
ATOM   391  C CG  . GLN A 1 70  ? 3.552   16.903  8.177   1.00 38.68 ? 66   GLN A CG  1 
ATOM   392  C CD  . GLN A 1 70  ? 4.857   16.316  8.901   1.00 46.43 ? 66   GLN A CD  1 
ATOM   393  O OE1 . GLN A 1 70  ? 6.055   16.595  8.495   1.00 41.70 ? 66   GLN A OE1 1 
ATOM   394  N NE2 . GLN A 1 70  ? 4.598   15.424  9.905   1.00 48.16 ? 66   GLN A NE2 1 
ATOM   395  N N   . SER A 1 71  ? 1.530   15.818  3.711   1.00 33.34 ? 67   SER A N   1 
ATOM   396  C CA  . SER A 1 71  ? 1.761   15.400  2.345   1.00 31.75 ? 67   SER A CA  1 
ATOM   397  C C   . SER A 1 71  ? 2.338   16.546  1.549   1.00 32.69 ? 67   SER A C   1 
ATOM   398  O O   . SER A 1 71  ? 2.006   17.688  1.804   1.00 30.03 ? 67   SER A O   1 
ATOM   399  C CB  . SER A 1 71  ? 0.476   14.864  1.655   1.00 31.72 ? 67   SER A CB  1 
ATOM   400  O OG  . SER A 1 71  ? -0.005  13.658  2.280   1.00 27.40 ? 67   SER A OG  1 
ATOM   401  N N   . ARG A 1 72  ? 3.125   16.214  0.532   1.00 35.18 ? 68   ARG A N   1 
ATOM   402  C CA  . ARG A 1 72  ? 3.632   17.259  -0.354  1.00 38.28 ? 68   ARG A CA  1 
ATOM   403  C C   . ARG A 1 72  ? 2.525   18.118  -0.942  1.00 38.17 ? 68   ARG A C   1 
ATOM   404  O O   . ARG A 1 72  ? 2.688   19.350  -1.026  1.00 37.58 ? 68   ARG A O   1 
ATOM   405  C CB  . ARG A 1 72  ? 4.609   16.752  -1.385  1.00 38.57 ? 68   ARG A CB  1 
ATOM   406  C CG  . ARG A 1 72  ? 4.039   16.638  -2.762  1.00 47.07 ? 68   ARG A CG  1 
ATOM   407  C CD  . ARG A 1 72  ? 3.645   15.245  -3.053  1.00 56.55 ? 68   ARG A CD  1 
ATOM   408  N NE  . ARG A 1 72  ? 4.711   14.522  -3.745  1.00 62.03 ? 68   ARG A NE  1 
ATOM   409  C CZ  . ARG A 1 72  ? 4.576   13.899  -4.912  1.00 64.75 ? 68   ARG A CZ  1 
ATOM   410  N NH1 . ARG A 1 72  ? 3.416   13.882  -5.555  1.00 67.32 ? 68   ARG A NH1 1 
ATOM   411  N NH2 . ARG A 1 72  ? 5.616   13.286  -5.444  1.00 66.40 ? 68   ARG A NH2 1 
ATOM   412  N N   . ARG A 1 73  ? 1.382   17.538  -1.293  1.00 37.63 ? 69   ARG A N   1 
ATOM   413  C CA  A ARG A 1 73  ? 0.237   18.334  -1.712  0.50 38.09 ? 69   ARG A CA  1 
ATOM   414  C CA  B ARG A 1 73  ? 0.245   18.348  -1.712  0.50 38.05 ? 69   ARG A CA  1 
ATOM   415  C C   . ARG A 1 73  ? -0.991  17.943  -0.897  1.00 37.80 ? 69   ARG A C   1 
ATOM   416  O O   . ARG A 1 73  ? -1.691  16.997  -1.278  1.00 39.34 ? 69   ARG A O   1 
ATOM   417  C CB  A ARG A 1 73  ? -0.058  18.112  -3.189  0.50 38.48 ? 69   ARG A CB  1 
ATOM   418  C CB  B ARG A 1 73  ? 0.015   18.231  -3.228  0.50 38.47 ? 69   ARG A CB  1 
ATOM   419  C CG  A ARG A 1 73  ? 1.033   18.533  -4.144  0.50 41.05 ? 69   ARG A CG  1 
ATOM   420  C CG  B ARG A 1 73  ? 1.327   18.160  -4.038  0.50 40.71 ? 69   ARG A CG  1 
ATOM   421  C CD  A ARG A 1 73  ? 0.369   18.652  -5.484  0.50 44.85 ? 69   ARG A CD  1 
ATOM   422  C CD  B ARG A 1 73  ? 1.105   18.048  -5.526  0.50 44.71 ? 69   ARG A CD  1 
ATOM   423  N NE  A ARG A 1 73  ? -1.061  18.723  -5.243  0.50 46.11 ? 69   ARG A NE  1 
ATOM   424  N NE  B ARG A 1 73  ? 2.047   17.135  -6.161  0.50 46.38 ? 69   ARG A NE  1 
ATOM   425  C CZ  A ARG A 1 73  ? -1.968  18.779  -6.203  0.50 49.31 ? 69   ARG A CZ  1 
ATOM   426  C CZ  B ARG A 1 73  ? 3.288   17.463  -6.505  0.50 47.82 ? 69   ARG A CZ  1 
ATOM   427  N NH1 A ARG A 1 73  ? -3.258  18.833  -5.884  0.50 49.09 ? 69   ARG A NH1 1 
ATOM   428  N NH1 B ARG A 1 73  ? 4.070   16.563  -7.092  0.50 45.92 ? 69   ARG A NH1 1 
ATOM   429  N NH2 A ARG A 1 73  ? -1.576  18.773  -7.479  0.50 48.72 ? 69   ARG A NH2 1 
ATOM   430  N NH2 B ARG A 1 73  ? 3.748   18.682  -6.253  0.50 46.74 ? 69   ARG A NH2 1 
ATOM   431  N N   . PRO A 1 74  ? -1.268  18.659  0.237   1.00 36.97 ? 70   PRO A N   1 
ATOM   432  C CA  . PRO A 1 74  ? -2.387  18.306  1.086   1.00 36.54 ? 70   PRO A CA  1 
ATOM   433  C C   . PRO A 1 74  ? -3.757  18.686  0.502   1.00 36.02 ? 70   PRO A C   1 
ATOM   434  O O   . PRO A 1 74  ? -4.550  19.400  1.148   1.00 34.44 ? 70   PRO A O   1 
ATOM   435  C CB  . PRO A 1 74  ? -2.094  19.054  2.422   1.00 37.95 ? 70   PRO A CB  1 
ATOM   436  C CG  . PRO A 1 74  ? -0.970  19.988  2.143   1.00 37.63 ? 70   PRO A CG  1 
ATOM   437  C CD  . PRO A 1 74  ? -0.632  19.928  0.684   1.00 36.86 ? 70   PRO A CD  1 
ATOM   438  N N   . SER A 1 75  ? -4.047  18.135  -0.684  1.00 35.10 ? 71   SER A N   1 
ATOM   439  C CA  . SER A 1 75  ? -5.208  18.467  -1.462  1.00 34.51 ? 71   SER A CA  1 
ATOM   440  C C   . SER A 1 75  ? -5.489  17.227  -2.262  1.00 33.41 ? 71   SER A C   1 
ATOM   441  O O   . SER A 1 75  ? -4.517  16.578  -2.728  1.00 31.59 ? 71   SER A O   1 
ATOM   442  C CB  . SER A 1 75  ? -4.808  19.507  -2.521  1.00 35.24 ? 71   SER A CB  1 
ATOM   443  O OG  . SER A 1 75  ? -5.851  20.452  -2.617  1.00 44.70 ? 71   SER A OG  1 
ATOM   444  N N   . SER A 1 76  ? -6.780  16.900  -2.465  1.00 32.98 ? 72   SER A N   1 
ATOM   445  C CA  . SER A 1 76  ? -7.093  15.891  -3.524  1.00 33.37 ? 72   SER A CA  1 
ATOM   446  C C   . SER A 1 76  ? -8.481  16.084  -4.147  1.00 33.65 ? 72   SER A C   1 
ATOM   447  O O   . SER A 1 76  ? -9.274  16.917  -3.656  1.00 35.29 ? 72   SER A O   1 
ATOM   448  C CB  . SER A 1 76  ? -7.024  14.468  -2.901  1.00 31.16 ? 72   SER A CB  1 
ATOM   449  O OG  . SER A 1 76  ? -8.161  14.312  -2.051  1.00 28.06 ? 72   SER A OG  1 
ATOM   450  N N   . TRP A 1 77  ? -8.813  15.293  -5.175  1.00 33.64 ? 73   TRP A N   1 
ATOM   451  C CA  . TRP A 1 77  ? -10.207 15.236  -5.637  1.00 33.59 ? 73   TRP A CA  1 
ATOM   452  C C   . TRP A 1 77  ? -11.221 15.079  -4.474  1.00 34.23 ? 73   TRP A C   1 
ATOM   453  O O   . TRP A 1 77  ? -12.369 15.506  -4.616  1.00 33.81 ? 73   TRP A O   1 
ATOM   454  C CB  . TRP A 1 77  ? -10.449 14.190  -6.775  1.00 33.80 ? 73   TRP A CB  1 
ATOM   455  C CG  . TRP A 1 77  ? -10.433 12.736  -6.291  1.00 35.30 ? 73   TRP A CG  1 
ATOM   456  C CD1 . TRP A 1 77  ? -9.341  11.907  -6.196  1.00 31.51 ? 73   TRP A CD1 1 
ATOM   457  C CD2 . TRP A 1 77  ? -11.580 11.966  -5.799  1.00 35.48 ? 73   TRP A CD2 1 
ATOM   458  N NE1 . TRP A 1 77  ? -9.740  10.655  -5.651  1.00 36.79 ? 73   TRP A NE1 1 
ATOM   459  C CE2 . TRP A 1 77  ? -11.098 10.672  -5.425  1.00 32.64 ? 73   TRP A CE2 1 
ATOM   460  C CE3 . TRP A 1 77  ? -12.975 12.242  -5.674  1.00 32.15 ? 73   TRP A CE3 1 
ATOM   461  C CZ2 . TRP A 1 77  ? -11.964 9.660   -4.889  1.00 36.38 ? 73   TRP A CZ2 1 
ATOM   462  C CZ3 . TRP A 1 77  ? -13.837 11.231  -5.101  1.00 34.85 ? 73   TRP A CZ3 1 
ATOM   463  C CH2 . TRP A 1 77  ? -13.327 9.971   -4.733  1.00 33.95 ? 73   TRP A CH2 1 
ATOM   464  N N   . ARG A 1 78  ? -10.842 14.487  -3.328  1.00 34.14 ? 74   ARG A N   1 
ATOM   465  C CA  . ARG A 1 78  ? -11.850 14.167  -2.260  1.00 34.30 ? 74   ARG A CA  1 
ATOM   466  C C   . ARG A 1 78  ? -12.069 15.342  -1.330  1.00 35.10 ? 74   ARG A C   1 
ATOM   467  O O   . ARG A 1 78  ? -13.129 15.456  -0.702  1.00 34.52 ? 74   ARG A O   1 
ATOM   468  C CB  . ARG A 1 78  ? -11.521 12.929  -1.380  1.00 33.08 ? 74   ARG A CB  1 
ATOM   469  C CG  . ARG A 1 78  ? -10.931 11.744  -2.112  1.00 32.68 ? 74   ARG A CG  1 
ATOM   470  C CD  . ARG A 1 78  ? -10.993 10.441  -1.263  1.00 32.45 ? 74   ARG A CD  1 
ATOM   471  N NE  . ARG A 1 78  ? -12.264 10.275  -0.571  1.00 28.94 ? 74   ARG A NE  1 
ATOM   472  C CZ  . ARG A 1 78  ? -12.442 10.107  0.750   1.00 33.11 ? 74   ARG A CZ  1 
ATOM   473  N NH1 . ARG A 1 78  ? -11.419 10.033  1.617   1.00 32.67 ? 74   ARG A NH1 1 
ATOM   474  N NH2 . ARG A 1 78  ? -13.698 9.995   1.209   1.00 35.35 ? 74   ARG A NH2 1 
ATOM   475  N N   . GLN A 1 79  ? -11.066 16.205  -1.244  1.00 35.49 ? 75   GLN A N   1 
ATOM   476  C CA  . GLN A 1 79  ? -11.042 17.156  -0.165  1.00 37.55 ? 75   GLN A CA  1 
ATOM   477  C C   . GLN A 1 79  ? -10.053 18.202  -0.569  1.00 37.33 ? 75   GLN A C   1 
ATOM   478  O O   . GLN A 1 79  ? -8.877  17.907  -0.811  1.00 36.92 ? 75   GLN A O   1 
ATOM   479  C CB  . GLN A 1 79  ? -10.603 16.448  1.110   1.00 38.96 ? 75   GLN A CB  1 
ATOM   480  C CG  . GLN A 1 79  ? -11.221 16.975  2.356   1.00 43.75 ? 75   GLN A CG  1 
ATOM   481  C CD  . GLN A 1 79  ? -10.589 16.370  3.573   1.00 49.48 ? 75   GLN A CD  1 
ATOM   482  O OE1 . GLN A 1 79  ? -9.767  15.431  3.489   1.00 51.03 ? 75   GLN A OE1 1 
ATOM   483  N NE2 . GLN A 1 79  ? -10.946 16.913  4.728   1.00 52.71 ? 75   GLN A NE2 1 
ATOM   484  N N   . GLU A 1 80  ? -10.576 19.412  -0.737  1.00 37.22 ? 76   GLU A N   1 
ATOM   485  C CA  . GLU A 1 80  ? -9.784  20.615  -1.066  1.00 36.26 ? 76   GLU A CA  1 
ATOM   486  C C   . GLU A 1 80  ? -8.567  20.891  -0.113  1.00 35.33 ? 76   GLU A C   1 
ATOM   487  O O   . GLU A 1 80  ? -7.405  21.164  -0.559  1.00 34.68 ? 76   GLU A O   1 
ATOM   488  C CB  . GLU A 1 80  ? -10.705 21.843  -1.212  1.00 36.59 ? 76   GLU A CB  1 
ATOM   489  C CG  . GLU A 1 80  ? -9.925  22.990  -1.830  1.00 39.03 ? 76   GLU A CG  1 
ATOM   490  C CD  . GLU A 1 80  ? -10.797 24.078  -2.405  1.00 40.04 ? 76   GLU A CD  1 
ATOM   491  O OE1 . GLU A 1 80  ? -10.240 24.810  -3.242  1.00 37.19 ? 76   GLU A OE1 1 
ATOM   492  O OE2 . GLU A 1 80  ? -11.981 24.206  -1.988  1.00 36.43 ? 76   GLU A OE2 1 
ATOM   493  N N   . LYS A 1 81  ? -8.798  20.796  1.184   1.00 35.15 ? 77   LYS A N   1 
ATOM   494  C CA  . LYS A 1 81  ? -7.701  20.982  2.113   1.00 36.02 ? 77   LYS A CA  1 
ATOM   495  C C   . LYS A 1 81  ? -7.686  19.697  2.951   1.00 34.75 ? 77   LYS A C   1 
ATOM   496  O O   . LYS A 1 81  ? -8.646  19.408  3.671   1.00 35.55 ? 77   LYS A O   1 
ATOM   497  C CB  . LYS A 1 81  ? -7.943  22.209  2.979   1.00 37.82 ? 77   LYS A CB  1 
ATOM   498  C CG  . LYS A 1 81  ? -6.872  22.392  4.088   1.00 40.27 ? 77   LYS A CG  1 
ATOM   499  C CD  . LYS A 1 81  ? -7.323  23.467  5.147   1.00 45.47 ? 77   LYS A CD  1 
ATOM   500  C CE  . LYS A 1 81  ? -6.114  23.904  6.029   1.00 44.14 ? 77   LYS A CE  1 
ATOM   501  N NZ  . LYS A 1 81  ? -4.880  23.816  5.112   1.00 45.65 ? 77   LYS A NZ  1 
ATOM   502  N N   . ILE A 1 82  ? -6.594  18.947  2.845   1.00 33.59 ? 78   ILE A N   1 
ATOM   503  C CA  . ILE A 1 82  ? -6.439  17.744  3.728   1.00 33.38 ? 78   ILE A CA  1 
ATOM   504  C C   . ILE A 1 82  ? -5.837  18.095  5.091   1.00 32.66 ? 78   ILE A C   1 
ATOM   505  O O   . ILE A 1 82  ? -4.796  18.675  5.145   1.00 33.16 ? 78   ILE A O   1 
ATOM   506  C CB  . ILE A 1 82  ? -5.709  16.570  3.034   1.00 33.34 ? 78   ILE A CB  1 
ATOM   507  C CG1 . ILE A 1 82  ? -6.711  15.968  2.013   1.00 33.76 ? 78   ILE A CG1 1 
ATOM   508  C CG2 . ILE A 1 82  ? -5.337  15.423  4.087   1.00 29.75 ? 78   ILE A CG2 1 
ATOM   509  C CD1 . ILE A 1 82  ? -6.157  15.589  0.881   1.00 28.87 ? 78   ILE A CD1 1 
ATOM   510  N N   . THR A 1 83  ? -6.495  17.694  6.170   1.00 33.19 ? 79   THR A N   1 
ATOM   511  C CA  . THR A 1 83  ? -6.154  18.172  7.499   1.00 34.25 ? 79   THR A CA  1 
ATOM   512  C C   . THR A 1 83  ? -5.854  17.043  8.476   1.00 34.75 ? 79   THR A C   1 
ATOM   513  O O   . THR A 1 83  ? -5.240  17.281  9.560   1.00 33.97 ? 79   THR A O   1 
ATOM   514  C CB  . THR A 1 83  ? -7.313  19.042  8.038   1.00 33.51 ? 79   THR A CB  1 
ATOM   515  O OG1 . THR A 1 83  ? -8.510  18.271  8.055   1.00 35.75 ? 79   THR A OG1 1 
ATOM   516  C CG2 . THR A 1 83  ? -7.528  20.233  7.110   1.00 34.48 ? 79   THR A CG2 1 
ATOM   517  N N   . ARG A 1 84  ? -6.306  15.821  8.126   1.00 33.71 ? 80   ARG A N   1 
ATOM   518  C CA  . ARG A 1 84  ? -5.981  14.663  8.970   1.00 31.69 ? 80   ARG A CA  1 
ATOM   519  C C   . ARG A 1 84  ? -4.461  14.661  9.225   1.00 30.32 ? 80   ARG A C   1 
ATOM   520  O O   . ARG A 1 84  ? -3.664  15.101  8.396   1.00 30.59 ? 80   ARG A O   1 
ATOM   521  C CB  . ARG A 1 84  ? -6.470  13.359  8.326   1.00 31.09 ? 80   ARG A CB  1 
ATOM   522  C CG  . ARG A 1 84  ? -5.655  12.936  7.089   1.00 28.12 ? 80   ARG A CG  1 
ATOM   523  C CD  . ARG A 1 84  ? -6.137  11.561  6.675   1.00 26.92 ? 80   ARG A CD  1 
ATOM   524  N NE  . ARG A 1 84  ? -7.538  11.576  6.152   1.00 28.53 ? 80   ARG A NE  1 
ATOM   525  C CZ  . ARG A 1 84  ? -7.898  11.789  4.880   1.00 29.06 ? 80   ARG A CZ  1 
ATOM   526  N NH1 . ARG A 1 84  ? -6.957  12.064  3.949   1.00 27.12 ? 80   ARG A NH1 1 
ATOM   527  N NH2 . ARG A 1 84  ? -9.193  11.730  4.524   1.00 25.50 ? 80   ARG A NH2 1 
ATOM   528  N N   . THR A 1 85  ? -4.063  14.190  10.395  1.00 29.99 ? 81   THR A N   1 
ATOM   529  C CA  . THR A 1 85  ? -2.680  14.028  10.720  1.00 30.30 ? 81   THR A CA  1 
ATOM   530  C C   . THR A 1 85  ? -2.067  12.766  10.067  1.00 29.86 ? 81   THR A C   1 
ATOM   531  O O   . THR A 1 85  ? -2.762  11.796  9.697   1.00 29.29 ? 81   THR A O   1 
ATOM   532  C CB  . THR A 1 85  ? -2.500  14.003  12.271  1.00 30.51 ? 81   THR A CB  1 
ATOM   533  O OG1 . THR A 1 85  ? -3.140  12.839  12.837  1.00 32.57 ? 81   THR A OG1 1 
ATOM   534  C CG2 . THR A 1 85  ? -3.133  15.305  12.974  1.00 33.55 ? 81   THR A CG2 1 
ATOM   535  N N   . LYS A 1 86  ? -0.760  12.751  9.906   1.00 30.50 ? 82   LYS A N   1 
ATOM   536  C CA  . LYS A 1 86  ? -0.117  11.491  9.554   1.00 30.73 ? 82   LYS A CA  1 
ATOM   537  C C   . LYS A 1 86  ? -0.658  10.239  10.331  1.00 30.86 ? 82   LYS A C   1 
ATOM   538  O O   . LYS A 1 86  ? -0.947  9.183   9.733   1.00 29.61 ? 82   LYS A O   1 
ATOM   539  C CB  . LYS A 1 86  ? 1.399   11.609  9.606   1.00 31.98 ? 82   LYS A CB  1 
ATOM   540  C CG  . LYS A 1 86  ? 2.051   10.287  9.165   1.00 33.83 ? 82   LYS A CG  1 
ATOM   541  C CD  . LYS A 1 86  ? 3.623   10.363  9.267   1.00 37.16 ? 82   LYS A CD  1 
ATOM   542  C CE  . LYS A 1 86  ? 4.198   11.490  8.477   1.00 39.69 ? 82   LYS A CE  1 
ATOM   543  N NZ  . LYS A 1 86  ? 5.567   11.685  8.970   1.00 40.20 ? 82   LYS A NZ  1 
ATOM   544  N N   . GLU A 1 87  ? -0.832  10.343  11.643  1.00 31.49 ? 83   GLU A N   1 
ATOM   545  C CA  . GLU A 1 87  ? -1.215  9.186   12.457  1.00 32.06 ? 83   GLU A CA  1 
ATOM   546  C C   . GLU A 1 87  ? -2.671  8.771   12.160  1.00 30.26 ? 83   GLU A C   1 
ATOM   547  O O   . GLU A 1 87  ? -3.083  7.596   12.303  1.00 26.35 ? 83   GLU A O   1 
ATOM   548  C CB  . GLU A 1 87  ? -1.083  9.594   13.943  1.00 34.18 ? 83   GLU A CB  1 
ATOM   549  C CG  . GLU A 1 87  ? -1.419  8.528   14.964  1.00 43.41 ? 83   GLU A CG  1 
ATOM   550  C CD  . GLU A 1 87  ? -1.833  9.188   16.308  1.00 54.55 ? 83   GLU A CD  1 
ATOM   551  O OE1 . GLU A 1 87  ? -0.999  9.349   17.231  1.00 53.69 ? 83   GLU A OE1 1 
ATOM   552  O OE2 . GLU A 1 87  ? -3.007  9.609   16.401  1.00 59.77 ? 83   GLU A OE2 1 
ATOM   553  N N   . GLU A 1 88  ? -3.483  9.762   11.811  1.00 27.99 ? 84   GLU A N   1 
ATOM   554  C CA  . GLU A 1 88  ? -4.925  9.529   11.582  1.00 27.88 ? 84   GLU A CA  1 
ATOM   555  C C   . GLU A 1 88  ? -5.046  8.870   10.184  1.00 25.63 ? 84   GLU A C   1 
ATOM   556  O O   . GLU A 1 88  ? -5.847  7.958   9.986   1.00 24.80 ? 84   GLU A O   1 
ATOM   557  C CB  . GLU A 1 88  ? -5.691  10.823  11.554  1.00 27.61 ? 84   GLU A CB  1 
ATOM   558  C CG  . GLU A 1 88  ? -6.242  11.294  12.867  1.00 32.74 ? 84   GLU A CG  1 
ATOM   559  C CD  . GLU A 1 88  ? -6.649  12.772  12.828  1.00 35.89 ? 84   GLU A CD  1 
ATOM   560  O OE1 . GLU A 1 88  ? -7.265  13.162  13.826  1.00 42.34 ? 84   GLU A OE1 1 
ATOM   561  O OE2 . GLU A 1 88  ? -6.364  13.525  11.858  1.00 35.80 ? 84   GLU A OE2 1 
ATOM   562  N N   . ALA A 1 89  ? -4.176  9.283   9.282   1.00 23.01 ? 85   ALA A N   1 
ATOM   563  C CA  . ALA A 1 89  ? -4.033  8.617   7.974   1.00 23.50 ? 85   ALA A CA  1 
ATOM   564  C C   . ALA A 1 89  ? -3.610  7.150   8.106   1.00 23.27 ? 85   ALA A C   1 
ATOM   565  O O   . ALA A 1 89  ? -4.080  6.275   7.326   1.00 21.83 ? 85   ALA A O   1 
ATOM   566  C CB  . ALA A 1 89  ? -3.033  9.374   7.085   1.00 20.76 ? 85   ALA A CB  1 
ATOM   567  N N   . LEU A 1 90  ? -2.666  6.886   9.009   1.00 22.90 ? 86   LEU A N   1 
ATOM   568  C CA  . LEU A 1 90  ? -2.157  5.512   9.157   1.00 22.89 ? 86   LEU A CA  1 
ATOM   569  C C   . LEU A 1 90  ? -3.293  4.668   9.742   1.00 22.62 ? 86   LEU A C   1 
ATOM   570  O O   . LEU A 1 90  ? -3.527  3.531   9.318   1.00 22.68 ? 86   LEU A O   1 
ATOM   571  C CB  . LEU A 1 90  ? -0.904  5.444   9.979   1.00 21.18 ? 86   LEU A CB  1 
ATOM   572  C CG  . LEU A 1 90  ? -0.337  4.014   10.225  1.00 27.04 ? 86   LEU A CG  1 
ATOM   573  C CD1 . LEU A 1 90  ? 0.143   3.299   8.898   1.00 23.75 ? 86   LEU A CD1 1 
ATOM   574  C CD2 . LEU A 1 90  ? 0.879   4.105   11.237  1.00 28.81 ? 86   LEU A CD2 1 
ATOM   575  N N   . GLU A 1 91  ? -4.058  5.243   10.623  1.00 24.09 ? 87   GLU A N   1 
ATOM   576  C CA  . GLU A 1 91  ? -5.198  4.532   11.167  1.00 25.45 ? 87   GLU A CA  1 
ATOM   577  C C   . GLU A 1 91  ? -6.251  4.174   10.084  1.00 24.87 ? 87   GLU A C   1 
ATOM   578  O O   . GLU A 1 91  ? -6.814  3.063   10.139  1.00 23.27 ? 87   GLU A O   1 
ATOM   579  C CB  . GLU A 1 91  ? -5.879  5.423   12.190  1.00 28.43 ? 87   GLU A CB  1 
ATOM   580  C CG  . GLU A 1 91  ? -6.445  4.648   13.307  1.00 40.72 ? 87   GLU A CG  1 
ATOM   581  C CD  . GLU A 1 91  ? -7.744  5.269   13.855  1.00 55.38 ? 87   GLU A CD  1 
ATOM   582  O OE1 . GLU A 1 91  ? -8.708  4.458   14.167  1.00 59.08 ? 87   GLU A OE1 1 
ATOM   583  O OE2 . GLU A 1 91  ? -7.776  6.553   13.962  1.00 59.42 ? 87   GLU A OE2 1 
ATOM   584  N N   . LEU A 1 92  ? -6.561  5.111   9.163   1.00 22.78 ? 88   LEU A N   1 
ATOM   585  C CA  . LEU A 1 92  ? -7.456  4.835   8.037   1.00 22.49 ? 88   LEU A CA  1 
ATOM   586  C C   . LEU A 1 92  ? -6.927  3.697   7.159   1.00 23.36 ? 88   LEU A C   1 
ATOM   587  O O   . LEU A 1 92  ? -7.694  2.803   6.759   1.00 24.26 ? 88   LEU A O   1 
ATOM   588  C CB  . LEU A 1 92  ? -7.669  6.104   7.189   1.00 22.16 ? 88   LEU A CB  1 
ATOM   589  C CG  . LEU A 1 92  ? -8.539  7.205   7.875   1.00 23.65 ? 88   LEU A CG  1 
ATOM   590  C CD1 . LEU A 1 92  ? -8.487  8.565   7.182   1.00 23.10 ? 88   LEU A CD1 1 
ATOM   591  C CD2 . LEU A 1 92  ? -10.052 6.750   7.951   1.00 26.05 ? 88   LEU A CD2 1 
ATOM   592  N N   . ILE A 1 93  ? -5.647  3.797   6.796   1.00 22.85 ? 89   ILE A N   1 
ATOM   593  C CA  . ILE A 1 93  ? -4.928  2.782   5.987   1.00 22.18 ? 89   ILE A CA  1 
ATOM   594  C C   . ILE A 1 93  ? -5.059  1.373   6.658   1.00 23.05 ? 89   ILE A C   1 
ATOM   595  O O   . ILE A 1 93  ? -5.378  0.359   5.985   1.00 21.53 ? 89   ILE A O   1 
ATOM   596  C CB  . ILE A 1 93  ? -3.433  3.191   5.798   1.00 21.97 ? 89   ILE A CB  1 
ATOM   597  C CG1 . ILE A 1 93  ? -3.322  4.331   4.796   1.00 20.00 ? 89   ILE A CG1 1 
ATOM   598  C CG2 . ILE A 1 93  ? -2.492  1.954   5.311   1.00 19.21 ? 89   ILE A CG2 1 
ATOM   599  C CD1 . ILE A 1 93  ? -3.413  3.901   3.222   1.00 18.76 ? 89   ILE A CD1 1 
ATOM   600  N N   . ASN A 1 94  ? -4.740  1.308   7.956   1.00 23.52 ? 90   ASN A N   1 
ATOM   601  C CA  . ASN A 1 94  ? -4.840  0.044   8.706   1.00 24.59 ? 90   ASN A CA  1 
ATOM   602  C C   . ASN A 1 94  ? -6.280  -0.529  8.711   1.00 23.21 ? 90   ASN A C   1 
ATOM   603  O O   . ASN A 1 94  ? -6.406  -1.750  8.645   1.00 24.44 ? 90   ASN A O   1 
ATOM   604  C CB  . ASN A 1 94  ? -4.317  0.171   10.161  1.00 24.29 ? 90   ASN A CB  1 
ATOM   605  C CG  . ASN A 1 94  ? -2.815  0.440   10.255  1.00 27.23 ? 90   ASN A CG  1 
ATOM   606  O OD1 . ASN A 1 94  ? -2.010  0.051   9.413   1.00 31.05 ? 90   ASN A OD1 1 
ATOM   607  N ND2 . ASN A 1 94  ? -2.441  1.119   11.309  1.00 29.80 ? 90   ASN A ND2 1 
ATOM   608  N N   . GLY A 1 95  ? -7.308  0.316   8.878   1.00 22.22 ? 91   GLY A N   1 
ATOM   609  C CA  . GLY A 1 95  ? -8.746  -0.071  8.800   1.00 22.30 ? 91   GLY A CA  1 
ATOM   610  C C   . GLY A 1 95  ? -9.009  -0.648  7.378   1.00 23.79 ? 91   GLY A C   1 
ATOM   611  O O   . GLY A 1 95  ? -9.691  -1.665  7.244   1.00 24.65 ? 91   GLY A O   1 
ATOM   612  N N   . TYR A 1 96  ? -8.507  0.002   6.314   1.00 21.65 ? 92   TYR A N   1 
ATOM   613  C CA  . TYR A 1 96  ? -8.794  -0.457  4.957   1.00 20.87 ? 92   TYR A CA  1 
ATOM   614  C C   . TYR A 1 96  ? -8.074  -1.771  4.700   1.00 21.21 ? 92   TYR A C   1 
ATOM   615  O O   . TYR A 1 96  ? -8.605  -2.657  4.074   1.00 20.41 ? 92   TYR A O   1 
ATOM   616  C CB  . TYR A 1 96  ? -8.285  0.523   3.920   1.00 22.64 ? 92   TYR A CB  1 
ATOM   617  C CG  . TYR A 1 96  ? -8.956  1.837   3.930   1.00 21.72 ? 92   TYR A CG  1 
ATOM   618  C CD1 . TYR A 1 96  ? -8.260  2.968   3.510   1.00 21.33 ? 92   TYR A CD1 1 
ATOM   619  C CD2 . TYR A 1 96  ? -10.297 1.985   4.376   1.00 25.31 ? 92   TYR A CD2 1 
ATOM   620  C CE1 . TYR A 1 96  ? -8.872  4.252   3.512   1.00 22.14 ? 92   TYR A CE1 1 
ATOM   621  C CE2 . TYR A 1 96  ? -10.919 3.237   4.359   1.00 26.89 ? 92   TYR A CE2 1 
ATOM   622  C CZ  . TYR A 1 96  ? -10.184 4.371   3.911   1.00 25.18 ? 92   TYR A CZ  1 
ATOM   623  O OH  . TYR A 1 96  ? -10.728 5.659   3.904   1.00 27.48 ? 92   TYR A OH  1 
ATOM   624  N N   . ILE A 1 97  ? -6.884  -1.946  5.259   1.00 20.85 ? 93   ILE A N   1 
ATOM   625  C CA  . ILE A 1 97  ? -6.160  -3.211  5.075   1.00 21.28 ? 93   ILE A CA  1 
ATOM   626  C C   . ILE A 1 97  ? -6.930  -4.337  5.826   1.00 23.03 ? 93   ILE A C   1 
ATOM   627  O O   . ILE A 1 97  ? -7.069  -5.449  5.316   1.00 23.91 ? 93   ILE A O   1 
ATOM   628  C CB  . ILE A 1 97  ? -4.689  -3.079  5.615   1.00 20.91 ? 93   ILE A CB  1 
ATOM   629  C CG1 . ILE A 1 97  ? -3.779  -2.356  4.577   1.00 19.80 ? 93   ILE A CG1 1 
ATOM   630  C CG2 . ILE A 1 97  ? -4.046  -4.443  5.786   1.00 19.81 ? 93   ILE A CG2 1 
ATOM   631  C CD1 . ILE A 1 97  ? -2.441  -1.936  5.132   1.00 23.21 ? 93   ILE A CD1 1 
ATOM   632  N N   . GLN A 1 98  ? -7.442  -4.056  7.022   1.00 23.58 ? 94   GLN A N   1 
ATOM   633  C CA  . GLN A 1 98  ? -8.201  -5.090  7.755   1.00 24.54 ? 94   GLN A CA  1 
ATOM   634  C C   . GLN A 1 98  ? -9.429  -5.531  6.951   1.00 25.45 ? 94   GLN A C   1 
ATOM   635  O O   . GLN A 1 98  ? -9.761  -6.700  6.919   1.00 26.03 ? 94   GLN A O   1 
ATOM   636  C CB  . GLN A 1 98  ? -8.676  -4.535  9.074   1.00 23.44 ? 94   GLN A CB  1 
ATOM   637  C CG  . GLN A 1 98  ? -7.543  -4.398  10.074  1.00 31.03 ? 94   GLN A CG  1 
ATOM   638  C CD  . GLN A 1 98  ? -8.107  -3.998  11.462  1.00 43.96 ? 94   GLN A CD  1 
ATOM   639  O OE1 . GLN A 1 98  ? -8.533  -2.857  11.644  1.00 45.96 ? 94   GLN A OE1 1 
ATOM   640  N NE2 . GLN A 1 98  ? -8.202  -4.975  12.408  1.00 47.16 ? 94   GLN A NE2 1 
ATOM   641  N N   . LYS A 1 99  ? -10.138 -4.578  6.355   1.00 25.55 ? 95   LYS A N   1 
ATOM   642  C CA  . LYS A 1 99  ? -11.325 -4.917  5.591   1.00 25.79 ? 95   LYS A CA  1 
ATOM   643  C C   . LYS A 1 99  ? -11.001 -5.664  4.321   1.00 25.45 ? 95   LYS A C   1 
ATOM   644  O O   . LYS A 1 99  ? -11.752 -6.561  3.941   1.00 26.62 ? 95   LYS A O   1 
ATOM   645  C CB  . LYS A 1 99  ? -12.095 -3.683  5.230   1.00 26.71 ? 95   LYS A CB  1 
ATOM   646  C CG  . LYS A 1 99  ? -12.878 -3.136  6.431   1.00 33.21 ? 95   LYS A CG  1 
ATOM   647  C CD  . LYS A 1 99  ? -13.198 -1.744  6.092   1.00 41.02 ? 95   LYS A CD  1 
ATOM   648  C CE  . LYS A 1 99  ? -14.651 -1.390  6.515   1.00 47.25 ? 95   LYS A CE  1 
ATOM   649  N NZ  . LYS A 1 99  ? -14.821 -1.621  7.961   1.00 46.87 ? 95   LYS A NZ  1 
ATOM   650  N N   . ILE A 1 100 ? -9.901  -5.301  3.661   1.00 23.14 ? 96   ILE A N   1 
ATOM   651  C CA  . ILE A 1 100 ? -9.485  -5.993  2.473   1.00 20.93 ? 96   ILE A CA  1 
ATOM   652  C C   . ILE A 1 100 ? -9.103  -7.434  2.863   1.00 21.34 ? 96   ILE A C   1 
ATOM   653  O O   . ILE A 1 100 ? -9.502  -8.419  2.212   1.00 21.77 ? 96   ILE A O   1 
ATOM   654  C CB  . ILE A 1 100 ? -8.276  -5.266  1.790   1.00 20.65 ? 96   ILE A CB  1 
ATOM   655  C CG1 . ILE A 1 100 ? -8.731  -3.915  1.186   1.00 21.65 ? 96   ILE A CG1 1 
ATOM   656  C CG2 . ILE A 1 100 ? -7.580  -6.244  0.804   1.00 23.67 ? 96   ILE A CG2 1 
ATOM   657  C CD1 . ILE A 1 100 ? -7.603  -2.877  0.849   1.00 22.71 ? 96   ILE A CD1 1 
ATOM   658  N N   . LYS A 1 101 ? -8.315  -7.578  3.918   1.00 20.56 ? 97   LYS A N   1 
ATOM   659  C CA  . LYS A 1 101 ? -7.821  -8.936  4.305   1.00 22.12 ? 97   LYS A CA  1 
ATOM   660  C C   . LYS A 1 101 ? -8.937  -9.826  4.849   1.00 22.78 ? 97   LYS A C   1 
ATOM   661  O O   . LYS A 1 101 ? -8.851  -11.062 4.734   1.00 23.12 ? 97   LYS A O   1 
ATOM   662  C CB  . LYS A 1 101 ? -6.728  -8.788  5.427   1.00 22.62 ? 97   LYS A CB  1 
ATOM   663  C CG  . LYS A 1 101 ? -5.412  -8.284  4.854   1.00 24.37 ? 97   LYS A CG  1 
ATOM   664  C CD  . LYS A 1 101 ? -4.394  -8.461  5.906   1.00 28.20 ? 97   LYS A CD  1 
ATOM   665  C CE  . LYS A 1 101 ? -3.054  -8.493  5.261   1.00 28.14 ? 97   LYS A CE  1 
ATOM   666  N NZ  . LYS A 1 101 ? -1.935  -9.096  6.137   1.00 28.79 ? 97   LYS A NZ  1 
ATOM   667  N N   . SER A 1 102 ? -9.907  -9.236  5.524   1.00 22.54 ? 98   SER A N   1 
ATOM   668  C CA  . SER A 1 102 ? -11.089 -9.993  5.955   1.00 24.66 ? 98   SER A CA  1 
ATOM   669  C C   . SER A 1 102 ? -12.068 -10.331 4.804   1.00 25.57 ? 98   SER A C   1 
ATOM   670  O O   . SER A 1 102 ? -12.979 -11.159 4.999   1.00 25.96 ? 98   SER A O   1 
ATOM   671  C CB  . SER A 1 102 ? -11.849 -9.237  7.022   1.00 24.21 ? 98   SER A CB  1 
ATOM   672  O OG  . SER A 1 102 ? -12.612 -8.123  6.497   1.00 27.00 ? 98   SER A OG  1 
ATOM   673  N N   . GLY A 1 103 ? -11.890 -9.713  3.618   1.00 27.52 ? 99   GLY A N   1 
ATOM   674  C CA  . GLY A 1 103 ? -12.812 -9.894  2.491   1.00 25.72 ? 99   GLY A CA  1 
ATOM   675  C C   . GLY A 1 103 ? -14.128 -9.134  2.688   1.00 26.91 ? 99   GLY A C   1 
ATOM   676  O O   . GLY A 1 103 ? -15.061 -9.221  1.852   1.00 27.14 ? 99   GLY A O   1 
ATOM   677  N N   . GLU A 1 104 ? -14.228 -8.359  3.747   1.00 26.86 ? 100  GLU A N   1 
ATOM   678  C CA  . GLU A 1 104 ? -15.352 -7.508  3.930   1.00 29.18 ? 100  GLU A CA  1 
ATOM   679  C C   . GLU A 1 104 ? -15.493 -6.447  2.821   1.00 30.63 ? 100  GLU A C   1 
ATOM   680  O O   . GLU A 1 104 ? -16.607 -6.025  2.505   1.00 29.81 ? 100  GLU A O   1 
ATOM   681  C CB  . GLU A 1 104 ? -15.260 -6.784  5.267   1.00 30.61 ? 100  GLU A CB  1 
ATOM   682  C CG  . GLU A 1 104 ? -16.603 -6.044  5.646   1.00 39.84 ? 100  GLU A CG  1 
ATOM   683  C CD  . GLU A 1 104 ? -16.517 -5.238  6.978   1.00 49.62 ? 100  GLU A CD  1 
ATOM   684  O OE1 . GLU A 1 104 ? -15.781 -5.694  7.897   1.00 54.30 ? 100  GLU A OE1 1 
ATOM   685  O OE2 . GLU A 1 104 ? -17.154 -4.136  7.080   1.00 52.17 ? 100  GLU A OE2 1 
ATOM   686  N N   . GLU A 1 105 ? -14.374 -5.914  2.310   1.00 29.71 ? 101  GLU A N   1 
ATOM   687  C CA  . GLU A 1 105 ? -14.418 -4.976  1.201   1.00 31.99 ? 101  GLU A CA  1 
ATOM   688  C C   . GLU A 1 105 ? -13.321 -5.390  0.261   1.00 31.09 ? 101  GLU A C   1 
ATOM   689  O O   . GLU A 1 105 ? -12.315 -5.953  0.692   1.00 32.77 ? 101  GLU A O   1 
ATOM   690  C CB  . GLU A 1 105 ? -14.147 -3.544  1.653   1.00 32.40 ? 101  GLU A CB  1 
ATOM   691  C CG  . GLU A 1 105 ? -15.222 -2.937  2.511   1.00 40.30 ? 101  GLU A CG  1 
ATOM   692  C CD  . GLU A 1 105 ? -16.556 -2.712  1.761   1.00 46.48 ? 101  GLU A CD  1 
ATOM   693  O OE1 . GLU A 1 105 ? -17.579 -2.677  2.499   1.00 54.66 ? 101  GLU A OE1 1 
ATOM   694  O OE2 . GLU A 1 105 ? -16.580 -2.627  0.493   1.00 47.66 ? 101  GLU A OE2 1 
ATOM   695  N N   . ASP A 1 106 ? -13.462 -5.120  -1.013  1.00 29.99 ? 102  ASP A N   1 
ATOM   696  C CA  . ASP A 1 106 ? -12.294 -5.365  -1.815  1.00 28.89 ? 102  ASP A CA  1 
ATOM   697  C C   . ASP A 1 106 ? -11.485 -4.133  -2.097  1.00 26.38 ? 102  ASP A C   1 
ATOM   698  O O   . ASP A 1 106 ? -11.934 -3.013  -1.908  1.00 25.49 ? 102  ASP A O   1 
ATOM   699  C CB  . ASP A 1 106 ? -12.551 -6.271  -3.000  1.00 33.31 ? 102  ASP A CB  1 
ATOM   700  C CG  . ASP A 1 106 ? -13.621 -5.778  -3.905  1.00 38.79 ? 102  ASP A CG  1 
ATOM   701  O OD1 . ASP A 1 106 ? -14.483 -6.646  -4.269  1.00 43.09 ? 102  ASP A OD1 1 
ATOM   702  O OD2 . ASP A 1 106 ? -13.602 -4.561  -4.252  1.00 41.13 ? 102  ASP A OD2 1 
ATOM   703  N N   . PHE A 1 107 ? -10.242 -4.369  -2.420  1.00 25.30 ? 103  PHE A N   1 
ATOM   704  C CA  . PHE A 1 107 ? -9.295  -3.319  -2.631  1.00 24.13 ? 103  PHE A CA  1 
ATOM   705  C C   . PHE A 1 107 ? -9.856  -2.259  -3.621  1.00 23.50 ? 103  PHE A C   1 
ATOM   706  O O   . PHE A 1 107 ? -9.706  -1.068  -3.411  1.00 22.60 ? 103  PHE A O   1 
ATOM   707  C CB  . PHE A 1 107 ? -7.939  -3.919  -3.139  1.00 23.16 ? 103  PHE A CB  1 
ATOM   708  C CG  . PHE A 1 107 ? -6.944  -2.837  -3.574  1.00 26.23 ? 103  PHE A CG  1 
ATOM   709  C CD1 . PHE A 1 107 ? -5.994  -2.343  -2.679  1.00 26.28 ? 103  PHE A CD1 1 
ATOM   710  C CD2 . PHE A 1 107 ? -7.041  -2.224  -4.855  1.00 28.86 ? 103  PHE A CD2 1 
ATOM   711  C CE1 . PHE A 1 107 ? -5.150  -1.282  -3.080  1.00 24.50 ? 103  PHE A CE1 1 
ATOM   712  C CE2 . PHE A 1 107 ? -6.168  -1.141  -5.240  1.00 25.80 ? 103  PHE A CE2 1 
ATOM   713  C CZ  . PHE A 1 107 ? -5.239  -0.721  -4.330  1.00 22.81 ? 103  PHE A CZ  1 
ATOM   714  N N   . GLU A 1 108 ? -10.437 -2.709  -4.746  1.00 24.57 ? 104  GLU A N   1 
ATOM   715  C CA  . GLU A 1 108 ? -10.801 -1.787  -5.867  1.00 24.57 ? 104  GLU A CA  1 
ATOM   716  C C   . GLU A 1 108 ? -11.864 -0.859  -5.414  1.00 24.20 ? 104  GLU A C   1 
ATOM   717  O O   . GLU A 1 108 ? -11.952 0.316   -5.789  1.00 23.97 ? 104  GLU A O   1 
ATOM   718  C CB  . GLU A 1 108 ? -11.356 -2.620  -7.064  1.00 23.99 ? 104  GLU A CB  1 
ATOM   719  C CG  . GLU A 1 108 ? -10.205 -3.408  -7.781  1.00 26.53 ? 104  GLU A CG  1 
ATOM   720  C CD  . GLU A 1 108 ? -9.918  -4.780  -7.186  1.00 30.35 ? 104  GLU A CD  1 
ATOM   721  O OE1 . GLU A 1 108 ? -10.368 -5.120  -6.029  1.00 26.11 ? 104  GLU A OE1 1 
ATOM   722  O OE2 . GLU A 1 108 ? -9.197  -5.526  -7.912  1.00 34.25 ? 104  GLU A OE2 1 
ATOM   723  N N   . SER A 1 109 ? -12.758 -1.426  -4.641  1.00 23.63 ? 105  SER A N   1 
ATOM   724  C CA  . SER A 1 109 ? -13.848 -0.646  -4.152  1.00 24.67 ? 105  SER A CA  1 
ATOM   725  C C   . SER A 1 109 ? -13.409 0.417   -3.093  1.00 23.82 ? 105  SER A C   1 
ATOM   726  O O   . SER A 1 109 ? -13.832 1.569   -3.149  1.00 24.59 ? 105  SER A O   1 
ATOM   727  C CB  . SER A 1 109 ? -14.841 -1.653  -3.607  1.00 26.05 ? 105  SER A CB  1 
ATOM   728  O OG  . SER A 1 109 ? -15.724 -0.940  -2.811  1.00 33.18 ? 105  SER A OG  1 
ATOM   729  N N   . LEU A 1 110 ? -12.551 0.061   -2.126  1.00 23.28 ? 106  LEU A N   1 
ATOM   730  C CA  . LEU A 1 110 ? -11.958 1.074   -1.208  1.00 20.69 ? 106  LEU A CA  1 
ATOM   731  C C   . LEU A 1 110 ? -11.104 2.038   -1.999  1.00 20.77 ? 106  LEU A C   1 
ATOM   732  O O   . LEU A 1 110 ? -11.069 3.201   -1.658  1.00 21.33 ? 106  LEU A O   1 
ATOM   733  C CB  . LEU A 1 110 ? -11.125 0.380   -0.098  1.00 19.49 ? 106  LEU A CB  1 
ATOM   734  C CG  . LEU A 1 110 ? -11.936 -0.618  0.793   1.00 20.16 ? 106  LEU A CG  1 
ATOM   735  C CD1 . LEU A 1 110 ? -11.065 -1.169  1.974   1.00 19.27 ? 106  LEU A CD1 1 
ATOM   736  C CD2 . LEU A 1 110 ? -13.019 0.264   1.396   1.00 20.06 ? 106  LEU A CD2 1 
ATOM   737  N N   . ALA A 1 111 ? -10.342 1.591   -3.022  1.00 21.66 ? 107  ALA A N   1 
ATOM   738  C CA  . ALA A 1 111 ? -9.532  2.593   -3.798  1.00 21.82 ? 107  ALA A CA  1 
ATOM   739  C C   . ALA A 1 111 ? -10.440 3.631   -4.491  1.00 22.96 ? 107  ALA A C   1 
ATOM   740  O O   . ALA A 1 111 ? -10.261 4.897   -4.360  1.00 21.74 ? 107  ALA A O   1 
ATOM   741  C CB  . ALA A 1 111 ? -8.595  1.891   -4.794  1.00 20.71 ? 107  ALA A CB  1 
ATOM   742  N N   . SER A 1 112 ? -11.467 3.136   -5.204  1.00 23.94 ? 108  SER A N   1 
ATOM   743  C CA  . SER A 1 112 ? -12.454 4.008   -5.839  1.00 22.49 ? 108  SER A CA  1 
ATOM   744  C C   . SER A 1 112 ? -13.069 5.051   -4.922  1.00 24.06 ? 108  SER A C   1 
ATOM   745  O O   . SER A 1 112 ? -13.215 6.267   -5.314  1.00 22.21 ? 108  SER A O   1 
ATOM   746  C CB  . SER A 1 112 ? -13.591 3.131   -6.481  1.00 23.48 ? 108  SER A CB  1 
ATOM   747  O OG  . SER A 1 112 ? -12.972 2.310   -7.435  1.00 26.80 ? 108  SER A OG  1 
ATOM   748  N N   . GLN A 1 113 ? -13.500 4.611   -3.739  1.00 23.29 ? 109  GLN A N   1 
ATOM   749  C CA  . GLN A 1 113 ? -14.186 5.521   -2.816  1.00 24.98 ? 109  GLN A CA  1 
ATOM   750  C C   . GLN A 1 113 ? -13.246 6.415   -2.065  1.00 25.41 ? 109  GLN A C   1 
ATOM   751  O O   . GLN A 1 113 ? -13.565 7.545   -1.824  1.00 26.76 ? 109  GLN A O   1 
ATOM   752  C CB  . GLN A 1 113 ? -14.933 4.691   -1.771  1.00 25.84 ? 109  GLN A CB  1 
ATOM   753  C CG  . GLN A 1 113 ? -15.990 3.803   -2.389  1.00 28.01 ? 109  GLN A CG  1 
ATOM   754  C CD  . GLN A 1 113 ? -16.682 2.923   -1.365  1.00 31.73 ? 109  GLN A CD  1 
ATOM   755  O OE1 . GLN A 1 113 ? -16.595 1.690   -1.424  1.00 30.81 ? 109  GLN A OE1 1 
ATOM   756  N NE2 . GLN A 1 113 ? -17.447 3.544   -0.514  1.00 26.26 ? 109  GLN A NE2 1 
ATOM   757  N N   . PHE A 1 114 ? -12.082 5.909   -1.672  1.00 25.20 ? 110  PHE A N   1 
ATOM   758  C CA  . PHE A 1 114 ? -11.319 6.544   -0.581  1.00 25.34 ? 110  PHE A CA  1 
ATOM   759  C C   . PHE A 1 114 ? -9.905  6.978   -0.940  1.00 24.60 ? 110  PHE A C   1 
ATOM   760  O O   . PHE A 1 114 ? -9.319  7.726   -0.159  1.00 26.35 ? 110  PHE A O   1 
ATOM   761  C CB  . PHE A 1 114 ? -11.303 5.722   0.705   1.00 23.87 ? 110  PHE A CB  1 
ATOM   762  C CG  . PHE A 1 114 ? -12.698 5.391   1.239   1.00 25.36 ? 110  PHE A CG  1 
ATOM   763  C CD1 . PHE A 1 114 ? -13.073 4.074   1.443   1.00 25.47 ? 110  PHE A CD1 1 
ATOM   764  C CD2 . PHE A 1 114 ? -13.628 6.371   1.467   1.00 25.54 ? 110  PHE A CD2 1 
ATOM   765  C CE1 . PHE A 1 114 ? -14.362 3.743   1.896   1.00 26.62 ? 110  PHE A CE1 1 
ATOM   766  C CE2 . PHE A 1 114 ? -14.942 6.074   1.907   1.00 25.43 ? 110  PHE A CE2 1 
ATOM   767  C CZ  . PHE A 1 114 ? -15.299 4.771   2.144   1.00 26.36 ? 110  PHE A CZ  1 
ATOM   768  N N   . SER A 1 115 ? -9.363  6.552   -2.088  1.00 23.21 ? 111  SER A N   1 
ATOM   769  C CA  . SER A 1 115 ? -8.031  6.989   -2.441  1.00 23.89 ? 111  SER A CA  1 
ATOM   770  C C   . SER A 1 115 ? -7.941  8.515   -2.804  1.00 25.01 ? 111  SER A C   1 
ATOM   771  O O   . SER A 1 115 ? -8.785  8.982   -3.556  1.00 24.62 ? 111  SER A O   1 
ATOM   772  C CB  . SER A 1 115 ? -7.502  6.210   -3.621  1.00 22.28 ? 111  SER A CB  1 
ATOM   773  O OG  . SER A 1 115 ? -6.168  6.648   -3.830  1.00 24.35 ? 111  SER A OG  1 
ATOM   774  N N   . ASP A 1 116 ? -6.886  9.204   -2.326  1.00 24.46 ? 112  ASP A N   1 
ATOM   775  C CA  . ASP A 1 116 ? -6.652  10.620  -2.525  1.00 26.07 ? 112  ASP A CA  1 
ATOM   776  C C   . ASP A 1 116 ? -5.856  10.817  -3.807  1.00 27.85 ? 112  ASP A C   1 
ATOM   777  O O   . ASP A 1 116 ? -5.385  11.922  -4.072  1.00 30.85 ? 112  ASP A O   1 
ATOM   778  C CB  . ASP A 1 116 ? -5.941  11.308  -1.325  1.00 24.51 ? 112  ASP A CB  1 
ATOM   779  C CG  . ASP A 1 116 ? -6.874  11.552  -0.138  1.00 23.42 ? 112  ASP A CG  1 
ATOM   780  O OD1 . ASP A 1 116 ? -7.952  12.135  -0.348  1.00 25.48 ? 112  ASP A OD1 1 
ATOM   781  O OD2 . ASP A 1 116 ? -6.537  11.248  1.042   1.00 22.40 ? 112  ASP A OD2 1 
ATOM   782  N N   . CYS A 1 117 ? -5.687  9.769   -4.613  1.00 26.05 ? 113  CYS A N   1 
ATOM   783  C CA  . CYS A 1 117 ? -5.024  9.949   -5.879  1.00 25.70 ? 113  CYS A CA  1 
ATOM   784  C C   . CYS A 1 117 ? -6.111  9.923   -7.014  1.00 26.48 ? 113  CYS A C   1 
ATOM   785  O O   . CYS A 1 117 ? -7.162  9.313   -6.871  1.00 26.35 ? 113  CYS A O   1 
ATOM   786  C CB  . CYS A 1 117 ? -4.057  8.802   -6.072  1.00 24.91 ? 113  CYS A CB  1 
ATOM   787  S SG  . CYS A 1 117 ? -3.161  8.748   -7.601  1.00 27.65 ? 113  CYS A SG  1 
ATOM   788  N N   . SER A 1 118 ? -5.865  10.593  -8.125  1.00 25.52 ? 114  SER A N   1 
ATOM   789  C CA  . SER A 1 118 ? -6.869  10.600  -9.194  1.00 27.99 ? 114  SER A CA  1 
ATOM   790  C C   . SER A 1 118 ? -6.969  9.243   -9.865  1.00 25.99 ? 114  SER A C   1 
ATOM   791  O O   . SER A 1 118 ? -7.979  8.992   -10.552 1.00 26.72 ? 114  SER A O   1 
ATOM   792  C CB  . SER A 1 118 ? -6.608  11.694  -10.252 1.00 30.40 ? 114  SER A CB  1 
ATOM   793  O OG  . SER A 1 118 ? -5.234  11.656  -10.620 1.00 39.12 ? 114  SER A OG  1 
ATOM   794  N N   . SER A 1 119 ? -5.965  8.367   -9.661  1.00 24.04 ? 115  SER A N   1 
ATOM   795  C CA  . SER A 1 119 ? -6.122  6.983   -10.114 1.00 22.45 ? 115  SER A CA  1 
ATOM   796  C C   . SER A 1 119 ? -7.271  6.261   -9.408  1.00 20.94 ? 115  SER A C   1 
ATOM   797  O O   . SER A 1 119 ? -7.589  5.106   -9.815  1.00 21.10 ? 115  SER A O   1 
ATOM   798  C CB  . SER A 1 119 ? -4.842  6.193   -9.905  1.00 21.68 ? 115  SER A CB  1 
ATOM   799  O OG  . SER A 1 119 ? -4.453  6.137   -8.535  1.00 25.81 ? 115  SER A OG  1 
ATOM   800  N N   . ALA A 1 120 ? -7.888  6.859   -8.377  1.00 21.01 ? 116  ALA A N   1 
ATOM   801  C CA  . ALA A 1 120 ? -9.072  6.270   -7.710  1.00 19.67 ? 116  ALA A CA  1 
ATOM   802  C C   . ALA A 1 120 ? -10.121 5.937   -8.800  1.00 22.61 ? 116  ALA A C   1 
ATOM   803  O O   . ALA A 1 120 ? -10.824 4.910   -8.709  1.00 20.58 ? 116  ALA A O   1 
ATOM   804  C CB  . ALA A 1 120 ? -9.732  7.260   -6.716  1.00 19.76 ? 116  ALA A CB  1 
ATOM   805  N N   . LYS A 1 121 ? -10.194 6.810   -9.825  1.00 22.27 ? 117  LYS A N   1 
ATOM   806  C CA  . LYS A 1 121 ? -11.243 6.677   -10.901 1.00 24.87 ? 117  LYS A CA  1 
ATOM   807  C C   . LYS A 1 121 ? -11.002 5.438   -11.775 1.00 22.84 ? 117  LYS A C   1 
ATOM   808  O O   . LYS A 1 121 ? -11.931 4.952   -12.460 1.00 20.62 ? 117  LYS A O   1 
ATOM   809  C CB  . LYS A 1 121 ? -11.286 7.911   -11.850 1.00 25.88 ? 117  LYS A CB  1 
ATOM   810  C CG  . LYS A 1 121 ? -11.526 9.259   -11.259 1.00 34.72 ? 117  LYS A CG  1 
ATOM   811  C CD  . LYS A 1 121 ? -12.633 9.357   -10.270 1.00 44.74 ? 117  LYS A CD  1 
ATOM   812  C CE  . LYS A 1 121 ? -12.195 10.274  -9.111  1.00 48.02 ? 117  LYS A CE  1 
ATOM   813  N NZ  . LYS A 1 121 ? -13.183 10.045  -8.062  1.00 42.81 ? 117  LYS A NZ  1 
ATOM   814  N N   . ALA A 1 122 ? -9.784  4.906   -11.694 1.00 20.79 ? 118  ALA A N   1 
ATOM   815  C CA  . ALA A 1 122 ? -9.481  3.595   -12.331 1.00 22.57 ? 118  ALA A CA  1 
ATOM   816  C C   . ALA A 1 122 ? -9.260  2.436   -11.312 1.00 20.84 ? 118  ALA A C   1 
ATOM   817  O O   . ALA A 1 122 ? -8.418  1.527   -11.579 1.00 19.70 ? 118  ALA A O   1 
ATOM   818  C CB  . ALA A 1 122 ? -8.272  3.691   -13.339 1.00 21.45 ? 118  ALA A CB  1 
ATOM   819  N N   . ARG A 1 123 ? -9.980  2.516   -10.164 1.00 21.45 ? 119  ARG A N   1 
ATOM   820  C CA  A ARG A 1 123 ? -9.916  1.492   -9.091  0.50 22.49 ? 119  ARG A CA  1 
ATOM   821  C CA  B ARG A 1 123 ? -9.919  1.512   -9.067  0.50 21.81 ? 119  ARG A CA  1 
ATOM   822  C C   . ARG A 1 123 ? -8.468  1.440   -8.591  1.00 22.56 ? 119  ARG A C   1 
ATOM   823  O O   . ARG A 1 123 ? -8.008  0.399   -8.186  1.00 22.28 ? 119  ARG A O   1 
ATOM   824  C CB  A ARG A 1 123 ? -10.392 0.078   -9.592  0.50 22.35 ? 119  ARG A CB  1 
ATOM   825  C CB  B ARG A 1 123 ? -10.410 0.095   -9.520  0.50 21.38 ? 119  ARG A CB  1 
ATOM   826  C CG  A ARG A 1 123 ? -11.739 0.091   -10.436 0.50 24.21 ? 119  ARG A CG  1 
ATOM   827  C CG  B ARG A 1 123 ? -11.928 -0.017  -9.965  0.50 19.99 ? 119  ARG A CG  1 
ATOM   828  C CD  A ARG A 1 123 ? -12.485 -1.287  -10.702 0.50 24.51 ? 119  ARG A CD  1 
ATOM   829  C CD  B ARG A 1 123 ? -12.199 -1.204  -10.959 0.50 18.92 ? 119  ARG A CD  1 
ATOM   830  N NE  A ARG A 1 123 ? -13.940 -0.996  -10.684 0.50 27.99 ? 119  ARG A NE  1 
ATOM   831  N NE  B ARG A 1 123 ? -11.105 -1.388  -11.900 0.50 17.12 ? 119  ARG A NE  1 
ATOM   832  C CZ  A ARG A 1 123 ? -14.958 -1.862  -10.556 0.50 26.95 ? 119  ARG A CZ  1 
ATOM   833  C CZ  B ARG A 1 123 ? -10.833 -0.686  -13.027 0.50 18.67 ? 119  ARG A CZ  1 
ATOM   834  N NH1 A ARG A 1 123 ? -14.760 -3.164  -10.499 0.50 28.50 ? 119  ARG A NH1 1 
ATOM   835  N NH1 B ARG A 1 123 ? -11.555 0.379   -13.498 0.50 7.30  ? 119  ARG A NH1 1 
ATOM   836  N NH2 A ARG A 1 123 ? -16.202 -1.394  -10.467 0.50 24.28 ? 119  ARG A NH2 1 
ATOM   837  N NH2 B ARG A 1 123 ? -9.709  -1.051  -13.690 0.50 18.56 ? 119  ARG A NH2 1 
ATOM   838  N N   . GLY A 1 124 ? -7.749  2.570   -8.691  1.00 23.15 ? 120  GLY A N   1 
ATOM   839  C CA  . GLY A 1 124 ? -6.369  2.694   -8.153  1.00 23.09 ? 120  GLY A CA  1 
ATOM   840  C C   . GLY A 1 124 ? -5.308  2.246   -9.085  1.00 23.98 ? 120  GLY A C   1 
ATOM   841  O O   . GLY A 1 124 ? -4.129  2.406   -8.775  1.00 23.73 ? 120  GLY A O   1 
ATOM   842  N N   . ASP A 1 125 ? -5.695  1.799   -10.293 1.00 23.47 ? 121  ASP A N   1 
ATOM   843  C CA  . ASP A 1 125 ? -4.722  1.208   -11.243 1.00 23.86 ? 121  ASP A CA  1 
ATOM   844  C C   . ASP A 1 125 ? -3.791  2.286   -11.829 1.00 24.15 ? 121  ASP A C   1 
ATOM   845  O O   . ASP A 1 125 ? -4.246  3.291   -12.276 1.00 24.73 ? 121  ASP A O   1 
ATOM   846  C CB  . ASP A 1 125 ? -5.438  0.456   -12.411 1.00 22.96 ? 121  ASP A CB  1 
ATOM   847  C CG  . ASP A 1 125 ? -4.453  0.022   -13.507 1.00 29.51 ? 121  ASP A CG  1 
ATOM   848  O OD1 . ASP A 1 125 ? -3.317  -0.469  -13.235 1.00 26.56 ? 121  ASP A OD1 1 
ATOM   849  O OD2 . ASP A 1 125 ? -4.801  0.223   -14.707 1.00 35.29 ? 121  ASP A OD2 1 
ATOM   850  N N   . LEU A 1 126 ? -2.498  2.064   -11.731 1.00 24.31 ? 122  LEU A N   1 
ATOM   851  C CA  . LEU A 1 126 ? -1.486  2.972   -12.230 1.00 24.48 ? 122  LEU A CA  1 
ATOM   852  C C   . LEU A 1 126 ? -0.896  2.538   -13.557 1.00 24.85 ? 122  LEU A C   1 
ATOM   853  O O   . LEU A 1 126 ? -0.098  3.268   -14.092 1.00 25.86 ? 122  LEU A O   1 
ATOM   854  C CB  . LEU A 1 126 ? -0.331  3.141   -11.211 1.00 24.51 ? 122  LEU A CB  1 
ATOM   855  C CG  . LEU A 1 126 ? -0.748  3.751   -9.879  1.00 23.18 ? 122  LEU A CG  1 
ATOM   856  C CD1 . LEU A 1 126 ? 0.431   3.510   -8.866  1.00 24.79 ? 122  LEU A CD1 1 
ATOM   857  C CD2 . LEU A 1 126 ? -1.154  5.184   -10.010 1.00 24.69 ? 122  LEU A CD2 1 
ATOM   858  N N   . GLY A 1 127 ? -1.235  1.347   -14.060 1.00 27.08 ? 123  GLY A N   1 
ATOM   859  C CA  . GLY A 1 127 ? -0.531  0.757   -15.207 1.00 27.46 ? 123  GLY A CA  1 
ATOM   860  C C   . GLY A 1 127 ? 0.853   0.238   -14.902 1.00 29.48 ? 123  GLY A C   1 
ATOM   861  O O   . GLY A 1 127 ? 1.302   0.184   -13.721 1.00 29.70 ? 123  GLY A O   1 
ATOM   862  N N   . ALA A 1 128 ? 1.555   -0.143  -15.959 1.00 28.71 ? 124  ALA A N   1 
ATOM   863  C CA  . ALA A 1 128 ? 2.835   -0.833  -15.820 1.00 30.18 ? 124  ALA A CA  1 
ATOM   864  C C   . ALA A 1 128 ? 3.905   0.250   -15.689 1.00 29.96 ? 124  ALA A C   1 
ATOM   865  O O   . ALA A 1 128 ? 3.710   1.344   -16.177 1.00 30.75 ? 124  ALA A O   1 
ATOM   866  C CB  . ALA A 1 128 ? 3.097   -1.829  -17.021 1.00 31.55 ? 124  ALA A CB  1 
ATOM   867  N N   . PHE A 1 129 ? 4.950   0.017   -14.915 1.00 30.32 ? 125  PHE A N   1 
ATOM   868  C CA  . PHE A 1 129 ? 6.038   1.025   -14.787 1.00 31.05 ? 125  PHE A CA  1 
ATOM   869  C C   . PHE A 1 129 ? 7.331   0.275   -14.580 1.00 31.11 ? 125  PHE A C   1 
ATOM   870  O O   . PHE A 1 129 ? 7.343   -0.861  -14.161 1.00 32.05 ? 125  PHE A O   1 
ATOM   871  C CB  . PHE A 1 129 ? 5.768   2.100   -13.695 1.00 31.22 ? 125  PHE A CB  1 
ATOM   872  C CG  . PHE A 1 129 ? 5.438   1.512   -12.319 1.00 31.04 ? 125  PHE A CG  1 
ATOM   873  C CD1 . PHE A 1 129 ? 6.481   1.175   -11.416 1.00 32.64 ? 125  PHE A CD1 1 
ATOM   874  C CD2 . PHE A 1 129 ? 4.096   1.292   -11.950 1.00 29.93 ? 125  PHE A CD2 1 
ATOM   875  C CE1 . PHE A 1 129 ? 6.201   0.561   -10.166 1.00 33.63 ? 125  PHE A CE1 1 
ATOM   876  C CE2 . PHE A 1 129 ? 3.773   0.693   -10.698 1.00 31.79 ? 125  PHE A CE2 1 
ATOM   877  C CZ  . PHE A 1 129 ? 4.856   0.319   -9.791  1.00 29.95 ? 125  PHE A CZ  1 
ATOM   878  N N   . SER A 1 130 ? 8.450   0.892   -14.874 1.00 33.90 ? 126  SER A N   1 
ATOM   879  C CA  . SER A 1 130 ? 9.712   0.190   -14.602 1.00 35.13 ? 126  SER A CA  1 
ATOM   880  C C   . SER A 1 130 ? 10.378  1.016   -13.467 1.00 34.58 ? 126  SER A C   1 
ATOM   881  O O   . SER A 1 130 ? 9.845   2.081   -13.049 1.00 33.60 ? 126  SER A O   1 
ATOM   882  C CB  . SER A 1 130 ? 10.549  0.151   -15.896 1.00 37.13 ? 126  SER A CB  1 
ATOM   883  O OG  . SER A 1 130 ? 10.813  1.488   -16.203 1.00 38.34 ? 126  SER A OG  1 
ATOM   884  N N   . ARG A 1 131 ? 11.519  0.532   -12.959 1.00 35.90 ? 127  ARG A N   1 
ATOM   885  C CA  . ARG A 1 131 ? 12.301  1.296   -11.958 1.00 35.53 ? 127  ARG A CA  1 
ATOM   886  C C   . ARG A 1 131 ? 12.830  2.539   -12.592 1.00 36.61 ? 127  ARG A C   1 
ATOM   887  O O   . ARG A 1 131 ? 13.036  2.568   -13.809 1.00 37.37 ? 127  ARG A O   1 
ATOM   888  C CB  . ARG A 1 131 ? 13.456  0.493   -11.407 1.00 34.30 ? 127  ARG A CB  1 
ATOM   889  C CG  . ARG A 1 131 ? 13.058  -0.728  -10.610 1.00 34.48 ? 127  ARG A CG  1 
ATOM   890  C CD  . ARG A 1 131 ? 14.194  -1.074  -9.739  1.00 33.63 ? 127  ARG A CD  1 
ATOM   891  N NE  . ARG A 1 131 ? 13.960  -2.219  -8.885  1.00 36.80 ? 127  ARG A NE  1 
ATOM   892  C CZ  . ARG A 1 131 ? 13.681  -2.131  -7.575  1.00 31.53 ? 127  ARG A CZ  1 
ATOM   893  N NH1 . ARG A 1 131 ? 13.580  -0.975  -6.971  1.00 27.28 ? 127  ARG A NH1 1 
ATOM   894  N NH2 . ARG A 1 131 ? 13.523  -3.201  -6.897  1.00 30.60 ? 127  ARG A NH2 1 
ATOM   895  N N   . GLY A 1 132 ? 12.995  3.562   -11.762 1.00 37.46 ? 128  GLY A N   1 
ATOM   896  C CA  . GLY A 1 132 ? 13.347  4.883   -12.181 1.00 37.83 ? 128  GLY A CA  1 
ATOM   897  C C   . GLY A 1 132 ? 12.141  5.770   -12.429 1.00 39.87 ? 128  GLY A C   1 
ATOM   898  O O   . GLY A 1 132 ? 12.315  6.862   -12.908 1.00 39.74 ? 128  GLY A O   1 
ATOM   899  N N   . GLN A 1 133 ? 10.899  5.367   -12.118 1.00 40.29 ? 129  GLN A N   1 
ATOM   900  C CA  . GLN A 1 133 ? 9.751   6.293   -12.396 1.00 40.09 ? 129  GLN A CA  1 
ATOM   901  C C   . GLN A 1 133 ? 8.993   6.801   -11.201 1.00 40.27 ? 129  GLN A C   1 
ATOM   902  O O   . GLN A 1 133 ? 8.533   7.935   -11.223 1.00 39.40 ? 129  GLN A O   1 
ATOM   903  C CB  . GLN A 1 133 ? 8.714   5.677   -13.334 1.00 41.00 ? 129  GLN A CB  1 
ATOM   904  C CG  . GLN A 1 133 ? 9.229   5.175   -14.676 1.00 43.10 ? 129  GLN A CG  1 
ATOM   905  C CD  . GLN A 1 133 ? 8.075   4.592   -15.512 1.00 43.98 ? 129  GLN A CD  1 
ATOM   906  O OE1 . GLN A 1 133 ? 8.194   3.515   -16.109 1.00 37.32 ? 129  GLN A OE1 1 
ATOM   907  N NE2 . GLN A 1 133 ? 6.934   5.285   -15.497 1.00 47.93 ? 129  GLN A NE2 1 
ATOM   908  N N   . MET A 1 134 ? 8.801   5.946   -10.182 1.00 38.50 ? 130  MET A N   1 
ATOM   909  C CA  . MET A 1 134 ? 7.966   6.307   -9.018  1.00 37.41 ? 130  MET A CA  1 
ATOM   910  C C   . MET A 1 134 ? 8.841   6.778   -7.842  1.00 37.10 ? 130  MET A C   1 
ATOM   911  O O   . MET A 1 134 ? 10.051  6.579   -7.870  1.00 36.13 ? 130  MET A O   1 
ATOM   912  C CB  . MET A 1 134 ? 7.117   5.084   -8.589  1.00 38.79 ? 130  MET A CB  1 
ATOM   913  C CG  . MET A 1 134 ? 6.251   4.514   -9.732  1.00 35.64 ? 130  MET A CG  1 
ATOM   914  S SD  . MET A 1 134 ? 4.886   5.597   -10.109 1.00 43.81 ? 130  MET A SD  1 
ATOM   915  C CE  . MET A 1 134 ? 4.140   4.787   -11.533 1.00 45.80 ? 130  MET A CE  1 
ATOM   916  N N   . GLN A 1 135 ? 8.243   7.424   -6.840  1.00 35.26 ? 131  GLN A N   1 
ATOM   917  C CA  . GLN A 1 135 ? 8.948   7.637   -5.584  1.00 35.08 ? 131  GLN A CA  1 
ATOM   918  C C   . GLN A 1 135 ? 9.603   6.357   -5.116  1.00 33.83 ? 131  GLN A C   1 
ATOM   919  O O   . GLN A 1 135 ? 9.052   5.245   -5.211  1.00 31.97 ? 131  GLN A O   1 
ATOM   920  C CB  . GLN A 1 135 ? 8.031   8.240   -4.552  1.00 35.75 ? 131  GLN A CB  1 
ATOM   921  C CG  . GLN A 1 135 ? 7.488   9.528   -5.134  1.00 37.57 ? 131  GLN A CG  1 
ATOM   922  C CD  . GLN A 1 135 ? 6.730   10.331  -4.129  1.00 44.23 ? 131  GLN A CD  1 
ATOM   923  O OE1 . GLN A 1 135 ? 5.499   10.452  -4.209  1.00 45.71 ? 131  GLN A OE1 1 
ATOM   924  N NE2 . GLN A 1 135 ? 7.443   10.845  -3.136  1.00 45.47 ? 131  GLN A NE2 1 
ATOM   925  N N   . LYS A 1 136 ? 10.841  6.487   -4.656  1.00 33.47 ? 132  LYS A N   1 
ATOM   926  C CA  . LYS A 1 136 ? 11.610  5.256   -4.425  1.00 31.48 ? 132  LYS A CA  1 
ATOM   927  C C   . LYS A 1 136 ? 10.955  4.228   -3.433  1.00 28.63 ? 132  LYS A C   1 
ATOM   928  O O   . LYS A 1 136 ? 11.004  2.997   -3.684  1.00 29.18 ? 132  LYS A O   1 
ATOM   929  C CB  . LYS A 1 136 ? 13.102  5.601   -4.117  1.00 32.30 ? 132  LYS A CB  1 
ATOM   930  C CG  . LYS A 1 136 ? 14.000  4.399   -3.926  1.00 33.97 ? 132  LYS A CG  1 
ATOM   931  C CD  . LYS A 1 136 ? 14.418  3.631   -5.190  1.00 36.39 ? 132  LYS A CD  1 
ATOM   932  C CE  . LYS A 1 136 ? 15.160  4.466   -6.262  1.00 44.02 ? 132  LYS A CE  1 
ATOM   933  N NZ  . LYS A 1 136 ? 15.478  3.533   -7.439  1.00 38.37 ? 132  LYS A NZ  1 
ATOM   934  N N   . PRO A 1 137 ? 10.401  4.710   -2.290  1.00 26.91 ? 133  PRO A N   1 
ATOM   935  C CA  . PRO A 1 137 ? 9.786   3.731   -1.410  1.00 26.68 ? 133  PRO A CA  1 
ATOM   936  C C   . PRO A 1 137 ? 8.576   3.030   -2.097  1.00 25.65 ? 133  PRO A C   1 
ATOM   937  O O   . PRO A 1 137 ? 8.341   1.853   -1.826  1.00 24.92 ? 133  PRO A O   1 
ATOM   938  C CB  . PRO A 1 137 ? 9.265   4.587   -0.213  1.00 24.30 ? 133  PRO A CB  1 
ATOM   939  C CG  . PRO A 1 137 ? 9.923   5.958   -0.360  1.00 26.98 ? 133  PRO A CG  1 
ATOM   940  C CD  . PRO A 1 137 ? 10.163  6.094   -1.812  1.00 27.86 ? 133  PRO A CD  1 
ATOM   941  N N   . PHE A 1 138 ? 7.800   3.775   -2.893  1.00 25.95 ? 134  PHE A N   1 
ATOM   942  C CA  . PHE A 1 138 ? 6.702   3.224   -3.675  1.00 23.51 ? 134  PHE A CA  1 
ATOM   943  C C   . PHE A 1 138 ? 7.262   2.166   -4.639  1.00 24.77 ? 134  PHE A C   1 
ATOM   944  O O   . PHE A 1 138 ? 6.772   1.053   -4.710  1.00 23.67 ? 134  PHE A O   1 
ATOM   945  C CB  . PHE A 1 138 ? 5.951   4.315   -4.448  1.00 23.84 ? 134  PHE A CB  1 
ATOM   946  C CG  . PHE A 1 138 ? 4.666   3.805   -5.085  1.00 23.49 ? 134  PHE A CG  1 
ATOM   947  C CD1 . PHE A 1 138 ? 3.453   3.829   -4.378  1.00 23.56 ? 134  PHE A CD1 1 
ATOM   948  C CD2 . PHE A 1 138 ? 4.681   3.162   -6.321  1.00 26.57 ? 134  PHE A CD2 1 
ATOM   949  C CE1 . PHE A 1 138 ? 2.233   3.315   -4.927  1.00 23.41 ? 134  PHE A CE1 1 
ATOM   950  C CE2 . PHE A 1 138 ? 3.409   2.577   -6.853  1.00 23.78 ? 134  PHE A CE2 1 
ATOM   951  C CZ  . PHE A 1 138 ? 2.238   2.697   -6.158  1.00 20.42 ? 134  PHE A CZ  1 
ATOM   952  N N   . GLU A 1 139 ? 8.330   2.493   -5.375  1.00 23.97 ? 135  GLU A N   1 
ATOM   953  C CA  . GLU A 1 139 ? 8.912   1.548   -6.332  1.00 23.76 ? 135  GLU A CA  1 
ATOM   954  C C   . GLU A 1 139 ? 9.510   0.310   -5.720  1.00 23.96 ? 135  GLU A C   1 
ATOM   955  O O   . GLU A 1 139 ? 9.307   -0.860  -6.198  1.00 23.87 ? 135  GLU A O   1 
ATOM   956  C CB  . GLU A 1 139 ? 9.987   2.268   -7.167  1.00 23.04 ? 135  GLU A CB  1 
ATOM   957  C CG  . GLU A 1 139 ? 10.881  1.327   -7.869  1.00 26.14 ? 135  GLU A CG  1 
ATOM   958  C CD  . GLU A 1 139 ? 12.177  2.050   -8.388  1.00 32.61 ? 135  GLU A CD  1 
ATOM   959  O OE1 . GLU A 1 139 ? 12.008  3.211   -8.893  1.00 29.25 ? 135  GLU A OE1 1 
ATOM   960  O OE2 . GLU A 1 139 ? 13.303  1.484   -8.135  1.00 30.04 ? 135  GLU A OE2 1 
ATOM   961  N N   . ASP A 1 140 ? 10.285  0.505   -4.649  1.00 22.83 ? 136  ASP A N   1 
ATOM   962  C CA  . ASP A 1 140 ? 10.851  -0.657  -4.001  1.00 22.13 ? 136  ASP A CA  1 
ATOM   963  C C   . ASP A 1 140 ? 9.758   -1.537  -3.472  1.00 21.88 ? 136  ASP A C   1 
ATOM   964  O O   . ASP A 1 140 ? 9.843   -2.752  -3.572  1.00 21.68 ? 136  ASP A O   1 
ATOM   965  C CB  . ASP A 1 140 ? 11.757  -0.239  -2.833  1.00 23.27 ? 136  ASP A CB  1 
ATOM   966  C CG  . ASP A 1 140 ? 13.102  0.320   -3.286  1.00 30.09 ? 136  ASP A CG  1 
ATOM   967  O OD1 . ASP A 1 140 ? 13.622  -0.051  -4.382  1.00 30.54 ? 136  ASP A OD1 1 
ATOM   968  O OD2 . ASP A 1 140 ? 13.673  1.107   -2.515  1.00 32.29 ? 136  ASP A OD2 1 
ATOM   969  N N   . ALA A 1 141 ? 8.743   -0.991  -2.805  1.00 20.45 ? 137  ALA A N   1 
ATOM   970  C CA  . ALA A 1 141 ? 7.640   -1.906  -2.366  1.00 21.12 ? 137  ALA A CA  1 
ATOM   971  C C   . ALA A 1 141 ? 7.009   -2.644  -3.582  1.00 21.87 ? 137  ALA A C   1 
ATOM   972  O O   . ALA A 1 141 ? 6.803   -3.847  -3.562  1.00 22.22 ? 137  ALA A O   1 
ATOM   973  C CB  . ALA A 1 141 ? 6.562   -1.047  -1.630  1.00 19.56 ? 137  ALA A CB  1 
ATOM   974  N N   . SER A 1 142 ? 6.770   -1.934  -4.693  1.00 24.58 ? 138  SER A N   1 
ATOM   975  C CA  . SER A 1 142 ? 6.103   -2.547  -5.866  1.00 22.67 ? 138  SER A CA  1 
ATOM   976  C C   . SER A 1 142 ? 6.888   -3.689  -6.454  1.00 25.17 ? 138  SER A C   1 
ATOM   977  O O   . SER A 1 142 ? 6.282   -4.732  -6.791  1.00 24.33 ? 138  SER A O   1 
ATOM   978  C CB  . SER A 1 142 ? 5.894   -1.504  -6.947  1.00 23.23 ? 138  SER A CB  1 
ATOM   979  O OG  . SER A 1 142 ? 5.024   -0.443  -6.495  1.00 19.38 ? 138  SER A OG  1 
ATOM   980  N N   . PHE A 1 143 ? 8.216   -3.506  -6.609  1.00 25.97 ? 139  PHE A N   1 
ATOM   981  C CA  . PHE A 1 143 ? 9.137   -4.544  -7.105  1.00 27.33 ? 139  PHE A CA  1 
ATOM   982  C C   . PHE A 1 143 ? 9.442   -5.683  -6.169  1.00 28.43 ? 139  PHE A C   1 
ATOM   983  O O   . PHE A 1 143 ? 9.915   -6.724  -6.613  1.00 30.47 ? 139  PHE A O   1 
ATOM   984  C CB  . PHE A 1 143 ? 10.387  -3.884  -7.661  1.00 27.75 ? 139  PHE A CB  1 
ATOM   985  C CG  . PHE A 1 143 ? 10.148  -3.282  -9.002  1.00 26.65 ? 139  PHE A CG  1 
ATOM   986  C CD1 . PHE A 1 143 ? 9.601   -2.000  -9.107  1.00 25.82 ? 139  PHE A CD1 1 
ATOM   987  C CD2 . PHE A 1 143 ? 10.400  -4.040  -10.159 1.00 29.74 ? 139  PHE A CD2 1 
ATOM   988  C CE1 . PHE A 1 143 ? 9.337   -1.411  -10.337 1.00 29.85 ? 139  PHE A CE1 1 
ATOM   989  C CE2 . PHE A 1 143 ? 10.146  -3.484  -11.438 1.00 30.24 ? 139  PHE A CE2 1 
ATOM   990  C CZ  . PHE A 1 143 ? 9.608   -2.160  -11.540 1.00 31.59 ? 139  PHE A CZ  1 
ATOM   991  N N   . ALA A 1 144 ? 9.042   -5.552  -4.899  1.00 27.14 ? 140  ALA A N   1 
ATOM   992  C CA  . ALA A 1 144 ? 9.237   -6.640  -3.938  1.00 25.81 ? 140  ALA A CA  1 
ATOM   993  C C   . ALA A 1 144 ? 7.964   -7.453  -3.705  1.00 26.78 ? 140  ALA A C   1 
ATOM   994  O O   . ALA A 1 144 ? 7.980   -8.540  -3.120  1.00 26.83 ? 140  ALA A O   1 
ATOM   995  C CB  . ALA A 1 144 ? 9.728   -6.032  -2.616  1.00 25.08 ? 140  ALA A CB  1 
ATOM   996  N N   . LEU A 1 145 ? 6.839   -6.934  -4.174  1.00 25.72 ? 141  LEU A N   1 
ATOM   997  C CA  . LEU A 1 145 ? 5.592   -7.733  -4.131  1.00 28.43 ? 141  LEU A CA  1 
ATOM   998  C C   . LEU A 1 145 ? 5.686   -8.687  -5.301  1.00 29.56 ? 141  LEU A C   1 
ATOM   999  O O   . LEU A 1 145 ? 6.301   -8.384  -6.371  1.00 31.34 ? 141  LEU A O   1 
ATOM   1000 C CB  . LEU A 1 145 ? 4.336   -6.839  -4.271  1.00 25.76 ? 141  LEU A CB  1 
ATOM   1001 C CG  . LEU A 1 145 ? 4.060   -5.803  -3.176  1.00 26.17 ? 141  LEU A CG  1 
ATOM   1002 C CD1 . LEU A 1 145 ? 3.047   -4.703  -3.716  1.00 18.66 ? 141  LEU A CD1 1 
ATOM   1003 C CD2 . LEU A 1 145 ? 3.442   -6.487  -2.008  1.00 28.10 ? 141  LEU A CD2 1 
ATOM   1004 N N   . ARG A 1 146 ? 5.119   -9.860  -5.111  1.00 31.16 ? 142  ARG A N   1 
ATOM   1005 C CA  . ARG A 1 146 ? 4.867   -10.738 -6.250  1.00 33.84 ? 142  ARG A CA  1 
ATOM   1006 C C   . ARG A 1 146 ? 3.470   -10.502 -6.801  1.00 32.33 ? 142  ARG A C   1 
ATOM   1007 O O   . ARG A 1 146 ? 2.657   -9.808  -6.158  1.00 28.28 ? 142  ARG A O   1 
ATOM   1008 C CB  . ARG A 1 146 ? 5.102   -12.196 -5.875  1.00 36.48 ? 142  ARG A CB  1 
ATOM   1009 C CG  . ARG A 1 146 ? 6.628   -12.553 -6.199  1.00 42.88 ? 142  ARG A CG  1 
ATOM   1010 C CD  . ARG A 1 146 ? 7.419   -12.484 -4.873  1.00 51.66 ? 142  ARG A CD  1 
ATOM   1011 N NE  . ARG A 1 146 ? 6.609   -13.145 -3.807  1.00 54.71 ? 142  ARG A NE  1 
ATOM   1012 C CZ  . ARG A 1 146 ? 7.078   -13.620 -2.641  1.00 60.30 ? 142  ARG A CZ  1 
ATOM   1013 N NH1 . ARG A 1 146 ? 8.377   -13.502 -2.306  1.00 62.42 ? 142  ARG A NH1 1 
ATOM   1014 N NH2 . ARG A 1 146 ? 6.232   -14.178 -1.776  1.00 59.85 ? 142  ARG A NH2 1 
ATOM   1015 N N   . THR A 1 147 ? 3.203   -11.048 -7.996  1.00 32.45 ? 143  THR A N   1 
ATOM   1016 C CA  . THR A 1 147 ? 1.924   -10.745 -8.629  1.00 31.59 ? 143  THR A CA  1 
ATOM   1017 C C   . THR A 1 147 ? 0.836   -11.156 -7.688  1.00 30.84 ? 143  THR A C   1 
ATOM   1018 O O   . THR A 1 147 ? 0.927   -12.216 -7.143  1.00 30.08 ? 143  THR A O   1 
ATOM   1019 C CB  . THR A 1 147 ? 1.751   -11.552 -9.866  1.00 32.90 ? 143  THR A CB  1 
ATOM   1020 O OG1 . THR A 1 147 ? 2.839   -11.198 -10.687 1.00 35.75 ? 143  THR A OG1 1 
ATOM   1021 C CG2 . THR A 1 147 ? 0.474   -11.135 -10.542 1.00 30.29 ? 143  THR A CG2 1 
ATOM   1022 N N   . GLY A 1 148 ? -0.170  -10.315 -7.459  1.00 27.64 ? 144  GLY A N   1 
ATOM   1023 C CA  . GLY A 1 148 ? -1.255  -10.769 -6.607  1.00 27.88 ? 144  GLY A CA  1 
ATOM   1024 C C   . GLY A 1 148 ? -1.121  -10.244 -5.189  1.00 27.07 ? 144  GLY A C   1 
ATOM   1025 O O   . GLY A 1 148 ? -2.149  -10.171 -4.439  1.00 29.03 ? 144  GLY A O   1 
ATOM   1026 N N   . GLU A 1 149 ? 0.111   -9.875  -4.779  1.00 25.53 ? 145  GLU A N   1 
ATOM   1027 C CA  . GLU A 1 149 ? 0.299   -9.584  -3.351  1.00 25.96 ? 145  GLU A CA  1 
ATOM   1028 C C   . GLU A 1 149 ? 0.083   -8.119  -3.086  1.00 23.83 ? 145  GLU A C   1 
ATOM   1029 O O   . GLU A 1 149 ? 0.258   -7.308  -3.975  1.00 23.10 ? 145  GLU A O   1 
ATOM   1030 C CB  . GLU A 1 149 ? 1.687   -9.849  -2.908  1.00 26.21 ? 145  GLU A CB  1 
ATOM   1031 C CG  . GLU A 1 149 ? 2.144   -11.214 -2.708  1.00 34.31 ? 145  GLU A CG  1 
ATOM   1032 C CD  . GLU A 1 149 ? 3.630   -11.033 -2.256  1.00 46.68 ? 145  GLU A CD  1 
ATOM   1033 O OE1 . GLU A 1 149 ? 4.529   -11.130 -3.134  1.00 47.26 ? 145  GLU A OE1 1 
ATOM   1034 O OE2 . GLU A 1 149 ? 3.860   -10.580 -1.077  1.00 52.15 ? 145  GLU A OE2 1 
ATOM   1035 N N   . MET A 1 150 ? -0.245  -7.810  -1.835  1.00 23.33 ? 146  MET A N   1 
ATOM   1036 C CA  . MET A 1 150 ? -0.583  -6.497  -1.389  1.00 22.81 ? 146  MET A CA  1 
ATOM   1037 C C   . MET A 1 150 ? 0.442   -6.064  -0.302  1.00 22.75 ? 146  MET A C   1 
ATOM   1038 O O   . MET A 1 150 ? 0.818   -6.834  0.593   1.00 21.02 ? 146  MET A O   1 
ATOM   1039 C CB  . MET A 1 150 ? -1.991  -6.484  -0.810  1.00 23.94 ? 146  MET A CB  1 
ATOM   1040 C CG  . MET A 1 150 ? -2.543  -5.064  -0.576  1.00 24.02 ? 146  MET A CG  1 
ATOM   1041 S SD  . MET A 1 150 ? -4.198  -5.070  0.128   1.00 24.81 ? 146  MET A SD  1 
ATOM   1042 C CE  . MET A 1 150 ? -3.895  -5.800  1.755   1.00 26.85 ? 146  MET A CE  1 
ATOM   1043 N N   . SER A 1 151 ? 0.794   -4.778  -0.321  1.00 20.59 ? 147  SER A N   1 
ATOM   1044 C CA  . SER A 1 151 ? 1.750   -4.223  0.658   1.00 20.51 ? 147  SER A CA  1 
ATOM   1045 C C   . SER A 1 151 ? 1.058   -3.958  1.995   1.00 20.33 ? 147  SER A C   1 
ATOM   1046 O O   . SER A 1 151 ? -0.166  -4.010  2.044   1.00 20.46 ? 147  SER A O   1 
ATOM   1047 C CB  . SER A 1 151 ? 2.304   -2.920  0.097   1.00 19.05 ? 147  SER A CB  1 
ATOM   1048 O OG  . SER A 1 151 ? 1.319   -1.871  0.176   1.00 20.17 ? 147  SER A OG  1 
ATOM   1049 N N   . GLY A 1 152 ? 1.829   -3.659  3.055   1.00 19.70 ? 148  GLY A N   1 
ATOM   1050 C CA  . GLY A 1 152 ? 1.257   -2.930  4.201   1.00 19.95 ? 148  GLY A CA  1 
ATOM   1051 C C   . GLY A 1 152 ? 1.307   -1.413  3.900   1.00 20.79 ? 148  GLY A C   1 
ATOM   1052 O O   . GLY A 1 152 ? 1.503   -1.014  2.737   1.00 22.79 ? 148  GLY A O   1 
ATOM   1053 N N   . PRO A 1 153 ? 1.263   -0.575  4.958   1.00 23.42 ? 149  PRO A N   1 
ATOM   1054 C CA  . PRO A 1 153 ? 1.303   0.881   4.760   1.00 22.49 ? 149  PRO A CA  1 
ATOM   1055 C C   . PRO A 1 153 ? 2.703   1.237   4.246   1.00 24.04 ? 149  PRO A C   1 
ATOM   1056 O O   . PRO A 1 153 ? 3.735   0.801   4.872   1.00 25.98 ? 149  PRO A O   1 
ATOM   1057 C CB  . PRO A 1 153 ? 1.109   1.469   6.179   1.00 24.07 ? 149  PRO A CB  1 
ATOM   1058 C CG  . PRO A 1 153 ? 0.464   0.351   7.024   1.00 23.85 ? 149  PRO A CG  1 
ATOM   1059 C CD  . PRO A 1 153 ? 1.006   -0.958  6.370   1.00 23.27 ? 149  PRO A CD  1 
ATOM   1060 N N   . VAL A 1 154 ? 2.751   2.002   3.155   1.00 20.75 ? 150  VAL A N   1 
ATOM   1061 C CA  . VAL A 1 154 ? 4.029   2.393   2.505   1.00 21.04 ? 150  VAL A CA  1 
ATOM   1062 C C   . VAL A 1 154 ? 4.001   3.923   2.534   1.00 21.36 ? 150  VAL A C   1 
ATOM   1063 O O   . VAL A 1 154 ? 3.062   4.528   2.030   1.00 22.09 ? 150  VAL A O   1 
ATOM   1064 C CB  . VAL A 1 154 ? 4.204   1.844   1.109   1.00 20.67 ? 150  VAL A CB  1 
ATOM   1065 C CG1 . VAL A 1 154 ? 5.454   2.412   0.421   1.00 18.22 ? 150  VAL A CG1 1 
ATOM   1066 C CG2 . VAL A 1 154 ? 4.286   0.282   1.188   1.00 19.15 ? 150  VAL A CG2 1 
ATOM   1067 N N   . PHE A 1 155 ? 5.078   4.551   3.061   1.00 21.24 ? 151  PHE A N   1 
ATOM   1068 C CA  . PHE A 1 155 ? 5.040   5.993   3.286   1.00 21.21 ? 151  PHE A CA  1 
ATOM   1069 C C   . PHE A 1 155 ? 5.858   6.638   2.204   1.00 20.33 ? 151  PHE A C   1 
ATOM   1070 O O   . PHE A 1 155 ? 7.013   6.198   1.945   1.00 23.21 ? 151  PHE A O   1 
ATOM   1071 C CB  . PHE A 1 155 ? 5.732   6.274   4.640   1.00 20.70 ? 151  PHE A CB  1 
ATOM   1072 C CG  . PHE A 1 155 ? 4.952   5.803   5.814   1.00 22.83 ? 151  PHE A CG  1 
ATOM   1073 C CD1 . PHE A 1 155 ? 4.908   4.474   6.117   1.00 23.88 ? 151  PHE A CD1 1 
ATOM   1074 C CD2 . PHE A 1 155 ? 4.251   6.714   6.620   1.00 22.64 ? 151  PHE A CD2 1 
ATOM   1075 C CE1 . PHE A 1 155 ? 4.166   4.036   7.258   1.00 25.38 ? 151  PHE A CE1 1 
ATOM   1076 C CE2 . PHE A 1 155 ? 3.488   6.278   7.702   1.00 21.55 ? 151  PHE A CE2 1 
ATOM   1077 C CZ  . PHE A 1 155 ? 3.475   4.942   8.014   1.00 21.89 ? 151  PHE A CZ  1 
ATOM   1078 N N   . THR A 1 156 ? 5.332   7.717   1.588   1.00 22.49 ? 152  THR A N   1 
ATOM   1079 C CA  . THR A 1 156 ? 6.178   8.497   0.627   1.00 21.29 ? 152  THR A CA  1 
ATOM   1080 C C   . THR A 1 156 ? 5.870   9.948   0.947   1.00 21.51 ? 152  THR A C   1 
ATOM   1081 O O   . THR A 1 156 ? 4.997   10.199  1.762   1.00 22.31 ? 152  THR A O   1 
ATOM   1082 C CB  . THR A 1 156 ? 5.733   8.194   -0.835  1.00 22.20 ? 152  THR A CB  1 
ATOM   1083 O OG1 . THR A 1 156 ? 4.392   8.679   -0.981  1.00 21.62 ? 152  THR A OG1 1 
ATOM   1084 C CG2 . THR A 1 156 ? 5.778   6.594   -1.218  1.00 20.36 ? 152  THR A CG2 1 
ATOM   1085 N N   . ASP A 1 157 ? 6.497   10.899  0.262   1.00 24.66 ? 153  ASP A N   1 
ATOM   1086 C CA  . ASP A 1 157 ? 6.013   12.343  0.334   1.00 27.03 ? 153  ASP A CA  1 
ATOM   1087 C C   . ASP A 1 157 ? 4.561   12.607  -0.082  1.00 28.31 ? 153  ASP A C   1 
ATOM   1088 O O   . ASP A 1 157 ? 3.969   13.606  0.343   1.00 30.74 ? 153  ASP A O   1 
ATOM   1089 C CB  . ASP A 1 157 ? 6.957   13.208  -0.523  1.00 28.60 ? 153  ASP A CB  1 
ATOM   1090 C CG  . ASP A 1 157 ? 8.387   13.180  0.031   1.00 34.47 ? 153  ASP A CG  1 
ATOM   1091 O OD1 . ASP A 1 157 ? 8.490   13.054  1.282   1.00 38.25 ? 153  ASP A OD1 1 
ATOM   1092 O OD2 . ASP A 1 157 ? 9.384   13.151  -0.758  1.00 44.29 ? 153  ASP A OD2 1 
ATOM   1093 N N   . SER A 1 158 ? 3.947   11.720  -0.906  1.00 27.51 ? 154  SER A N   1 
ATOM   1094 C CA  . SER A 1 158 ? 2.530   11.936  -1.257  1.00 25.61 ? 154  SER A CA  1 
ATOM   1095 C C   . SER A 1 158 ? 1.615   11.645  -0.089  1.00 24.33 ? 154  SER A C   1 
ATOM   1096 O O   . SER A 1 158 ? 0.565   12.211  0.010   1.00 23.34 ? 154  SER A O   1 
ATOM   1097 C CB  . SER A 1 158 ? 2.101   10.957  -2.306  1.00 23.89 ? 154  SER A CB  1 
ATOM   1098 O OG  . SER A 1 158 ? 2.963   11.070  -3.362  1.00 27.94 ? 154  SER A OG  1 
ATOM   1099 N N   . GLY A 1 159 ? 1.996   10.687  0.743   1.00 24.61 ? 155  GLY A N   1 
ATOM   1100 C CA  . GLY A 1 159 ? 1.118   10.320  1.866   1.00 22.67 ? 155  GLY A CA  1 
ATOM   1101 C C   . GLY A 1 159 ? 1.345   8.840   2.166   1.00 22.42 ? 155  GLY A C   1 
ATOM   1102 O O   . GLY A 1 159 ? 2.453   8.337   2.067   1.00 24.19 ? 155  GLY A O   1 
ATOM   1103 N N   . ILE A 1 160 ? 0.286   8.148   2.614   1.00 22.74 ? 156  ILE A N   1 
ATOM   1104 C CA  . ILE A 1 160 ? 0.448   6.697   2.940   1.00 22.33 ? 156  ILE A CA  1 
ATOM   1105 C C   . ILE A 1 160 ? -0.260  5.833   1.889   1.00 21.53 ? 156  ILE A C   1 
ATOM   1106 O O   . ILE A 1 160 ? -1.414  6.086   1.533   1.00 22.64 ? 156  ILE A O   1 
ATOM   1107 C CB  . ILE A 1 160 ? -0.001  6.334   4.383   1.00 19.85 ? 156  ILE A CB  1 
ATOM   1108 C CG1 . ILE A 1 160 ? 0.666   7.234   5.423   1.00 21.30 ? 156  ILE A CG1 1 
ATOM   1109 C CG2 . ILE A 1 160 ? 0.324   4.878   4.758   1.00 21.88 ? 156  ILE A CG2 1 
ATOM   1110 C CD1 . ILE A 1 160 ? 0.003   7.238   6.782   1.00 19.78 ? 156  ILE A CD1 1 
ATOM   1111 N N   . HIS A 1 161 ? 0.416   4.782   1.434   1.00 21.91 ? 157  HIS A N   1 
ATOM   1112 C CA  . HIS A 1 161 ? -0.153  3.933   0.321   1.00 21.56 ? 157  HIS A CA  1 
ATOM   1113 C C   . HIS A 1 161 ? -0.431  2.463   0.756   1.00 21.12 ? 157  HIS A C   1 
ATOM   1114 O O   . HIS A 1 161 ? 0.248   1.916   1.635   1.00 19.79 ? 157  HIS A O   1 
ATOM   1115 C CB  . HIS A 1 161 ? 0.791   3.811   -0.850  1.00 19.11 ? 157  HIS A CB  1 
ATOM   1116 C CG  . HIS A 1 161 ? 1.342   5.101   -1.353  1.00 21.82 ? 157  HIS A CG  1 
ATOM   1117 N ND1 . HIS A 1 161 ? 0.929   5.664   -2.538  1.00 21.71 ? 157  HIS A ND1 1 
ATOM   1118 C CD2 . HIS A 1 161 ? 2.311   5.917   -0.872  1.00 25.13 ? 157  HIS A CD2 1 
ATOM   1119 C CE1 . HIS A 1 161 ? 1.630   6.758   -2.787  1.00 25.16 ? 157  HIS A CE1 1 
ATOM   1120 N NE2 . HIS A 1 161 ? 2.463   6.942   -1.777  1.00 25.43 ? 157  HIS A NE2 1 
ATOM   1121 N N   . ILE A 1 162 ? -1.469  1.882   0.169   1.00 21.36 ? 158  ILE A N   1 
ATOM   1122 C CA  . ILE A 1 162 ? -1.613  0.427   0.130   1.00 22.46 ? 158  ILE A CA  1 
ATOM   1123 C C   . ILE A 1 162 ? -1.368  0.066   -1.327  1.00 22.00 ? 158  ILE A C   1 
ATOM   1124 O O   . ILE A 1 162 ? -2.047  0.603   -2.214  1.00 21.19 ? 158  ILE A O   1 
ATOM   1125 C CB  . ILE A 1 162 ? -3.033  -0.130  0.541   1.00 22.51 ? 158  ILE A CB  1 
ATOM   1126 C CG1 . ILE A 1 162 ? -3.416  0.264   1.949   1.00 24.16 ? 158  ILE A CG1 1 
ATOM   1127 C CG2 . ILE A 1 162 ? -3.038  -1.674  0.481   1.00 22.81 ? 158  ILE A CG2 1 
ATOM   1128 C CD1 . ILE A 1 162 ? -4.894  0.300   2.165   1.00 20.35 ? 158  ILE A CD1 1 
ATOM   1129 N N   . ILE A 1 163 ? -0.486  -0.881  -1.600  1.00 21.09 ? 159  ILE A N   1 
ATOM   1130 C CA  . ILE A 1 163 ? -0.177  -1.161  -3.015  1.00 23.16 ? 159  ILE A CA  1 
ATOM   1131 C C   . ILE A 1 163 ? -0.602  -2.575  -3.353  1.00 23.67 ? 159  ILE A C   1 
ATOM   1132 O O   . ILE A 1 163 ? -0.346  -3.484  -2.539  1.00 21.71 ? 159  ILE A O   1 
ATOM   1133 C CB  . ILE A 1 163 ? 1.364   -0.989  -3.279  1.00 21.93 ? 159  ILE A CB  1 
ATOM   1134 C CG1 . ILE A 1 163 ? 1.818   0.455   -2.847  1.00 22.84 ? 159  ILE A CG1 1 
ATOM   1135 C CG2 . ILE A 1 163 ? 1.729   -1.217  -4.753  1.00 21.94 ? 159  ILE A CG2 1 
ATOM   1136 C CD1 . ILE A 1 163 ? 3.448   0.665   -2.756  1.00 18.19 ? 159  ILE A CD1 1 
ATOM   1137 N N   . LEU A 1 164 ? -1.203  -2.768  -4.555  1.00 22.35 ? 160  LEU A N   1 
ATOM   1138 C CA  . LEU A 1 164 ? -1.555  -4.141  -4.961  1.00 21.52 ? 160  LEU A CA  1 
ATOM   1139 C C   . LEU A 1 164 ? -0.814  -4.387  -6.241  1.00 20.66 ? 160  LEU A C   1 
ATOM   1140 O O   . LEU A 1 164 ? -0.906  -3.601  -7.199  1.00 21.60 ? 160  LEU A O   1 
ATOM   1141 C CB  . LEU A 1 164 ? -3.044  -4.325  -5.173  1.00 19.78 ? 160  LEU A CB  1 
ATOM   1142 C CG  . LEU A 1 164 ? -3.578  -5.715  -5.607  1.00 22.23 ? 160  LEU A CG  1 
ATOM   1143 C CD1 . LEU A 1 164 ? -3.354  -6.895  -4.616  1.00 23.68 ? 160  LEU A CD1 1 
ATOM   1144 C CD2 . LEU A 1 164 ? -4.969  -5.626  -6.110  1.00 22.10 ? 160  LEU A CD2 1 
ATOM   1145 N N   . ARG A 1 165 ? 0.021   -5.410  -6.252  1.00 21.16 ? 161  ARG A N   1 
ATOM   1146 C CA  . ARG A 1 165 ? 0.762   -5.686  -7.514  1.00 23.02 ? 161  ARG A CA  1 
ATOM   1147 C C   . ARG A 1 165 ? -0.180  -6.617  -8.334  1.00 24.57 ? 161  ARG A C   1 
ATOM   1148 O O   . ARG A 1 165 ? -0.660  -7.686  -7.793  1.00 25.51 ? 161  ARG A O   1 
ATOM   1149 C CB  . ARG A 1 165 ? 2.199   -6.259  -7.334  1.00 21.41 ? 161  ARG A CB  1 
ATOM   1150 C CG  . ARG A 1 165 ? 2.791   -6.658  -8.735  1.00 25.67 ? 161  ARG A CG  1 
ATOM   1151 C CD  . ARG A 1 165 ? 4.058   -7.481  -8.542  1.00 27.49 ? 161  ARG A CD  1 
ATOM   1152 N NE  . ARG A 1 165 ? 4.569   -7.894  -9.831  1.00 34.07 ? 161  ARG A NE  1 
ATOM   1153 C CZ  . ARG A 1 165 ? 5.650   -8.672  -10.020 1.00 40.63 ? 161  ARG A CZ  1 
ATOM   1154 N NH1 . ARG A 1 165 ? 6.420   -9.103  -9.003  1.00 40.67 ? 161  ARG A NH1 1 
ATOM   1155 N NH2 . ARG A 1 165 ? 5.989   -9.015  -11.262 1.00 41.46 ? 161  ARG A NH2 1 
ATOM   1156 N N   . THR A 1 166 ? -0.542  -6.139  -9.522  1.00 25.71 ? 162  THR A N   1 
ATOM   1157 C CA  . THR A 1 166 ? -1.484  -6.870  -10.386 1.00 27.79 ? 162  THR A CA  1 
ATOM   1158 C C   . THR A 1 166 ? -0.794  -7.663  -11.548 1.00 28.97 ? 162  THR A C   1 
ATOM   1159 O O   . THR A 1 166 ? -1.428  -8.540  -12.098 1.00 29.33 ? 162  THR A O   1 
ATOM   1160 C CB  . THR A 1 166 ? -2.608  -5.991  -10.924 1.00 27.93 ? 162  THR A CB  1 
ATOM   1161 O OG1 . THR A 1 166 ? -2.082  -4.964  -11.745 1.00 27.15 ? 162  THR A OG1 1 
ATOM   1162 C CG2 . THR A 1 166 ? -3.453  -5.348  -9.763  1.00 26.24 ? 162  THR A CG2 1 
ATOM   1163 N N   . GLU A 1 167 ? 0.432   -7.320  -11.953 1.00 28.47 ? 163  GLU A N   1 
ATOM   1164 C CA  . GLU A 1 167 ? 1.181   -8.060  -12.990 1.00 30.15 ? 163  GLU A CA  1 
ATOM   1165 C C   . GLU A 1 167 ? 2.613   -7.823  -12.764 1.00 30.49 ? 163  GLU A C   1 
ATOM   1166 O O   . GLU A 1 167 ? 2.962   -6.903  -12.036 1.00 31.11 ? 163  GLU A O   1 
ATOM   1167 C CB  . GLU A 1 167 ? 0.889   -7.499  -14.387 1.00 32.43 ? 163  GLU A CB  1 
ATOM   1168 C CG  . GLU A 1 167 ? -0.584  -7.635  -14.784 1.00 33.55 ? 163  GLU A CG  1 
ATOM   1169 C CD  . GLU A 1 167 ? -0.898  -6.924  -16.118 1.00 39.96 ? 163  GLU A CD  1 
ATOM   1170 O OE1 . GLU A 1 167 ? 0.039   -6.414  -16.804 1.00 44.44 ? 163  GLU A OE1 1 
ATOM   1171 O OE2 . GLU A 1 167 ? -2.082  -6.850  -16.450 1.00 42.68 ? 163  GLU A OE2 1 
ATOM   1172 O OXT . GLU A 1 167 ? 3.497   -8.482  -13.300 1.00 28.50 ? 163  GLU A OXT 1 
HETATM 1173 C C36 . 12P B 2 .   ? -1.962  -11.751 3.035   1.00 43.33 ? 1164 12P A C36 1 
HETATM 1174 C C35 . 12P B 2 .   ? -1.676  -10.240 2.850   1.00 47.33 ? 1164 12P A C35 1 
HETATM 1175 O O34 . 12P B 2 .   ? -0.304  -9.680  3.030   1.00 47.53 ? 1164 12P A O34 1 
HETATM 1176 C C33 . 12P B 2 .   ? -0.223  -8.231  3.156   1.00 39.61 ? 1164 12P A C33 1 
HETATM 1177 C C32 . 12P B 2 .   ? 0.036   -7.698  4.636   1.00 26.63 ? 1164 12P A C32 1 
HETATM 1178 O O31 . 12P B 2 .   ? -0.445  -6.327  4.796   1.00 34.37 ? 1164 12P A O31 1 
HETATM 1179 C C30 . 12P B 2 .   ? -0.239  -5.767  6.134   1.00 28.82 ? 1164 12P A C30 1 
HETATM 1180 C C29 . 12P B 2 .   ? -1.402  -6.338  6.939   1.00 22.42 ? 1164 12P A C29 1 
HETATM 1181 O O28 . 12P B 2 .   ? -1.412  -5.995  8.329   1.00 35.69 ? 1164 12P A O28 1 
HETATM 1182 C C27 . 12P B 2 .   ? -2.688  -6.445  8.909   1.00 27.69 ? 1164 12P A C27 1 
HETATM 1183 C C26 . 12P B 2 .   ? -2.608  -7.947  8.758   1.00 21.53 ? 1164 12P A C26 1 
HETATM 1184 O O25 . 12P B 2 .   ? -3.536  -8.532  9.694   1.00 36.74 ? 1164 12P A O25 1 
HETATM 1185 C C24 . 12P B 2 .   ? -3.500  -9.994  9.631   1.00 30.34 ? 1164 12P A C24 1 
HETATM 1186 C C23 . 12P B 2 .   ? -2.123  -10.382 10.068  1.00 29.17 ? 1164 12P A C23 1 
HETATM 1187 O O22 . 12P B 2 .   ? -1.835  -11.734 9.727   1.00 39.01 ? 1164 12P A O22 1 
HETATM 1188 C C21 . 12P B 2 .   ? -0.496  -12.175 10.127  1.00 34.18 ? 1164 12P A C21 1 
HETATM 1189 C C20 . 12P B 2 .   ? -0.252  -11.600 11.497  1.00 31.74 ? 1164 12P A C20 1 
HETATM 1190 O O19 . 12P B 2 .   ? 0.994   -11.956 11.964  1.00 37.17 ? 1164 12P A O19 1 
HETATM 1191 C C18 . 12P B 2 .   ? 1.215   -11.224 13.192  1.00 38.81 ? 1164 12P A C18 1 
HETATM 1192 C C17 . 12P B 2 .   ? 0.940   -9.751  12.983  1.00 40.88 ? 1164 12P A C17 1 
HETATM 1193 O O16 . 12P B 2 .   ? 1.803   -8.911  13.745  1.00 48.26 ? 1164 12P A O16 1 
HETATM 1194 C C15 . 12P B 2 .   ? 2.364   -7.780  12.995  1.00 47.40 ? 1164 12P A C15 1 
HETATM 1195 C C14 . 12P B 2 .   ? 1.653   -6.455  13.231  1.00 38.45 ? 1164 12P A C14 1 
HETATM 1196 O O14 . 4FF C 3 .   ? 1.386   13.902  -4.204  1.00 38.18 ? 1165 4FF A O14 1 
HETATM 1197 C C12 . 4FF C 3 .   ? 0.367   13.619  -4.874  1.00 39.69 ? 1165 4FF A C12 1 
HETATM 1198 O O13 . 4FF C 3 .   ? -0.546  14.440  -4.952  1.00 36.47 ? 1165 4FF A O13 1 
HETATM 1199 C C10 . 4FF C 3 .   ? 0.141   12.216  -5.555  1.00 35.41 ? 1165 4FF A C10 1 
HETATM 1200 C C9  . 4FF C 3 .   ? -1.020  11.787  -6.215  1.00 37.21 ? 1165 4FF A C9  1 
HETATM 1201 N N8  . 4FF C 3 .   ? -0.793  10.529  -6.649  1.00 38.58 ? 1165 4FF A N8  1 
HETATM 1202 C C7  . 4FF C 3 .   ? 0.478   10.177  -6.261  1.00 38.13 ? 1165 4FF A C7  1 
HETATM 1203 N N11 . 4FF C 3 .   ? 1.027   11.236  -5.619  1.00 36.63 ? 1165 4FF A N11 1 
HETATM 1204 C C6  . 4FF C 3 .   ? 1.155   8.966   -6.500  1.00 37.25 ? 1165 4FF A C6  1 
HETATM 1205 C C1  . 4FF C 3 .   ? 0.771   8.133   -7.570  1.00 36.89 ? 1165 4FF A C1  1 
HETATM 1206 C C2  . 4FF C 3 .   ? 1.426   6.913   -7.844  1.00 36.01 ? 1165 4FF A C2  1 
HETATM 1207 C C3  . 4FF C 3 .   ? 2.508   6.538   -7.027  1.00 35.86 ? 1165 4FF A C3  1 
HETATM 1208 C C4  . 4FF C 3 .   ? 2.940   7.369   -5.972  1.00 36.96 ? 1165 4FF A C4  1 
HETATM 1209 C C5  . 4FF C 3 .   ? 2.244   8.575   -5.711  1.00 37.34 ? 1165 4FF A C5  1 
HETATM 1210 C C15 . 4FF C 3 .   ? -2.337  12.615  -6.449  1.00 38.46 ? 1165 4FF A C15 1 
HETATM 1211 O O   . HOH D 4 .   ? 2.681   10.490  -9.277  1.00 51.89 ? 2001 HOH A O   1 
HETATM 1212 O O   . HOH D 4 .   ? 0.404   8.769   -11.166 1.00 49.71 ? 2002 HOH A O   1 
HETATM 1213 O O   . HOH D 4 .   ? 14.689  -18.965 1.472   1.00 56.92 ? 2003 HOH A O   1 
HETATM 1214 O O   . HOH D 4 .   ? 15.873  -12.722 -0.322  1.00 55.06 ? 2004 HOH A O   1 
HETATM 1215 O O   . HOH D 4 .   ? 14.384  -12.488 2.528   1.00 48.26 ? 2005 HOH A O   1 
HETATM 1216 O O   . HOH D 4 .   ? -4.364  -17.808 10.595  1.00 29.58 ? 2006 HOH A O   1 
HETATM 1217 O O   . HOH D 4 .   ? 4.666   -21.159 10.325  1.00 50.30 ? 2007 HOH A O   1 
HETATM 1218 O O   . HOH D 4 .   ? 7.598   -23.439 7.399   1.00 45.62 ? 2008 HOH A O   1 
HETATM 1219 O O   . HOH D 4 .   ? 3.256   -9.008  17.066  1.00 47.07 ? 2009 HOH A O   1 
HETATM 1220 O O   . HOH D 4 .   ? -0.205  -5.662  11.975  1.00 44.12 ? 2010 HOH A O   1 
HETATM 1221 O O   . HOH D 4 .   ? -4.235  -15.971 14.124  1.00 31.51 ? 2011 HOH A O   1 
HETATM 1222 O O   . HOH D 4 .   ? -3.488  -17.736 12.619  1.00 55.23 ? 2012 HOH A O   1 
HETATM 1223 O O   . HOH D 4 .   ? -2.562  -15.768 16.460  1.00 42.43 ? 2013 HOH A O   1 
HETATM 1224 O O   . HOH D 4 .   ? 0.530   -19.814 11.545  1.00 34.19 ? 2014 HOH A O   1 
HETATM 1225 O O   . HOH D 4 .   ? 3.323   -19.089 10.923  1.00 32.05 ? 2015 HOH A O   1 
HETATM 1226 O O   . HOH D 4 .   ? 4.962   -20.873 15.157  1.00 43.41 ? 2016 HOH A O   1 
HETATM 1227 O O   . HOH D 4 .   ? 6.104   -6.140  12.225  1.00 43.93 ? 2017 HOH A O   1 
HETATM 1228 O O   . HOH D 4 .   ? 6.527   -21.484 8.909   1.00 46.69 ? 2018 HOH A O   1 
HETATM 1229 O O   . HOH D 4 .   ? 9.647   -1.238  6.680   1.00 22.35 ? 2019 HOH A O   1 
HETATM 1230 O O   . HOH D 4 .   ? 5.694   -8.372  0.578   1.00 26.84 ? 2020 HOH A O   1 
HETATM 1231 O O   . HOH D 4 .   ? 2.459   -5.093  8.558   1.00 32.80 ? 2021 HOH A O   1 
HETATM 1232 O O   . HOH D 4 .   ? 0.141   -8.645  10.617  1.00 35.34 ? 2022 HOH A O   1 
HETATM 1233 O O   . HOH D 4 .   ? -9.663  10.275  10.786  1.00 44.79 ? 2023 HOH A O   1 
HETATM 1234 O O   . HOH D 4 .   ? 5.549   6.264   10.868  1.00 47.37 ? 2024 HOH A O   1 
HETATM 1235 O O   . HOH D 4 .   ? -3.424  -19.832 5.451   1.00 40.10 ? 2025 HOH A O   1 
HETATM 1236 O O   . HOH D 4 .   ? -1.817  -14.346 7.194   1.00 32.44 ? 2026 HOH A O   1 
HETATM 1237 O O   . HOH D 4 .   ? -2.599  -18.745 8.816   1.00 31.84 ? 2027 HOH A O   1 
HETATM 1238 O O   . HOH D 4 .   ? -1.649  -14.537 3.391   0.50 33.62 ? 2028 HOH A O   1 
HETATM 1239 O O   . HOH D 4 .   ? 2.542   9.910   13.979  1.00 51.31 ? 2029 HOH A O   1 
HETATM 1240 O O   . HOH D 4 .   ? -12.591 4.527   7.294   1.00 56.39 ? 2030 HOH A O   1 
HETATM 1241 O O   . HOH D 4 .   ? -14.374 1.343   5.007   1.00 48.41 ? 2031 HOH A O   1 
HETATM 1242 O O   . HOH D 4 .   ? -12.109 -5.286  9.744   1.00 44.01 ? 2032 HOH A O   1 
HETATM 1243 O O   . HOH D 4 .   ? 12.853  -1.950  -13.971 1.00 44.10 ? 2033 HOH A O   1 
HETATM 1244 O O   . HOH D 4 .   ? 7.183   2.788   -18.515 1.00 53.38 ? 2034 HOH A O   1 
HETATM 1245 O O   . HOH D 4 .   ? -17.863 9.965   -3.707  1.00 51.99 ? 2035 HOH A O   1 
HETATM 1246 O O   . HOH D 4 .   ? -7.083  -1.680  -9.536  1.00 28.34 ? 2036 HOH A O   1 
HETATM 1247 O O   . HOH D 4 .   ? -3.688  15.715  -5.708  1.00 36.09 ? 2037 HOH A O   1 
HETATM 1248 O O   . HOH D 4 .   ? 3.573   9.826   4.558   1.00 32.83 ? 2038 HOH A O   1 
HETATM 1249 O O   . HOH D 4 .   ? 12.898  -6.507  -4.064  1.00 49.09 ? 2039 HOH A O   1 
HETATM 1250 O O   . HOH D 4 .   ? 6.142   14.742  2.526   1.00 47.79 ? 2040 HOH A O   1 
HETATM 1251 O O   . HOH D 4 .   ? -6.237  18.460  -5.542  1.00 60.86 ? 2041 HOH A O   1 
HETATM 1252 O O   . HOH D 4 .   ? -6.407  13.970  -6.365  1.00 41.25 ? 2042 HOH A O   1 
HETATM 1253 O O   . HOH D 4 .   ? -14.300 13.693  0.993   1.00 46.99 ? 2043 HOH A O   1 
HETATM 1254 O O   . HOH D 4 .   ? -12.174 12.875  2.535   1.00 39.62 ? 2044 HOH A O   1 
HETATM 1255 O O   . HOH D 4 .   ? -14.398 9.396   3.778   1.00 45.61 ? 2045 HOH A O   1 
HETATM 1256 O O   . HOH D 4 .   ? -13.522 19.895  0.018   1.00 37.17 ? 2046 HOH A O   1 
HETATM 1257 O O   . HOH D 4 .   ? -10.797 26.161  -5.362  1.00 48.73 ? 2047 HOH A O   1 
HETATM 1258 O O   . HOH D 4 .   ? -13.552 22.905  -0.941  1.00 47.44 ? 2048 HOH A O   1 
HETATM 1259 O O   . HOH D 4 .   ? -7.732  24.390  -3.742  1.00 53.39 ? 2049 HOH A O   1 
HETATM 1260 O O   . HOH D 4 .   ? -2.587  24.822  7.250   1.00 50.29 ? 2050 HOH A O   1 
HETATM 1261 O O   . HOH D 4 .   ? -10.732 20.104  4.741   1.00 46.12 ? 2051 HOH A O   1 
HETATM 1262 O O   . HOH D 4 .   ? -11.580 21.052  2.266   1.00 35.44 ? 2052 HOH A O   1 
HETATM 1263 O O   . HOH D 4 .   ? -3.716  20.980  5.784   1.00 43.39 ? 2053 HOH A O   1 
HETATM 1264 O O   . HOH D 4 .   ? -8.321  15.464  6.051   1.00 31.21 ? 2054 HOH A O   1 
HETATM 1265 O O   . HOH D 4 .   ? -9.710  11.903  7.748   1.00 37.71 ? 2055 HOH A O   1 
HETATM 1266 O O   . HOH D 4 .   ? -11.260 9.873   5.254   1.00 38.95 ? 2056 HOH A O   1 
HETATM 1267 O O   . HOH D 4 .   ? -3.371  12.434  15.538  1.00 42.37 ? 2057 HOH A O   1 
HETATM 1268 O O   . HOH D 4 .   ? 6.671   9.246   8.218   1.00 43.56 ? 2058 HOH A O   1 
HETATM 1269 O O   . HOH D 4 .   ? 6.277   13.574  7.187   1.00 53.48 ? 2059 HOH A O   1 
HETATM 1270 O O   . HOH D 4 .   ? 0.771   15.064  10.172  1.00 39.32 ? 2060 HOH A O   1 
HETATM 1271 O O   . HOH D 4 .   ? -2.260  5.646   13.676  1.00 38.37 ? 2061 HOH A O   1 
HETATM 1272 O O   . HOH D 4 .   ? 0.563   12.369  13.123  1.00 36.84 ? 2062 HOH A O   1 
HETATM 1273 O O   . HOH D 4 .   ? -7.969  8.057   11.320  1.00 33.66 ? 2063 HOH A O   1 
HETATM 1274 O O   . HOH D 4 .   ? -9.942  5.900   11.579  1.00 44.06 ? 2064 HOH A O   1 
HETATM 1275 O O   . HOH D 4 .   ? -7.368  1.570   12.193  1.00 40.88 ? 2065 HOH A O   1 
HETATM 1276 O O   . HOH D 4 .   ? -10.156 3.398   10.297  1.00 41.20 ? 2066 HOH A O   1 
HETATM 1277 O O   . HOH D 4 .   ? -10.295 2.895   7.543   1.00 29.48 ? 2067 HOH A O   1 
HETATM 1278 O O   . HOH D 4 .   ? -1.641  -2.567  8.466   1.00 42.65 ? 2068 HOH A O   1 
HETATM 1279 O O   . HOH D 4 .   ? -4.133  -3.474  9.346   1.00 32.06 ? 2069 HOH A O   1 
HETATM 1280 O O   . HOH D 4 .   ? -4.548  1.931   13.261  1.00 50.48 ? 2070 HOH A O   1 
HETATM 1281 O O   . HOH D 4 .   ? 0.645   0.442   10.981  1.00 39.54 ? 2071 HOH A O   1 
HETATM 1282 O O   . HOH D 4 .   ? -11.987 -1.123  9.095   1.00 48.05 ? 2072 HOH A O   1 
HETATM 1283 O O   . HOH D 4 .   ? -12.204 0.954   7.014   1.00 41.43 ? 2073 HOH A O   1 
HETATM 1284 O O   . HOH D 4 .   ? -9.815  7.997   3.989   1.00 30.40 ? 2074 HOH A O   1 
HETATM 1285 O O   . HOH D 4 .   ? -13.311 5.957   5.190   1.00 32.65 ? 2075 HOH A O   1 
HETATM 1286 O O   . HOH D 4 .   ? -10.138 -8.673  -0.463  1.00 28.61 ? 2076 HOH A O   1 
HETATM 1287 O O   . HOH D 4 .   ? -6.452  -12.181 4.109   1.00 32.45 ? 2077 HOH A O   1 
HETATM 1288 O O   . HOH D 4 .   ? -2.182  -11.901 6.023   1.00 29.42 ? 2078 HOH A O   1 
HETATM 1289 O O   . HOH D 4 .   ? -15.300 -12.373 3.843   1.00 44.22 ? 2079 HOH A O   1 
HETATM 1290 O O   . HOH D 4 .   ? -12.604 -11.650 -0.459  1.00 45.27 ? 2080 HOH A O   1 
HETATM 1291 O O   . HOH D 4 .   ? -13.631 -6.645  8.382   1.00 38.21 ? 2081 HOH A O   1 
HETATM 1292 O O   . HOH D 4 .   ? -17.213 -2.013  4.970   1.00 54.73 ? 2082 HOH A O   1 
HETATM 1293 O O   . HOH D 4 .   ? -15.228 -3.150  -6.852  1.00 47.30 ? 2083 HOH A O   1 
HETATM 1294 O O   . HOH D 4 .   ? -13.505 7.436   -7.555  1.00 28.35 ? 2084 HOH A O   1 
HETATM 1295 O O   . HOH D 4 .   ? -15.447 0.861   -8.513  1.00 48.40 ? 2085 HOH A O   1 
HETATM 1296 O O   . HOH D 4 .   ? -13.111 3.134   -10.167 1.00 29.14 ? 2086 HOH A O   1 
HETATM 1297 O O   . HOH D 4 .   ? -16.416 7.746   -1.357  1.00 43.97 ? 2087 HOH A O   1 
HETATM 1298 O O   . HOH D 4 .   ? -17.996 6.148   -0.411  1.00 39.57 ? 2088 HOH A O   1 
HETATM 1299 O O   . HOH D 4 .   ? -5.838  5.307   -6.135  1.00 24.22 ? 2089 HOH A O   1 
HETATM 1300 O O   . HOH D 4 .   ? -9.525  12.924  1.690   1.00 32.98 ? 2090 HOH A O   1 
HETATM 1301 O O   . HOH D 4 .   ? -8.377  9.360   1.910   1.00 28.58 ? 2091 HOH A O   1 
HETATM 1302 O O   . HOH D 4 .   ? -9.288  10.452  -13.080 1.00 51.67 ? 2092 HOH A O   1 
HETATM 1303 O O   . HOH D 4 .   ? -4.139  13.381  -8.520  1.00 53.01 ? 2093 HOH A O   1 
HETATM 1304 O O   . HOH D 4 .   ? -3.807  8.796   -12.902 1.00 44.29 ? 2094 HOH A O   1 
HETATM 1305 O O   . HOH D 4 .   ? -13.024 3.007   -14.067 1.00 21.56 ? 2095 HOH A O   1 
HETATM 1306 O O   . HOH D 4 .   ? -16.853 0.324   -12.510 1.00 25.05 ? 2096 HOH A O   1 
HETATM 1307 O O   . HOH D 4 .   ? -14.213 1.457   -12.200 1.00 26.13 ? 2097 HOH A O   1 
HETATM 1308 O O   . HOH D 4 .   ? -8.290  -0.996  -15.446 1.00 51.02 ? 2098 HOH A O   1 
HETATM 1309 O O   . HOH D 4 .   ? -13.347 -4.214  -9.633  1.00 50.91 ? 2099 HOH A O   1 
HETATM 1310 O O   . HOH D 4 .   ? -6.635  1.528   -16.217 1.00 50.45 ? 2100 HOH A O   1 
HETATM 1311 O O   . HOH D 4 .   ? 9.698   3.413   -10.494 1.00 34.09 ? 2101 HOH A O   1 
HETATM 1312 O O   . HOH D 4 .   ? 8.962   9.412   -1.323  1.00 35.81 ? 2102 HOH A O   1 
HETATM 1313 O O   . HOH D 4 .   ? 5.464   8.617   -7.602  1.00 42.71 ? 2103 HOH A O   1 
HETATM 1314 O O   . HOH D 4 .   ? 12.478  5.752   -8.687  1.00 36.79 ? 2104 HOH A O   1 
HETATM 1315 O O   . HOH D 4 .   ? 15.750  0.949   -5.077  1.00 46.74 ? 2105 HOH A O   1 
HETATM 1316 O O   . HOH D 4 .   ? 12.245  -3.640  -4.259  1.00 32.52 ? 2106 HOH A O   1 
HETATM 1317 O O   . HOH D 4 .   ? 6.719   -10.001 -1.390  1.00 26.36 ? 2107 HOH A O   1 
HETATM 1318 O O   . HOH D 4 .   ? 10.142  -10.129 -2.580  1.00 37.08 ? 2108 HOH A O   1 
HETATM 1319 O O   . HOH D 4 .   ? 3.968   -13.312 -1.071  1.00 51.93 ? 2109 HOH A O   1 
HETATM 1320 O O   . HOH D 4 .   ? 5.619   -12.793 -9.097  1.00 50.52 ? 2110 HOH A O   1 
HETATM 1321 O O   . HOH D 4 .   ? 3.231   -9.351  0.427   1.00 45.66 ? 2111 HOH A O   1 
HETATM 1322 O O   . HOH D 4 .   ? -3.868  -8.824  -8.144  1.00 44.21 ? 2112 HOH A O   1 
HETATM 1323 O O   . HOH D 4 .   ? 8.282   -11.213 -9.690  1.00 44.79 ? 2113 HOH A O   1 
HETATM 1324 O O   . HOH D 4 .   ? -3.259  -2.591  -11.506 1.00 25.27 ? 2114 HOH A O   1 
HETATM 1325 O O   . HOH D 4 .   ? -4.482  -9.385  -10.393 1.00 56.85 ? 2115 HOH A O   1 
HETATM 1326 O O   . HOH D 4 .   ? -5.038  -4.179  -12.892 1.00 34.86 ? 2116 HOH A O   1 
HETATM 1327 O O   . HOH D 4 .   ? 5.308   -7.693  -14.901 1.00 41.16 ? 2117 HOH A O   1 
HETATM 1328 O O   . HOH D 4 .   ? 3.443   -5.591  -16.710 1.00 47.27 ? 2118 HOH A O   1 
HETATM 1329 O O   . HOH D 4 .   ? 0.615   14.767  -1.710  1.00 26.39 ? 2119 HOH A O   1 
HETATM 1330 O O   . HOH D 4 .   ? -0.826  10.773  -10.211 1.00 47.05 ? 2120 HOH A O   1 
# 
loop_
_pdbx_poly_seq_scheme.asym_id 
_pdbx_poly_seq_scheme.entity_id 
_pdbx_poly_seq_scheme.seq_id 
_pdbx_poly_seq_scheme.mon_id 
_pdbx_poly_seq_scheme.ndb_seq_num 
_pdbx_poly_seq_scheme.pdb_seq_num 
_pdbx_poly_seq_scheme.auth_seq_num 
_pdbx_poly_seq_scheme.pdb_mon_id 
_pdbx_poly_seq_scheme.auth_mon_id 
_pdbx_poly_seq_scheme.pdb_strand_id 
_pdbx_poly_seq_scheme.pdb_ins_code 
_pdbx_poly_seq_scheme.hetero 
A 1 1   GLY 1   -3  ?   ?   ?   A . n 
A 1 2   SER 2   -2  ?   ?   ?   A . n 
A 1 3   HIS 3   -1  ?   ?   ?   A . n 
A 1 4   GLY 4   0   ?   ?   ?   A . n 
A 1 5   MET 5   1   ?   ?   ?   A . n 
A 1 6   ALA 6   2   ?   ?   ?   A . n 
A 1 7   ASP 7   3   ?   ?   ?   A . n 
A 1 8   GLU 8   4   ?   ?   ?   A . n 
A 1 9   GLU 9   5   ?   ?   ?   A . n 
A 1 10  LYS 10  6   ?   ?   ?   A . n 
A 1 11  LEU 11  7   7   LEU LEU A . n 
A 1 12  PRO 12  8   8   PRO PRO A . n 
A 1 13  PRO 13  9   9   PRO PRO A . n 
A 1 14  GLY 14  10  10  GLY GLY A . n 
A 1 15  TRP 15  11  11  TRP TRP A . n 
A 1 16  GLU 16  12  12  GLU GLU A . n 
A 1 17  LYS 17  13  13  LYS LYS A . n 
A 1 18  ALA 18  14  14  ALA ALA A . n 
A 1 19  MET 19  15  15  MET MET A . n 
A 1 20  SER 20  16  16  SER SER A . n 
A 1 21  ARG 21  17  17  ARG ARG A . n 
A 1 22  SER 22  18  18  SER SER A . n 
A 1 23  SER 23  19  19  SER SER A . n 
A 1 24  GLY 24  20  20  GLY GLY A . n 
A 1 25  ARG 25  21  21  ARG ARG A . n 
A 1 26  VAL 26  22  22  VAL VAL A . n 
A 1 27  TYR 27  23  23  TYR TYR A . n 
A 1 28  TYR 28  24  24  TYR TYR A . n 
A 1 29  PHE 29  25  25  PHE PHE A . n 
A 1 30  ASN 30  26  26  ASN ASN A . n 
A 1 31  HIS 31  27  27  HIS HIS A . n 
A 1 32  ILE 32  28  28  ILE ILE A . n 
A 1 33  THR 33  29  29  THR THR A . n 
A 1 34  ASN 34  30  30  ASN ASN A . n 
A 1 35  ALA 35  31  31  ALA ALA A . n 
A 1 36  SER 36  32  32  SER SER A . n 
A 1 37  GLN 37  33  33  GLN GLN A . n 
A 1 38  TRP 38  34  34  TRP TRP A . n 
A 1 39  GLU 39  35  35  GLU GLU A . n 
A 1 40  ARG 40  36  36  ARG ARG A . n 
A 1 41  PRO 41  37  37  PRO PRO A . n 
A 1 42  SER 42  38  38  SER SER A . n 
A 1 43  GLY 43  39  ?   ?   ?   A . n 
A 1 44  ASN 44  40  ?   ?   ?   A . n 
A 1 45  SER 45  41  ?   ?   ?   A . n 
A 1 46  SER 46  42  ?   ?   ?   A . n 
A 1 47  SER 47  43  ?   ?   ?   A . n 
A 1 48  GLY 48  44  ?   ?   ?   A . n 
A 1 49  GLY 49  45  ?   ?   ?   A . n 
A 1 50  LYS 50  46  ?   ?   ?   A . n 
A 1 51  ASN 51  47  ?   ?   ?   A . n 
A 1 52  GLY 52  48  ?   ?   ?   A . n 
A 1 53  GLN 53  49  ?   ?   ?   A . n 
A 1 54  GLY 54  50  ?   ?   ?   A . n 
A 1 55  GLU 55  51  51  GLU GLU A . n 
A 1 56  PRO 56  52  52  PRO PRO A . n 
A 1 57  ALA 57  53  53  ALA ALA A . n 
A 1 58  ARG 58  54  54  ARG ARG A . n 
A 1 59  VAL 59  55  55  VAL VAL A . n 
A 1 60  ARG 60  56  56  ARG ARG A . n 
A 1 61  CYS 61  57  57  CYS CYS A . n 
A 1 62  SER 62  58  58  SER SER A . n 
A 1 63  HIS 63  59  59  HIS HIS A . n 
A 1 64  LEU 64  60  60  LEU LEU A . n 
A 1 65  LEU 65  61  61  LEU LEU A . n 
A 1 66  VAL 66  62  62  VAL VAL A . n 
A 1 67  LYS 67  63  63  LYS LYS A . n 
A 1 68  HIS 68  64  64  HIS HIS A . n 
A 1 69  SER 69  65  65  SER SER A . n 
A 1 70  GLN 70  66  66  GLN GLN A . n 
A 1 71  SER 71  67  67  SER SER A . n 
A 1 72  ARG 72  68  68  ARG ARG A . n 
A 1 73  ARG 73  69  69  ARG ARG A . n 
A 1 74  PRO 74  70  70  PRO PRO A . n 
A 1 75  SER 75  71  71  SER SER A . n 
A 1 76  SER 76  72  72  SER SER A . n 
A 1 77  TRP 77  73  73  TRP TRP A . n 
A 1 78  ARG 78  74  74  ARG ARG A . n 
A 1 79  GLN 79  75  75  GLN GLN A . n 
A 1 80  GLU 80  76  76  GLU GLU A . n 
A 1 81  LYS 81  77  77  LYS LYS A . n 
A 1 82  ILE 82  78  78  ILE ILE A . n 
A 1 83  THR 83  79  79  THR THR A . n 
A 1 84  ARG 84  80  80  ARG ARG A . n 
A 1 85  THR 85  81  81  THR THR A . n 
A 1 86  LYS 86  82  82  LYS LYS A . n 
A 1 87  GLU 87  83  83  GLU GLU A . n 
A 1 88  GLU 88  84  84  GLU GLU A . n 
A 1 89  ALA 89  85  85  ALA ALA A . n 
A 1 90  LEU 90  86  86  LEU LEU A . n 
A 1 91  GLU 91  87  87  GLU GLU A . n 
A 1 92  LEU 92  88  88  LEU LEU A . n 
A 1 93  ILE 93  89  89  ILE ILE A . n 
A 1 94  ASN 94  90  90  ASN ASN A . n 
A 1 95  GLY 95  91  91  GLY GLY A . n 
A 1 96  TYR 96  92  92  TYR TYR A . n 
A 1 97  ILE 97  93  93  ILE ILE A . n 
A 1 98  GLN 98  94  94  GLN GLN A . n 
A 1 99  LYS 99  95  95  LYS LYS A . n 
A 1 100 ILE 100 96  96  ILE ILE A . n 
A 1 101 LYS 101 97  97  LYS LYS A . n 
A 1 102 SER 102 98  98  SER SER A . n 
A 1 103 GLY 103 99  99  GLY GLY A . n 
A 1 104 GLU 104 100 100 GLU GLU A . n 
A 1 105 GLU 105 101 101 GLU GLU A . n 
A 1 106 ASP 106 102 102 ASP ASP A . n 
A 1 107 PHE 107 103 103 PHE PHE A . n 
A 1 108 GLU 108 104 104 GLU GLU A . n 
A 1 109 SER 109 105 105 SER SER A . n 
A 1 110 LEU 110 106 106 LEU LEU A . n 
A 1 111 ALA 111 107 107 ALA ALA A . n 
A 1 112 SER 112 108 108 SER SER A . n 
A 1 113 GLN 113 109 109 GLN GLN A . n 
A 1 114 PHE 114 110 110 PHE PHE A . n 
A 1 115 SER 115 111 111 SER SER A . n 
A 1 116 ASP 116 112 112 ASP ASP A . n 
A 1 117 CYS 117 113 113 CYS CYS A . n 
A 1 118 SER 118 114 114 SER SER A . n 
A 1 119 SER 119 115 115 SER SER A . n 
A 1 120 ALA 120 116 116 ALA ALA A . n 
A 1 121 LYS 121 117 117 LYS LYS A . n 
A 1 122 ALA 122 118 118 ALA ALA A . n 
A 1 123 ARG 123 119 119 ARG ARG A . n 
A 1 124 GLY 124 120 120 GLY GLY A . n 
A 1 125 ASP 125 121 121 ASP ASP A . n 
A 1 126 LEU 126 122 122 LEU LEU A . n 
A 1 127 GLY 127 123 123 GLY GLY A . n 
A 1 128 ALA 128 124 124 ALA ALA A . n 
A 1 129 PHE 129 125 125 PHE PHE A . n 
A 1 130 SER 130 126 126 SER SER A . n 
A 1 131 ARG 131 127 127 ARG ARG A . n 
A 1 132 GLY 132 128 128 GLY GLY A . n 
A 1 133 GLN 133 129 129 GLN GLN A . n 
A 1 134 MET 134 130 130 MET MET A . n 
A 1 135 GLN 135 131 131 GLN GLN A . n 
A 1 136 LYS 136 132 132 LYS LYS A . n 
A 1 137 PRO 137 133 133 PRO PRO A . n 
A 1 138 PHE 138 134 134 PHE PHE A . n 
A 1 139 GLU 139 135 135 GLU GLU A . n 
A 1 140 ASP 140 136 136 ASP ASP A . n 
A 1 141 ALA 141 137 137 ALA ALA A . n 
A 1 142 SER 142 138 138 SER SER A . n 
A 1 143 PHE 143 139 139 PHE PHE A . n 
A 1 144 ALA 144 140 140 ALA ALA A . n 
A 1 145 LEU 145 141 141 LEU LEU A . n 
A 1 146 ARG 146 142 142 ARG ARG A . n 
A 1 147 THR 147 143 143 THR THR A . n 
A 1 148 GLY 148 144 144 GLY GLY A . n 
A 1 149 GLU 149 145 145 GLU GLU A . n 
A 1 150 MET 150 146 146 MET MET A . n 
A 1 151 SER 151 147 147 SER SER A . n 
A 1 152 GLY 152 148 148 GLY GLY A . n 
A 1 153 PRO 153 149 149 PRO PRO A . n 
A 1 154 VAL 154 150 150 VAL VAL A . n 
A 1 155 PHE 155 151 151 PHE PHE A . n 
A 1 156 THR 156 152 152 THR THR A . n 
A 1 157 ASP 157 153 153 ASP ASP A . n 
A 1 158 SER 158 154 154 SER SER A . n 
A 1 159 GLY 159 155 155 GLY GLY A . n 
A 1 160 ILE 160 156 156 ILE ILE A . n 
A 1 161 HIS 161 157 157 HIS HIS A . n 
A 1 162 ILE 162 158 158 ILE ILE A . n 
A 1 163 ILE 163 159 159 ILE ILE A . n 
A 1 164 LEU 164 160 160 LEU LEU A . n 
A 1 165 ARG 165 161 161 ARG ARG A . n 
A 1 166 THR 166 162 162 THR THR A . n 
A 1 167 GLU 167 163 163 GLU GLU A . n 
# 
loop_
_pdbx_nonpoly_scheme.asym_id 
_pdbx_nonpoly_scheme.entity_id 
_pdbx_nonpoly_scheme.mon_id 
_pdbx_nonpoly_scheme.ndb_seq_num 
_pdbx_nonpoly_scheme.pdb_seq_num 
_pdbx_nonpoly_scheme.auth_seq_num 
_pdbx_nonpoly_scheme.pdb_mon_id 
_pdbx_nonpoly_scheme.auth_mon_id 
_pdbx_nonpoly_scheme.pdb_strand_id 
_pdbx_nonpoly_scheme.pdb_ins_code 
B 2 12P 1   1164 1164 12P 12P A . 
C 3 4FF 1   1165 1165 4FF 4FF A . 
D 4 HOH 1   2001 2001 HOH HOH A . 
D 4 HOH 2   2002 2002 HOH HOH A . 
D 4 HOH 3   2003 2003 HOH HOH A . 
D 4 HOH 4   2004 2004 HOH HOH A . 
D 4 HOH 5   2005 2005 HOH HOH A . 
D 4 HOH 6   2006 2006 HOH HOH A . 
D 4 HOH 7   2007 2007 HOH HOH A . 
D 4 HOH 8   2008 2008 HOH HOH A . 
D 4 HOH 9   2009 2009 HOH HOH A . 
D 4 HOH 10  2010 2010 HOH HOH A . 
D 4 HOH 11  2011 2011 HOH HOH A . 
D 4 HOH 12  2012 2012 HOH HOH A . 
D 4 HOH 13  2013 2013 HOH HOH A . 
D 4 HOH 14  2014 2014 HOH HOH A . 
D 4 HOH 15  2015 2015 HOH HOH A . 
D 4 HOH 16  2016 2016 HOH HOH A . 
D 4 HOH 17  2017 2017 HOH HOH A . 
D 4 HOH 18  2018 2018 HOH HOH A . 
D 4 HOH 19  2019 2019 HOH HOH A . 
D 4 HOH 20  2020 2020 HOH HOH A . 
D 4 HOH 21  2021 2021 HOH HOH A . 
D 4 HOH 22  2022 2022 HOH HOH A . 
D 4 HOH 23  2023 2023 HOH HOH A . 
D 4 HOH 24  2024 2024 HOH HOH A . 
D 4 HOH 25  2025 2025 HOH HOH A . 
D 4 HOH 26  2026 2026 HOH HOH A . 
D 4 HOH 27  2027 2027 HOH HOH A . 
D 4 HOH 28  2028 2028 HOH HOH A . 
D 4 HOH 29  2029 2029 HOH HOH A . 
D 4 HOH 30  2030 2030 HOH HOH A . 
D 4 HOH 31  2031 2031 HOH HOH A . 
D 4 HOH 32  2032 2032 HOH HOH A . 
D 4 HOH 33  2033 2033 HOH HOH A . 
D 4 HOH 34  2034 2034 HOH HOH A . 
D 4 HOH 35  2035 2035 HOH HOH A . 
D 4 HOH 36  2036 2036 HOH HOH A . 
D 4 HOH 37  2037 2037 HOH HOH A . 
D 4 HOH 38  2038 2038 HOH HOH A . 
D 4 HOH 39  2039 2039 HOH HOH A . 
D 4 HOH 40  2040 2040 HOH HOH A . 
D 4 HOH 41  2041 2041 HOH HOH A . 
D 4 HOH 42  2042 2042 HOH HOH A . 
D 4 HOH 43  2043 2043 HOH HOH A . 
D 4 HOH 44  2044 2044 HOH HOH A . 
D 4 HOH 45  2045 2045 HOH HOH A . 
D 4 HOH 46  2046 2046 HOH HOH A . 
D 4 HOH 47  2047 2047 HOH HOH A . 
D 4 HOH 48  2048 2048 HOH HOH A . 
D 4 HOH 49  2049 2049 HOH HOH A . 
D 4 HOH 50  2050 2050 HOH HOH A . 
D 4 HOH 51  2051 2051 HOH HOH A . 
D 4 HOH 52  2052 2052 HOH HOH A . 
D 4 HOH 53  2053 2053 HOH HOH A . 
D 4 HOH 54  2054 2054 HOH HOH A . 
D 4 HOH 55  2055 2055 HOH HOH A . 
D 4 HOH 56  2056 2056 HOH HOH A . 
D 4 HOH 57  2057 2057 HOH HOH A . 
D 4 HOH 58  2058 2058 HOH HOH A . 
D 4 HOH 59  2059 2059 HOH HOH A . 
D 4 HOH 60  2060 2060 HOH HOH A . 
D 4 HOH 61  2061 2061 HOH HOH A . 
D 4 HOH 62  2062 2062 HOH HOH A . 
D 4 HOH 63  2063 2063 HOH HOH A . 
D 4 HOH 64  2064 2064 HOH HOH A . 
D 4 HOH 65  2065 2065 HOH HOH A . 
D 4 HOH 66  2066 2066 HOH HOH A . 
D 4 HOH 67  2067 2067 HOH HOH A . 
D 4 HOH 68  2068 2068 HOH HOH A . 
D 4 HOH 69  2069 2069 HOH HOH A . 
D 4 HOH 70  2070 2070 HOH HOH A . 
D 4 HOH 71  2071 2071 HOH HOH A . 
D 4 HOH 72  2072 2072 HOH HOH A . 
D 4 HOH 73  2073 2073 HOH HOH A . 
D 4 HOH 74  2074 2074 HOH HOH A . 
D 4 HOH 75  2075 2075 HOH HOH A . 
D 4 HOH 76  2076 2076 HOH HOH A . 
D 4 HOH 77  2077 2077 HOH HOH A . 
D 4 HOH 78  2078 2078 HOH HOH A . 
D 4 HOH 79  2079 2079 HOH HOH A . 
D 4 HOH 80  2080 2080 HOH HOH A . 
D 4 HOH 81  2081 2081 HOH HOH A . 
D 4 HOH 82  2082 2082 HOH HOH A . 
D 4 HOH 83  2083 2083 HOH HOH A . 
D 4 HOH 84  2084 2084 HOH HOH A . 
D 4 HOH 85  2085 2085 HOH HOH A . 
D 4 HOH 86  2086 2086 HOH HOH A . 
D 4 HOH 87  2087 2087 HOH HOH A . 
D 4 HOH 88  2088 2088 HOH HOH A . 
D 4 HOH 89  2089 2089 HOH HOH A . 
D 4 HOH 90  2090 2090 HOH HOH A . 
D 4 HOH 91  2091 2091 HOH HOH A . 
D 4 HOH 92  2092 2092 HOH HOH A . 
D 4 HOH 93  2093 2093 HOH HOH A . 
D 4 HOH 94  2094 2094 HOH HOH A . 
D 4 HOH 95  2095 2095 HOH HOH A . 
D 4 HOH 96  2096 2096 HOH HOH A . 
D 4 HOH 97  2097 2097 HOH HOH A . 
D 4 HOH 98  2098 2098 HOH HOH A . 
D 4 HOH 99  2099 2099 HOH HOH A . 
D 4 HOH 100 2100 2100 HOH HOH A . 
D 4 HOH 101 2101 2101 HOH HOH A . 
D 4 HOH 102 2102 2102 HOH HOH A . 
D 4 HOH 103 2103 2103 HOH HOH A . 
D 4 HOH 104 2104 2104 HOH HOH A . 
D 4 HOH 105 2105 2105 HOH HOH A . 
D 4 HOH 106 2106 2106 HOH HOH A . 
D 4 HOH 107 2107 2107 HOH HOH A . 
D 4 HOH 108 2108 2108 HOH HOH A . 
D 4 HOH 109 2109 2109 HOH HOH A . 
D 4 HOH 110 2110 2110 HOH HOH A . 
D 4 HOH 111 2111 2111 HOH HOH A . 
D 4 HOH 112 2112 2112 HOH HOH A . 
D 4 HOH 113 2113 2113 HOH HOH A . 
D 4 HOH 114 2114 2114 HOH HOH A . 
D 4 HOH 115 2115 2115 HOH HOH A . 
D 4 HOH 116 2116 2116 HOH HOH A . 
D 4 HOH 117 2117 2117 HOH HOH A . 
D 4 HOH 118 2118 2118 HOH HOH A . 
D 4 HOH 119 2119 2119 HOH HOH A . 
D 4 HOH 120 2120 2120 HOH HOH A . 
# 
_pdbx_struct_assembly.id                   1 
_pdbx_struct_assembly.details              author_and_software_defined_assembly 
_pdbx_struct_assembly.method_details       PISA 
_pdbx_struct_assembly.oligomeric_details   monomeric 
_pdbx_struct_assembly.oligomeric_count     1 
# 
_pdbx_struct_assembly_gen.assembly_id       1 
_pdbx_struct_assembly_gen.oper_expression   1 
_pdbx_struct_assembly_gen.asym_id_list      A,B,C,D 
# 
_pdbx_struct_oper_list.id                   1 
_pdbx_struct_oper_list.type                 'identity operation' 
_pdbx_struct_oper_list.name                 1_555 
_pdbx_struct_oper_list.symmetry_operation   x,y,z 
_pdbx_struct_oper_list.matrix[1][1]         1.0000000000 
_pdbx_struct_oper_list.matrix[1][2]         0.0000000000 
_pdbx_struct_oper_list.matrix[1][3]         0.0000000000 
_pdbx_struct_oper_list.vector[1]            0.0000000000 
_pdbx_struct_oper_list.matrix[2][1]         0.0000000000 
_pdbx_struct_oper_list.matrix[2][2]         1.0000000000 
_pdbx_struct_oper_list.matrix[2][3]         0.0000000000 
_pdbx_struct_oper_list.vector[2]            0.0000000000 
_pdbx_struct_oper_list.matrix[3][1]         0.0000000000 
_pdbx_struct_oper_list.matrix[3][2]         0.0000000000 
_pdbx_struct_oper_list.matrix[3][3]         1.0000000000 
_pdbx_struct_oper_list.vector[3]            0.0000000000 
# 
loop_
_pdbx_audit_revision_history.ordinal 
_pdbx_audit_revision_history.data_content_type 
_pdbx_audit_revision_history.major_revision 
_pdbx_audit_revision_history.minor_revision 
_pdbx_audit_revision_history.revision_date 
1 'Structure model' 1 0 2011-01-12 
2 'Structure model' 1 1 2011-05-08 
3 'Structure model' 1 2 2011-07-13 
4 'Structure model' 1 3 2019-01-30 
5 'Structure model' 1 4 2019-02-06 
6 'Structure model' 1 5 2023-12-20 
# 
_pdbx_audit_revision_details.ordinal             1 
_pdbx_audit_revision_details.revision_ordinal    1 
_pdbx_audit_revision_details.data_content_type   'Structure model' 
_pdbx_audit_revision_details.provider            repository 
_pdbx_audit_revision_details.type                'Initial release' 
_pdbx_audit_revision_details.description         ? 
_pdbx_audit_revision_details.details             ? 
# 
loop_
_pdbx_audit_revision_group.ordinal 
_pdbx_audit_revision_group.revision_ordinal 
_pdbx_audit_revision_group.data_content_type 
_pdbx_audit_revision_group.group 
1  2 'Structure model' 'Version format compliance' 
2  3 'Structure model' 'Version format compliance' 
3  4 'Structure model' 'Data collection'           
4  4 'Structure model' 'Experimental preparation'  
5  4 'Structure model' Other                       
6  5 'Structure model' 'Data collection'           
7  5 'Structure model' 'Experimental preparation'  
8  6 'Structure model' 'Data collection'           
9  6 'Structure model' 'Database references'       
10 6 'Structure model' 'Derived calculations'      
11 6 'Structure model' Other                       
12 6 'Structure model' 'Refinement description'    
# 
loop_
_pdbx_audit_revision_category.ordinal 
_pdbx_audit_revision_category.revision_ordinal 
_pdbx_audit_revision_category.data_content_type 
_pdbx_audit_revision_category.category 
1  4 'Structure model' exptl_crystal_grow            
2  4 'Structure model' pdbx_database_proc            
3  4 'Structure model' pdbx_database_status          
4  5 'Structure model' exptl_crystal_grow            
5  6 'Structure model' chem_comp_atom                
6  6 'Structure model' chem_comp_bond                
7  6 'Structure model' database_2                    
8  6 'Structure model' pdbx_database_status          
9  6 'Structure model' pdbx_initial_refinement_model 
10 6 'Structure model' struct_site                   
# 
loop_
_pdbx_audit_revision_item.ordinal 
_pdbx_audit_revision_item.revision_ordinal 
_pdbx_audit_revision_item.data_content_type 
_pdbx_audit_revision_item.item 
1 4 'Structure model' '_exptl_crystal_grow.method'                  
2 4 'Structure model' '_pdbx_database_status.recvd_author_approval' 
3 5 'Structure model' '_exptl_crystal_grow.temp'                    
4 6 'Structure model' '_database_2.pdbx_DOI'                        
5 6 'Structure model' '_database_2.pdbx_database_accession'         
6 6 'Structure model' '_pdbx_database_status.status_code_sf'        
7 6 'Structure model' '_struct_site.pdbx_auth_asym_id'              
8 6 'Structure model' '_struct_site.pdbx_auth_comp_id'              
9 6 'Structure model' '_struct_site.pdbx_auth_seq_id'               
# 
loop_
_software.name 
_software.classification 
_software.version 
_software.citation_id 
_software.pdbx_ordinal 
_software.date 
_software.type 
_software.location 
_software.language 
REFMAC refinement       5.5.0109 ? 1 ? ? ? ? 
d*TREK 'data reduction' .        ? 2 ? ? ? ? 
d*TREK 'data scaling'   .        ? 3 ? ? ? ? 
AMoRE  phasing          .        ? 4 ? ? ? ? 
# 
_pdbx_entry_details.entry_id                 2XP5 
_pdbx_entry_details.compound_details         'ENGINEERED RESIDUE IN CHAIN A, ARG  14 TO ALA' 
_pdbx_entry_details.source_details           ? 
_pdbx_entry_details.nonpolymer_details       ? 
_pdbx_entry_details.sequence_details         ? 
_pdbx_entry_details.has_ligand_of_interest   ? 
# 
loop_
_pdbx_validate_close_contact.id 
_pdbx_validate_close_contact.PDB_model_num 
_pdbx_validate_close_contact.auth_atom_id_1 
_pdbx_validate_close_contact.auth_asym_id_1 
_pdbx_validate_close_contact.auth_comp_id_1 
_pdbx_validate_close_contact.auth_seq_id_1 
_pdbx_validate_close_contact.PDB_ins_code_1 
_pdbx_validate_close_contact.label_alt_id_1 
_pdbx_validate_close_contact.auth_atom_id_2 
_pdbx_validate_close_contact.auth_asym_id_2 
_pdbx_validate_close_contact.auth_comp_id_2 
_pdbx_validate_close_contact.auth_seq_id_2 
_pdbx_validate_close_contact.PDB_ins_code_2 
_pdbx_validate_close_contact.label_alt_id_2 
_pdbx_validate_close_contact.dist 
1 1 NH1 A ARG 119 ? A O A HOH 2099 ? ? 1.96 
2 1 OE2 A GLU 145 ? ? O A HOH 2111 ? ? 2.04 
# 
_pdbx_validate_rmsd_bond.id                        1 
_pdbx_validate_rmsd_bond.PDB_model_num             1 
_pdbx_validate_rmsd_bond.auth_atom_id_1            CZ 
_pdbx_validate_rmsd_bond.auth_asym_id_1            A 
_pdbx_validate_rmsd_bond.auth_comp_id_1            PHE 
_pdbx_validate_rmsd_bond.auth_seq_id_1             25 
_pdbx_validate_rmsd_bond.PDB_ins_code_1            ? 
_pdbx_validate_rmsd_bond.label_alt_id_1            ? 
_pdbx_validate_rmsd_bond.auth_atom_id_2            CE2 
_pdbx_validate_rmsd_bond.auth_asym_id_2            A 
_pdbx_validate_rmsd_bond.auth_comp_id_2            PHE 
_pdbx_validate_rmsd_bond.auth_seq_id_2             25 
_pdbx_validate_rmsd_bond.PDB_ins_code_2            ? 
_pdbx_validate_rmsd_bond.label_alt_id_2            ? 
_pdbx_validate_rmsd_bond.bond_value                1.488 
_pdbx_validate_rmsd_bond.bond_target_value         1.369 
_pdbx_validate_rmsd_bond.bond_deviation            0.119 
_pdbx_validate_rmsd_bond.bond_standard_deviation   0.019 
_pdbx_validate_rmsd_bond.linker_flag               N 
# 
loop_
_pdbx_validate_rmsd_angle.id 
_pdbx_validate_rmsd_angle.PDB_model_num 
_pdbx_validate_rmsd_angle.auth_atom_id_1 
_pdbx_validate_rmsd_angle.auth_asym_id_1 
_pdbx_validate_rmsd_angle.auth_comp_id_1 
_pdbx_validate_rmsd_angle.auth_seq_id_1 
_pdbx_validate_rmsd_angle.PDB_ins_code_1 
_pdbx_validate_rmsd_angle.label_alt_id_1 
_pdbx_validate_rmsd_angle.auth_atom_id_2 
_pdbx_validate_rmsd_angle.auth_asym_id_2 
_pdbx_validate_rmsd_angle.auth_comp_id_2 
_pdbx_validate_rmsd_angle.auth_seq_id_2 
_pdbx_validate_rmsd_angle.PDB_ins_code_2 
_pdbx_validate_rmsd_angle.label_alt_id_2 
_pdbx_validate_rmsd_angle.auth_atom_id_3 
_pdbx_validate_rmsd_angle.auth_asym_id_3 
_pdbx_validate_rmsd_angle.auth_comp_id_3 
_pdbx_validate_rmsd_angle.auth_seq_id_3 
_pdbx_validate_rmsd_angle.PDB_ins_code_3 
_pdbx_validate_rmsd_angle.label_alt_id_3 
_pdbx_validate_rmsd_angle.angle_value 
_pdbx_validate_rmsd_angle.angle_target_value 
_pdbx_validate_rmsd_angle.angle_deviation 
_pdbx_validate_rmsd_angle.angle_standard_deviation 
_pdbx_validate_rmsd_angle.linker_flag 
1 1 NE A ARG 21  ? ? CZ A ARG 21  ? ? NH1 A ARG 21  ? ? 123.82 120.30 3.52  0.50 N 
2 1 NE A ARG 21  ? ? CZ A ARG 21  ? ? NH2 A ARG 21  ? ? 115.80 120.30 -4.50 0.50 N 
3 1 NE A ARG 119 ? B CZ A ARG 119 ? B NH1 A ARG 119 ? B 125.66 120.30 5.36  0.50 N 
4 1 NE A ARG 119 ? B CZ A ARG 119 ? B NH2 A ARG 119 ? B 115.67 120.30 -4.63 0.50 N 
# 
loop_
_pdbx_validate_torsion.id 
_pdbx_validate_torsion.PDB_model_num 
_pdbx_validate_torsion.auth_comp_id 
_pdbx_validate_torsion.auth_asym_id 
_pdbx_validate_torsion.auth_seq_id 
_pdbx_validate_torsion.PDB_ins_code 
_pdbx_validate_torsion.label_alt_id 
_pdbx_validate_torsion.phi 
_pdbx_validate_torsion.psi 
1 1 ASN A 30 ? ? 59.09   16.76  
2 1 GLN A 75 ? ? -163.80 116.40 
# 
loop_
_pdbx_unobs_or_zero_occ_atoms.id 
_pdbx_unobs_or_zero_occ_atoms.PDB_model_num 
_pdbx_unobs_or_zero_occ_atoms.polymer_flag 
_pdbx_unobs_or_zero_occ_atoms.occupancy_flag 
_pdbx_unobs_or_zero_occ_atoms.auth_asym_id 
_pdbx_unobs_or_zero_occ_atoms.auth_comp_id 
_pdbx_unobs_or_zero_occ_atoms.auth_seq_id 
_pdbx_unobs_or_zero_occ_atoms.PDB_ins_code 
_pdbx_unobs_or_zero_occ_atoms.auth_atom_id 
_pdbx_unobs_or_zero_occ_atoms.label_alt_id 
_pdbx_unobs_or_zero_occ_atoms.label_asym_id 
_pdbx_unobs_or_zero_occ_atoms.label_comp_id 
_pdbx_unobs_or_zero_occ_atoms.label_seq_id 
_pdbx_unobs_or_zero_occ_atoms.label_atom_id 
1  1 N 1 A 12P 1164 ? O37 ? B 12P 1 O37 
2  1 N 1 A 12P 1164 ? O13 ? B 12P 1 O13 
3  1 N 1 A 12P 1164 ? C12 ? B 12P 1 C12 
4  1 N 1 A 12P 1164 ? C11 ? B 12P 1 C11 
5  1 N 1 A 12P 1164 ? O10 ? B 12P 1 O10 
6  1 N 1 A 12P 1164 ? C9  ? B 12P 1 C9  
7  1 N 1 A 12P 1164 ? C8  ? B 12P 1 C8  
8  1 N 1 A 12P 1164 ? O7  ? B 12P 1 O7  
9  1 N 1 A 12P 1164 ? C6  ? B 12P 1 C6  
10 1 N 1 A 12P 1164 ? C5  ? B 12P 1 C5  
11 1 N 1 A 12P 1164 ? O4  ? B 12P 1 O4  
12 1 N 1 A 12P 1164 ? C3  ? B 12P 1 C3  
13 1 N 1 A 12P 1164 ? C2  ? B 12P 1 C2  
14 1 N 1 A 12P 1164 ? O1  ? B 12P 1 O1  
# 
loop_
_pdbx_unobs_or_zero_occ_residues.id 
_pdbx_unobs_or_zero_occ_residues.PDB_model_num 
_pdbx_unobs_or_zero_occ_residues.polymer_flag 
_pdbx_unobs_or_zero_occ_residues.occupancy_flag 
_pdbx_unobs_or_zero_occ_residues.auth_asym_id 
_pdbx_unobs_or_zero_occ_residues.auth_comp_id 
_pdbx_unobs_or_zero_occ_residues.auth_seq_id 
_pdbx_unobs_or_zero_occ_residues.PDB_ins_code 
_pdbx_unobs_or_zero_occ_residues.label_asym_id 
_pdbx_unobs_or_zero_occ_residues.label_comp_id 
_pdbx_unobs_or_zero_occ_residues.label_seq_id 
1  1 Y 1 A GLY -3 ? A GLY 1  
2  1 Y 1 A SER -2 ? A SER 2  
3  1 Y 1 A HIS -1 ? A HIS 3  
4  1 Y 1 A GLY 0  ? A GLY 4  
5  1 Y 1 A MET 1  ? A MET 5  
6  1 Y 1 A ALA 2  ? A ALA 6  
7  1 Y 1 A ASP 3  ? A ASP 7  
8  1 Y 1 A GLU 4  ? A GLU 8  
9  1 Y 1 A GLU 5  ? A GLU 9  
10 1 Y 1 A LYS 6  ? A LYS 10 
11 1 Y 1 A GLY 39 ? A GLY 43 
12 1 Y 1 A ASN 40 ? A ASN 44 
13 1 Y 1 A SER 41 ? A SER 45 
14 1 Y 1 A SER 42 ? A SER 46 
15 1 Y 1 A SER 43 ? A SER 47 
16 1 Y 1 A GLY 44 ? A GLY 48 
17 1 Y 1 A GLY 45 ? A GLY 49 
18 1 Y 1 A LYS 46 ? A LYS 50 
19 1 Y 1 A ASN 47 ? A ASN 51 
20 1 Y 1 A GLY 48 ? A GLY 52 
21 1 Y 1 A GLN 49 ? A GLN 53 
22 1 Y 1 A GLY 50 ? A GLY 54 
# 
loop_
_chem_comp_atom.comp_id 
_chem_comp_atom.atom_id 
_chem_comp_atom.type_symbol 
_chem_comp_atom.pdbx_aromatic_flag 
_chem_comp_atom.pdbx_stereo_config 
_chem_comp_atom.pdbx_ordinal 
12P O37  O N N 1   
12P C36  C N N 2   
12P C35  C N N 3   
12P O34  O N N 4   
12P C33  C N N 5   
12P C32  C N N 6   
12P O31  O N N 7   
12P C30  C N N 8   
12P C29  C N N 9   
12P O28  O N N 10  
12P C27  C N N 11  
12P C26  C N N 12  
12P O25  O N N 13  
12P C24  C N N 14  
12P C23  C N N 15  
12P O22  O N N 16  
12P C21  C N N 17  
12P C20  C N N 18  
12P O19  O N N 19  
12P C18  C N N 20  
12P C17  C N N 21  
12P O16  O N N 22  
12P C15  C N N 23  
12P C14  C N N 24  
12P O13  O N N 25  
12P C12  C N N 26  
12P C11  C N N 27  
12P O10  O N N 28  
12P C9   C N N 29  
12P C8   C N N 30  
12P O7   O N N 31  
12P C6   C N N 32  
12P C5   C N N 33  
12P O4   O N N 34  
12P C3   C N N 35  
12P C2   C N N 36  
12P O1   O N N 37  
12P H37  H N N 38  
12P H361 H N N 39  
12P H362 H N N 40  
12P H351 H N N 41  
12P H352 H N N 42  
12P H331 H N N 43  
12P H332 H N N 44  
12P H321 H N N 45  
12P H322 H N N 46  
12P H301 H N N 47  
12P H302 H N N 48  
12P H291 H N N 49  
12P H292 H N N 50  
12P H271 H N N 51  
12P H272 H N N 52  
12P H261 H N N 53  
12P H262 H N N 54  
12P H241 H N N 55  
12P H242 H N N 56  
12P H231 H N N 57  
12P H232 H N N 58  
12P H211 H N N 59  
12P H212 H N N 60  
12P H201 H N N 61  
12P H202 H N N 62  
12P H181 H N N 63  
12P H182 H N N 64  
12P H171 H N N 65  
12P H172 H N N 66  
12P H151 H N N 67  
12P H152 H N N 68  
12P H141 H N N 69  
12P H142 H N N 70  
12P H121 H N N 71  
12P H122 H N N 72  
12P H111 H N N 73  
12P H112 H N N 74  
12P H91  H N N 75  
12P H92  H N N 76  
12P H81  H N N 77  
12P H82  H N N 78  
12P H61  H N N 79  
12P H62  H N N 80  
12P H51  H N N 81  
12P H52  H N N 82  
12P H31  H N N 83  
12P H32  H N N 84  
12P H21  H N N 85  
12P H22  H N N 86  
12P HO1  H N N 87  
4FF O14  O N N 88  
4FF C12  C N N 89  
4FF O13  O N N 90  
4FF C10  C Y N 91  
4FF C9   C Y N 92  
4FF N8   N Y N 93  
4FF C7   C Y N 94  
4FF N11  N Y N 95  
4FF C6   C Y N 96  
4FF C1   C Y N 97  
4FF C2   C Y N 98  
4FF C3   C Y N 99  
4FF C4   C Y N 100 
4FF C5   C Y N 101 
4FF C15  C N N 102 
4FF H14  H N N 103 
4FF H8   H N N 104 
4FF H151 H N N 105 
4FF H152 H N N 106 
4FF H153 H N N 107 
4FF H1   H N N 108 
4FF H5   H N N 109 
4FF H2   H N N 110 
4FF H3   H N N 111 
4FF H4   H N N 112 
ALA N    N N N 113 
ALA CA   C N S 114 
ALA C    C N N 115 
ALA O    O N N 116 
ALA CB   C N N 117 
ALA OXT  O N N 118 
ALA H    H N N 119 
ALA H2   H N N 120 
ALA HA   H N N 121 
ALA HB1  H N N 122 
ALA HB2  H N N 123 
ALA HB3  H N N 124 
ALA HXT  H N N 125 
ARG N    N N N 126 
ARG CA   C N S 127 
ARG C    C N N 128 
ARG O    O N N 129 
ARG CB   C N N 130 
ARG CG   C N N 131 
ARG CD   C N N 132 
ARG NE   N N N 133 
ARG CZ   C N N 134 
ARG NH1  N N N 135 
ARG NH2  N N N 136 
ARG OXT  O N N 137 
ARG H    H N N 138 
ARG H2   H N N 139 
ARG HA   H N N 140 
ARG HB2  H N N 141 
ARG HB3  H N N 142 
ARG HG2  H N N 143 
ARG HG3  H N N 144 
ARG HD2  H N N 145 
ARG HD3  H N N 146 
ARG HE   H N N 147 
ARG HH11 H N N 148 
ARG HH12 H N N 149 
ARG HH21 H N N 150 
ARG HH22 H N N 151 
ARG HXT  H N N 152 
ASN N    N N N 153 
ASN CA   C N S 154 
ASN C    C N N 155 
ASN O    O N N 156 
ASN CB   C N N 157 
ASN CG   C N N 158 
ASN OD1  O N N 159 
ASN ND2  N N N 160 
ASN OXT  O N N 161 
ASN H    H N N 162 
ASN H2   H N N 163 
ASN HA   H N N 164 
ASN HB2  H N N 165 
ASN HB3  H N N 166 
ASN HD21 H N N 167 
ASN HD22 H N N 168 
ASN HXT  H N N 169 
ASP N    N N N 170 
ASP CA   C N S 171 
ASP C    C N N 172 
ASP O    O N N 173 
ASP CB   C N N 174 
ASP CG   C N N 175 
ASP OD1  O N N 176 
ASP OD2  O N N 177 
ASP OXT  O N N 178 
ASP H    H N N 179 
ASP H2   H N N 180 
ASP HA   H N N 181 
ASP HB2  H N N 182 
ASP HB3  H N N 183 
ASP HD2  H N N 184 
ASP HXT  H N N 185 
CYS N    N N N 186 
CYS CA   C N R 187 
CYS C    C N N 188 
CYS O    O N N 189 
CYS CB   C N N 190 
CYS SG   S N N 191 
CYS OXT  O N N 192 
CYS H    H N N 193 
CYS H2   H N N 194 
CYS HA   H N N 195 
CYS HB2  H N N 196 
CYS HB3  H N N 197 
CYS HG   H N N 198 
CYS HXT  H N N 199 
GLN N    N N N 200 
GLN CA   C N S 201 
GLN C    C N N 202 
GLN O    O N N 203 
GLN CB   C N N 204 
GLN CG   C N N 205 
GLN CD   C N N 206 
GLN OE1  O N N 207 
GLN NE2  N N N 208 
GLN OXT  O N N 209 
GLN H    H N N 210 
GLN H2   H N N 211 
GLN HA   H N N 212 
GLN HB2  H N N 213 
GLN HB3  H N N 214 
GLN HG2  H N N 215 
GLN HG3  H N N 216 
GLN HE21 H N N 217 
GLN HE22 H N N 218 
GLN HXT  H N N 219 
GLU N    N N N 220 
GLU CA   C N S 221 
GLU C    C N N 222 
GLU O    O N N 223 
GLU CB   C N N 224 
GLU CG   C N N 225 
GLU CD   C N N 226 
GLU OE1  O N N 227 
GLU OE2  O N N 228 
GLU OXT  O N N 229 
GLU H    H N N 230 
GLU H2   H N N 231 
GLU HA   H N N 232 
GLU HB2  H N N 233 
GLU HB3  H N N 234 
GLU HG2  H N N 235 
GLU HG3  H N N 236 
GLU HE2  H N N 237 
GLU HXT  H N N 238 
GLY N    N N N 239 
GLY CA   C N N 240 
GLY C    C N N 241 
GLY O    O N N 242 
GLY OXT  O N N 243 
GLY H    H N N 244 
GLY H2   H N N 245 
GLY HA2  H N N 246 
GLY HA3  H N N 247 
GLY HXT  H N N 248 
HIS N    N N N 249 
HIS CA   C N S 250 
HIS C    C N N 251 
HIS O    O N N 252 
HIS CB   C N N 253 
HIS CG   C Y N 254 
HIS ND1  N Y N 255 
HIS CD2  C Y N 256 
HIS CE1  C Y N 257 
HIS NE2  N Y N 258 
HIS OXT  O N N 259 
HIS H    H N N 260 
HIS H2   H N N 261 
HIS HA   H N N 262 
HIS HB2  H N N 263 
HIS HB3  H N N 264 
HIS HD1  H N N 265 
HIS HD2  H N N 266 
HIS HE1  H N N 267 
HIS HE2  H N N 268 
HIS HXT  H N N 269 
HOH O    O N N 270 
HOH H1   H N N 271 
HOH H2   H N N 272 
ILE N    N N N 273 
ILE CA   C N S 274 
ILE C    C N N 275 
ILE O    O N N 276 
ILE CB   C N S 277 
ILE CG1  C N N 278 
ILE CG2  C N N 279 
ILE CD1  C N N 280 
ILE OXT  O N N 281 
ILE H    H N N 282 
ILE H2   H N N 283 
ILE HA   H N N 284 
ILE HB   H N N 285 
ILE HG12 H N N 286 
ILE HG13 H N N 287 
ILE HG21 H N N 288 
ILE HG22 H N N 289 
ILE HG23 H N N 290 
ILE HD11 H N N 291 
ILE HD12 H N N 292 
ILE HD13 H N N 293 
ILE HXT  H N N 294 
LEU N    N N N 295 
LEU CA   C N S 296 
LEU C    C N N 297 
LEU O    O N N 298 
LEU CB   C N N 299 
LEU CG   C N N 300 
LEU CD1  C N N 301 
LEU CD2  C N N 302 
LEU OXT  O N N 303 
LEU H    H N N 304 
LEU H2   H N N 305 
LEU HA   H N N 306 
LEU HB2  H N N 307 
LEU HB3  H N N 308 
LEU HG   H N N 309 
LEU HD11 H N N 310 
LEU HD12 H N N 311 
LEU HD13 H N N 312 
LEU HD21 H N N 313 
LEU HD22 H N N 314 
LEU HD23 H N N 315 
LEU HXT  H N N 316 
LYS N    N N N 317 
LYS CA   C N S 318 
LYS C    C N N 319 
LYS O    O N N 320 
LYS CB   C N N 321 
LYS CG   C N N 322 
LYS CD   C N N 323 
LYS CE   C N N 324 
LYS NZ   N N N 325 
LYS OXT  O N N 326 
LYS H    H N N 327 
LYS H2   H N N 328 
LYS HA   H N N 329 
LYS HB2  H N N 330 
LYS HB3  H N N 331 
LYS HG2  H N N 332 
LYS HG3  H N N 333 
LYS HD2  H N N 334 
LYS HD3  H N N 335 
LYS HE2  H N N 336 
LYS HE3  H N N 337 
LYS HZ1  H N N 338 
LYS HZ2  H N N 339 
LYS HZ3  H N N 340 
LYS HXT  H N N 341 
MET N    N N N 342 
MET CA   C N S 343 
MET C    C N N 344 
MET O    O N N 345 
MET CB   C N N 346 
MET CG   C N N 347 
MET SD   S N N 348 
MET CE   C N N 349 
MET OXT  O N N 350 
MET H    H N N 351 
MET H2   H N N 352 
MET HA   H N N 353 
MET HB2  H N N 354 
MET HB3  H N N 355 
MET HG2  H N N 356 
MET HG3  H N N 357 
MET HE1  H N N 358 
MET HE2  H N N 359 
MET HE3  H N N 360 
MET HXT  H N N 361 
PHE N    N N N 362 
PHE CA   C N S 363 
PHE C    C N N 364 
PHE O    O N N 365 
PHE CB   C N N 366 
PHE CG   C Y N 367 
PHE CD1  C Y N 368 
PHE CD2  C Y N 369 
PHE CE1  C Y N 370 
PHE CE2  C Y N 371 
PHE CZ   C Y N 372 
PHE OXT  O N N 373 
PHE H    H N N 374 
PHE H2   H N N 375 
PHE HA   H N N 376 
PHE HB2  H N N 377 
PHE HB3  H N N 378 
PHE HD1  H N N 379 
PHE HD2  H N N 380 
PHE HE1  H N N 381 
PHE HE2  H N N 382 
PHE HZ   H N N 383 
PHE HXT  H N N 384 
PRO N    N N N 385 
PRO CA   C N S 386 
PRO C    C N N 387 
PRO O    O N N 388 
PRO CB   C N N 389 
PRO CG   C N N 390 
PRO CD   C N N 391 
PRO OXT  O N N 392 
PRO H    H N N 393 
PRO HA   H N N 394 
PRO HB2  H N N 395 
PRO HB3  H N N 396 
PRO HG2  H N N 397 
PRO HG3  H N N 398 
PRO HD2  H N N 399 
PRO HD3  H N N 400 
PRO HXT  H N N 401 
SER N    N N N 402 
SER CA   C N S 403 
SER C    C N N 404 
SER O    O N N 405 
SER CB   C N N 406 
SER OG   O N N 407 
SER OXT  O N N 408 
SER H    H N N 409 
SER H2   H N N 410 
SER HA   H N N 411 
SER HB2  H N N 412 
SER HB3  H N N 413 
SER HG   H N N 414 
SER HXT  H N N 415 
THR N    N N N 416 
THR CA   C N S 417 
THR C    C N N 418 
THR O    O N N 419 
THR CB   C N R 420 
THR OG1  O N N 421 
THR CG2  C N N 422 
THR OXT  O N N 423 
THR H    H N N 424 
THR H2   H N N 425 
THR HA   H N N 426 
THR HB   H N N 427 
THR HG1  H N N 428 
THR HG21 H N N 429 
THR HG22 H N N 430 
THR HG23 H N N 431 
THR HXT  H N N 432 
TRP N    N N N 433 
TRP CA   C N S 434 
TRP C    C N N 435 
TRP O    O N N 436 
TRP CB   C N N 437 
TRP CG   C Y N 438 
TRP CD1  C Y N 439 
TRP CD2  C Y N 440 
TRP NE1  N Y N 441 
TRP CE2  C Y N 442 
TRP CE3  C Y N 443 
TRP CZ2  C Y N 444 
TRP CZ3  C Y N 445 
TRP CH2  C Y N 446 
TRP OXT  O N N 447 
TRP H    H N N 448 
TRP H2   H N N 449 
TRP HA   H N N 450 
TRP HB2  H N N 451 
TRP HB3  H N N 452 
TRP HD1  H N N 453 
TRP HE1  H N N 454 
TRP HE3  H N N 455 
TRP HZ2  H N N 456 
TRP HZ3  H N N 457 
TRP HH2  H N N 458 
TRP HXT  H N N 459 
TYR N    N N N 460 
TYR CA   C N S 461 
TYR C    C N N 462 
TYR O    O N N 463 
TYR CB   C N N 464 
TYR CG   C Y N 465 
TYR CD1  C Y N 466 
TYR CD2  C Y N 467 
TYR CE1  C Y N 468 
TYR CE2  C Y N 469 
TYR CZ   C Y N 470 
TYR OH   O N N 471 
TYR OXT  O N N 472 
TYR H    H N N 473 
TYR H2   H N N 474 
TYR HA   H N N 475 
TYR HB2  H N N 476 
TYR HB3  H N N 477 
TYR HD1  H N N 478 
TYR HD2  H N N 479 
TYR HE1  H N N 480 
TYR HE2  H N N 481 
TYR HH   H N N 482 
TYR HXT  H N N 483 
VAL N    N N N 484 
VAL CA   C N S 485 
VAL C    C N N 486 
VAL O    O N N 487 
VAL CB   C N N 488 
VAL CG1  C N N 489 
VAL CG2  C N N 490 
VAL OXT  O N N 491 
VAL H    H N N 492 
VAL H2   H N N 493 
VAL HA   H N N 494 
VAL HB   H N N 495 
VAL HG11 H N N 496 
VAL HG12 H N N 497 
VAL HG13 H N N 498 
VAL HG21 H N N 499 
VAL HG22 H N N 500 
VAL HG23 H N N 501 
VAL HXT  H N N 502 
# 
loop_
_chem_comp_bond.comp_id 
_chem_comp_bond.atom_id_1 
_chem_comp_bond.atom_id_2 
_chem_comp_bond.value_order 
_chem_comp_bond.pdbx_aromatic_flag 
_chem_comp_bond.pdbx_stereo_config 
_chem_comp_bond.pdbx_ordinal 
12P O37 C36  sing N N 1   
12P O37 H37  sing N N 2   
12P C36 C35  sing N N 3   
12P C36 H361 sing N N 4   
12P C36 H362 sing N N 5   
12P C35 O34  sing N N 6   
12P C35 H351 sing N N 7   
12P C35 H352 sing N N 8   
12P O34 C33  sing N N 9   
12P C33 C32  sing N N 10  
12P C33 H331 sing N N 11  
12P C33 H332 sing N N 12  
12P C32 O31  sing N N 13  
12P C32 H321 sing N N 14  
12P C32 H322 sing N N 15  
12P O31 C30  sing N N 16  
12P C30 C29  sing N N 17  
12P C30 H301 sing N N 18  
12P C30 H302 sing N N 19  
12P C29 O28  sing N N 20  
12P C29 H291 sing N N 21  
12P C29 H292 sing N N 22  
12P O28 C27  sing N N 23  
12P C27 C26  sing N N 24  
12P C27 H271 sing N N 25  
12P C27 H272 sing N N 26  
12P C26 O25  sing N N 27  
12P C26 H261 sing N N 28  
12P C26 H262 sing N N 29  
12P O25 C24  sing N N 30  
12P C24 C23  sing N N 31  
12P C24 H241 sing N N 32  
12P C24 H242 sing N N 33  
12P C23 O22  sing N N 34  
12P C23 H231 sing N N 35  
12P C23 H232 sing N N 36  
12P O22 C21  sing N N 37  
12P C21 C20  sing N N 38  
12P C21 H211 sing N N 39  
12P C21 H212 sing N N 40  
12P C20 O19  sing N N 41  
12P C20 H201 sing N N 42  
12P C20 H202 sing N N 43  
12P O19 C18  sing N N 44  
12P C18 C17  sing N N 45  
12P C18 H181 sing N N 46  
12P C18 H182 sing N N 47  
12P C17 O16  sing N N 48  
12P C17 H171 sing N N 49  
12P C17 H172 sing N N 50  
12P O16 C15  sing N N 51  
12P C15 C14  sing N N 52  
12P C15 H151 sing N N 53  
12P C15 H152 sing N N 54  
12P C14 O13  sing N N 55  
12P C14 H141 sing N N 56  
12P C14 H142 sing N N 57  
12P O13 C12  sing N N 58  
12P C12 C11  sing N N 59  
12P C12 H121 sing N N 60  
12P C12 H122 sing N N 61  
12P C11 O10  sing N N 62  
12P C11 H111 sing N N 63  
12P C11 H112 sing N N 64  
12P O10 C9   sing N N 65  
12P C9  C8   sing N N 66  
12P C9  H91  sing N N 67  
12P C9  H92  sing N N 68  
12P C8  O7   sing N N 69  
12P C8  H81  sing N N 70  
12P C8  H82  sing N N 71  
12P O7  C6   sing N N 72  
12P C6  C5   sing N N 73  
12P C6  H61  sing N N 74  
12P C6  H62  sing N N 75  
12P C5  O4   sing N N 76  
12P C5  H51  sing N N 77  
12P C5  H52  sing N N 78  
12P O4  C3   sing N N 79  
12P C3  C2   sing N N 80  
12P C3  H31  sing N N 81  
12P C3  H32  sing N N 82  
12P C2  O1   sing N N 83  
12P C2  H21  sing N N 84  
12P C2  H22  sing N N 85  
12P O1  HO1  sing N N 86  
4FF O14 C12  sing N N 87  
4FF C12 O13  doub N N 88  
4FF C12 C10  sing N N 89  
4FF C10 C9   doub Y N 90  
4FF C10 N11  sing Y N 91  
4FF C9  N8   sing Y N 92  
4FF C9  C15  sing N N 93  
4FF N8  C7   sing Y N 94  
4FF C7  N11  doub Y N 95  
4FF C7  C6   sing Y N 96  
4FF C6  C1   sing Y N 97  
4FF C6  C5   doub Y N 98  
4FF C1  C2   doub Y N 99  
4FF C2  C3   sing Y N 100 
4FF C3  C4   doub Y N 101 
4FF C4  C5   sing Y N 102 
4FF O14 H14  sing N N 103 
4FF N8  H8   sing N N 104 
4FF C15 H151 sing N N 105 
4FF C15 H152 sing N N 106 
4FF C15 H153 sing N N 107 
4FF C1  H1   sing N N 108 
4FF C5  H5   sing N N 109 
4FF C2  H2   sing N N 110 
4FF C3  H3   sing N N 111 
4FF C4  H4   sing N N 112 
ALA N   CA   sing N N 113 
ALA N   H    sing N N 114 
ALA N   H2   sing N N 115 
ALA CA  C    sing N N 116 
ALA CA  CB   sing N N 117 
ALA CA  HA   sing N N 118 
ALA C   O    doub N N 119 
ALA C   OXT  sing N N 120 
ALA CB  HB1  sing N N 121 
ALA CB  HB2  sing N N 122 
ALA CB  HB3  sing N N 123 
ALA OXT HXT  sing N N 124 
ARG N   CA   sing N N 125 
ARG N   H    sing N N 126 
ARG N   H2   sing N N 127 
ARG CA  C    sing N N 128 
ARG CA  CB   sing N N 129 
ARG CA  HA   sing N N 130 
ARG C   O    doub N N 131 
ARG C   OXT  sing N N 132 
ARG CB  CG   sing N N 133 
ARG CB  HB2  sing N N 134 
ARG CB  HB3  sing N N 135 
ARG CG  CD   sing N N 136 
ARG CG  HG2  sing N N 137 
ARG CG  HG3  sing N N 138 
ARG CD  NE   sing N N 139 
ARG CD  HD2  sing N N 140 
ARG CD  HD3  sing N N 141 
ARG NE  CZ   sing N N 142 
ARG NE  HE   sing N N 143 
ARG CZ  NH1  sing N N 144 
ARG CZ  NH2  doub N N 145 
ARG NH1 HH11 sing N N 146 
ARG NH1 HH12 sing N N 147 
ARG NH2 HH21 sing N N 148 
ARG NH2 HH22 sing N N 149 
ARG OXT HXT  sing N N 150 
ASN N   CA   sing N N 151 
ASN N   H    sing N N 152 
ASN N   H2   sing N N 153 
ASN CA  C    sing N N 154 
ASN CA  CB   sing N N 155 
ASN CA  HA   sing N N 156 
ASN C   O    doub N N 157 
ASN C   OXT  sing N N 158 
ASN CB  CG   sing N N 159 
ASN CB  HB2  sing N N 160 
ASN CB  HB3  sing N N 161 
ASN CG  OD1  doub N N 162 
ASN CG  ND2  sing N N 163 
ASN ND2 HD21 sing N N 164 
ASN ND2 HD22 sing N N 165 
ASN OXT HXT  sing N N 166 
ASP N   CA   sing N N 167 
ASP N   H    sing N N 168 
ASP N   H2   sing N N 169 
ASP CA  C    sing N N 170 
ASP CA  CB   sing N N 171 
ASP CA  HA   sing N N 172 
ASP C   O    doub N N 173 
ASP C   OXT  sing N N 174 
ASP CB  CG   sing N N 175 
ASP CB  HB2  sing N N 176 
ASP CB  HB3  sing N N 177 
ASP CG  OD1  doub N N 178 
ASP CG  OD2  sing N N 179 
ASP OD2 HD2  sing N N 180 
ASP OXT HXT  sing N N 181 
CYS N   CA   sing N N 182 
CYS N   H    sing N N 183 
CYS N   H2   sing N N 184 
CYS CA  C    sing N N 185 
CYS CA  CB   sing N N 186 
CYS CA  HA   sing N N 187 
CYS C   O    doub N N 188 
CYS C   OXT  sing N N 189 
CYS CB  SG   sing N N 190 
CYS CB  HB2  sing N N 191 
CYS CB  HB3  sing N N 192 
CYS SG  HG   sing N N 193 
CYS OXT HXT  sing N N 194 
GLN N   CA   sing N N 195 
GLN N   H    sing N N 196 
GLN N   H2   sing N N 197 
GLN CA  C    sing N N 198 
GLN CA  CB   sing N N 199 
GLN CA  HA   sing N N 200 
GLN C   O    doub N N 201 
GLN C   OXT  sing N N 202 
GLN CB  CG   sing N N 203 
GLN CB  HB2  sing N N 204 
GLN CB  HB3  sing N N 205 
GLN CG  CD   sing N N 206 
GLN CG  HG2  sing N N 207 
GLN CG  HG3  sing N N 208 
GLN CD  OE1  doub N N 209 
GLN CD  NE2  sing N N 210 
GLN NE2 HE21 sing N N 211 
GLN NE2 HE22 sing N N 212 
GLN OXT HXT  sing N N 213 
GLU N   CA   sing N N 214 
GLU N   H    sing N N 215 
GLU N   H2   sing N N 216 
GLU CA  C    sing N N 217 
GLU CA  CB   sing N N 218 
GLU CA  HA   sing N N 219 
GLU C   O    doub N N 220 
GLU C   OXT  sing N N 221 
GLU CB  CG   sing N N 222 
GLU CB  HB2  sing N N 223 
GLU CB  HB3  sing N N 224 
GLU CG  CD   sing N N 225 
GLU CG  HG2  sing N N 226 
GLU CG  HG3  sing N N 227 
GLU CD  OE1  doub N N 228 
GLU CD  OE2  sing N N 229 
GLU OE2 HE2  sing N N 230 
GLU OXT HXT  sing N N 231 
GLY N   CA   sing N N 232 
GLY N   H    sing N N 233 
GLY N   H2   sing N N 234 
GLY CA  C    sing N N 235 
GLY CA  HA2  sing N N 236 
GLY CA  HA3  sing N N 237 
GLY C   O    doub N N 238 
GLY C   OXT  sing N N 239 
GLY OXT HXT  sing N N 240 
HIS N   CA   sing N N 241 
HIS N   H    sing N N 242 
HIS N   H2   sing N N 243 
HIS CA  C    sing N N 244 
HIS CA  CB   sing N N 245 
HIS CA  HA   sing N N 246 
HIS C   O    doub N N 247 
HIS C   OXT  sing N N 248 
HIS CB  CG   sing N N 249 
HIS CB  HB2  sing N N 250 
HIS CB  HB3  sing N N 251 
HIS CG  ND1  sing Y N 252 
HIS CG  CD2  doub Y N 253 
HIS ND1 CE1  doub Y N 254 
HIS ND1 HD1  sing N N 255 
HIS CD2 NE2  sing Y N 256 
HIS CD2 HD2  sing N N 257 
HIS CE1 NE2  sing Y N 258 
HIS CE1 HE1  sing N N 259 
HIS NE2 HE2  sing N N 260 
HIS OXT HXT  sing N N 261 
HOH O   H1   sing N N 262 
HOH O   H2   sing N N 263 
ILE N   CA   sing N N 264 
ILE N   H    sing N N 265 
ILE N   H2   sing N N 266 
ILE CA  C    sing N N 267 
ILE CA  CB   sing N N 268 
ILE CA  HA   sing N N 269 
ILE C   O    doub N N 270 
ILE C   OXT  sing N N 271 
ILE CB  CG1  sing N N 272 
ILE CB  CG2  sing N N 273 
ILE CB  HB   sing N N 274 
ILE CG1 CD1  sing N N 275 
ILE CG1 HG12 sing N N 276 
ILE CG1 HG13 sing N N 277 
ILE CG2 HG21 sing N N 278 
ILE CG2 HG22 sing N N 279 
ILE CG2 HG23 sing N N 280 
ILE CD1 HD11 sing N N 281 
ILE CD1 HD12 sing N N 282 
ILE CD1 HD13 sing N N 283 
ILE OXT HXT  sing N N 284 
LEU N   CA   sing N N 285 
LEU N   H    sing N N 286 
LEU N   H2   sing N N 287 
LEU CA  C    sing N N 288 
LEU CA  CB   sing N N 289 
LEU CA  HA   sing N N 290 
LEU C   O    doub N N 291 
LEU C   OXT  sing N N 292 
LEU CB  CG   sing N N 293 
LEU CB  HB2  sing N N 294 
LEU CB  HB3  sing N N 295 
LEU CG  CD1  sing N N 296 
LEU CG  CD2  sing N N 297 
LEU CG  HG   sing N N 298 
LEU CD1 HD11 sing N N 299 
LEU CD1 HD12 sing N N 300 
LEU CD1 HD13 sing N N 301 
LEU CD2 HD21 sing N N 302 
LEU CD2 HD22 sing N N 303 
LEU CD2 HD23 sing N N 304 
LEU OXT HXT  sing N N 305 
LYS N   CA   sing N N 306 
LYS N   H    sing N N 307 
LYS N   H2   sing N N 308 
LYS CA  C    sing N N 309 
LYS CA  CB   sing N N 310 
LYS CA  HA   sing N N 311 
LYS C   O    doub N N 312 
LYS C   OXT  sing N N 313 
LYS CB  CG   sing N N 314 
LYS CB  HB2  sing N N 315 
LYS CB  HB3  sing N N 316 
LYS CG  CD   sing N N 317 
LYS CG  HG2  sing N N 318 
LYS CG  HG3  sing N N 319 
LYS CD  CE   sing N N 320 
LYS CD  HD2  sing N N 321 
LYS CD  HD3  sing N N 322 
LYS CE  NZ   sing N N 323 
LYS CE  HE2  sing N N 324 
LYS CE  HE3  sing N N 325 
LYS NZ  HZ1  sing N N 326 
LYS NZ  HZ2  sing N N 327 
LYS NZ  HZ3  sing N N 328 
LYS OXT HXT  sing N N 329 
MET N   CA   sing N N 330 
MET N   H    sing N N 331 
MET N   H2   sing N N 332 
MET CA  C    sing N N 333 
MET CA  CB   sing N N 334 
MET CA  HA   sing N N 335 
MET C   O    doub N N 336 
MET C   OXT  sing N N 337 
MET CB  CG   sing N N 338 
MET CB  HB2  sing N N 339 
MET CB  HB3  sing N N 340 
MET CG  SD   sing N N 341 
MET CG  HG2  sing N N 342 
MET CG  HG3  sing N N 343 
MET SD  CE   sing N N 344 
MET CE  HE1  sing N N 345 
MET CE  HE2  sing N N 346 
MET CE  HE3  sing N N 347 
MET OXT HXT  sing N N 348 
PHE N   CA   sing N N 349 
PHE N   H    sing N N 350 
PHE N   H2   sing N N 351 
PHE CA  C    sing N N 352 
PHE CA  CB   sing N N 353 
PHE CA  HA   sing N N 354 
PHE C   O    doub N N 355 
PHE C   OXT  sing N N 356 
PHE CB  CG   sing N N 357 
PHE CB  HB2  sing N N 358 
PHE CB  HB3  sing N N 359 
PHE CG  CD1  doub Y N 360 
PHE CG  CD2  sing Y N 361 
PHE CD1 CE1  sing Y N 362 
PHE CD1 HD1  sing N N 363 
PHE CD2 CE2  doub Y N 364 
PHE CD2 HD2  sing N N 365 
PHE CE1 CZ   doub Y N 366 
PHE CE1 HE1  sing N N 367 
PHE CE2 CZ   sing Y N 368 
PHE CE2 HE2  sing N N 369 
PHE CZ  HZ   sing N N 370 
PHE OXT HXT  sing N N 371 
PRO N   CA   sing N N 372 
PRO N   CD   sing N N 373 
PRO N   H    sing N N 374 
PRO CA  C    sing N N 375 
PRO CA  CB   sing N N 376 
PRO CA  HA   sing N N 377 
PRO C   O    doub N N 378 
PRO C   OXT  sing N N 379 
PRO CB  CG   sing N N 380 
PRO CB  HB2  sing N N 381 
PRO CB  HB3  sing N N 382 
PRO CG  CD   sing N N 383 
PRO CG  HG2  sing N N 384 
PRO CG  HG3  sing N N 385 
PRO CD  HD2  sing N N 386 
PRO CD  HD3  sing N N 387 
PRO OXT HXT  sing N N 388 
SER N   CA   sing N N 389 
SER N   H    sing N N 390 
SER N   H2   sing N N 391 
SER CA  C    sing N N 392 
SER CA  CB   sing N N 393 
SER CA  HA   sing N N 394 
SER C   O    doub N N 395 
SER C   OXT  sing N N 396 
SER CB  OG   sing N N 397 
SER CB  HB2  sing N N 398 
SER CB  HB3  sing N N 399 
SER OG  HG   sing N N 400 
SER OXT HXT  sing N N 401 
THR N   CA   sing N N 402 
THR N   H    sing N N 403 
THR N   H2   sing N N 404 
THR CA  C    sing N N 405 
THR CA  CB   sing N N 406 
THR CA  HA   sing N N 407 
THR C   O    doub N N 408 
THR C   OXT  sing N N 409 
THR CB  OG1  sing N N 410 
THR CB  CG2  sing N N 411 
THR CB  HB   sing N N 412 
THR OG1 HG1  sing N N 413 
THR CG2 HG21 sing N N 414 
THR CG2 HG22 sing N N 415 
THR CG2 HG23 sing N N 416 
THR OXT HXT  sing N N 417 
TRP N   CA   sing N N 418 
TRP N   H    sing N N 419 
TRP N   H2   sing N N 420 
TRP CA  C    sing N N 421 
TRP CA  CB   sing N N 422 
TRP CA  HA   sing N N 423 
TRP C   O    doub N N 424 
TRP C   OXT  sing N N 425 
TRP CB  CG   sing N N 426 
TRP CB  HB2  sing N N 427 
TRP CB  HB3  sing N N 428 
TRP CG  CD1  doub Y N 429 
TRP CG  CD2  sing Y N 430 
TRP CD1 NE1  sing Y N 431 
TRP CD1 HD1  sing N N 432 
TRP CD2 CE2  doub Y N 433 
TRP CD2 CE3  sing Y N 434 
TRP NE1 CE2  sing Y N 435 
TRP NE1 HE1  sing N N 436 
TRP CE2 CZ2  sing Y N 437 
TRP CE3 CZ3  doub Y N 438 
TRP CE3 HE3  sing N N 439 
TRP CZ2 CH2  doub Y N 440 
TRP CZ2 HZ2  sing N N 441 
TRP CZ3 CH2  sing Y N 442 
TRP CZ3 HZ3  sing N N 443 
TRP CH2 HH2  sing N N 444 
TRP OXT HXT  sing N N 445 
TYR N   CA   sing N N 446 
TYR N   H    sing N N 447 
TYR N   H2   sing N N 448 
TYR CA  C    sing N N 449 
TYR CA  CB   sing N N 450 
TYR CA  HA   sing N N 451 
TYR C   O    doub N N 452 
TYR C   OXT  sing N N 453 
TYR CB  CG   sing N N 454 
TYR CB  HB2  sing N N 455 
TYR CB  HB3  sing N N 456 
TYR CG  CD1  doub Y N 457 
TYR CG  CD2  sing Y N 458 
TYR CD1 CE1  sing Y N 459 
TYR CD1 HD1  sing N N 460 
TYR CD2 CE2  doub Y N 461 
TYR CD2 HD2  sing N N 462 
TYR CE1 CZ   doub Y N 463 
TYR CE1 HE1  sing N N 464 
TYR CE2 CZ   sing Y N 465 
TYR CE2 HE2  sing N N 466 
TYR CZ  OH   sing N N 467 
TYR OH  HH   sing N N 468 
TYR OXT HXT  sing N N 469 
VAL N   CA   sing N N 470 
VAL N   H    sing N N 471 
VAL N   H2   sing N N 472 
VAL CA  C    sing N N 473 
VAL CA  CB   sing N N 474 
VAL CA  HA   sing N N 475 
VAL C   O    doub N N 476 
VAL C   OXT  sing N N 477 
VAL CB  CG1  sing N N 478 
VAL CB  CG2  sing N N 479 
VAL CB  HB   sing N N 480 
VAL CG1 HG11 sing N N 481 
VAL CG1 HG12 sing N N 482 
VAL CG1 HG13 sing N N 483 
VAL CG2 HG21 sing N N 484 
VAL CG2 HG22 sing N N 485 
VAL CG2 HG23 sing N N 486 
VAL OXT HXT  sing N N 487 
# 
loop_
_pdbx_entity_nonpoly.entity_id 
_pdbx_entity_nonpoly.name 
_pdbx_entity_nonpoly.comp_id 
2 'DODECAETHYLENE GLYCOL'                            12P 
3 '5-METHYL-2-PHENYL-1H-IMIDAZOLE-4-CARBOXYLIC ACID' 4FF 
4 water                                              HOH 
# 
_pdbx_initial_refinement_model.id               1 
_pdbx_initial_refinement_model.entity_id_list   ? 
_pdbx_initial_refinement_model.type             'experimental model' 
_pdbx_initial_refinement_model.source_name      PDB 
_pdbx_initial_refinement_model.accession_code   3KCE 
_pdbx_initial_refinement_model.details          'PDB ENTRY 3KCE' 
# 
